data_7A67
# 
_entry.id   7A67 
# 
_audit_conform.dict_name       mmcif_pdbx.dic 
_audit_conform.dict_version    5.384 
_audit_conform.dict_location   http://mmcif.pdb.org/dictionaries/ascii/mmcif_pdbx.dic 
# 
loop_
_database_2.database_id 
_database_2.database_code 
_database_2.pdbx_database_accession 
_database_2.pdbx_DOI 
PDB   7A67         pdb_00007a67 10.2210/pdb7a67/pdb 
WWPDB D_1292110931 ?            ?                   
# 
loop_
_pdbx_audit_revision_history.ordinal 
_pdbx_audit_revision_history.data_content_type 
_pdbx_audit_revision_history.major_revision 
_pdbx_audit_revision_history.minor_revision 
_pdbx_audit_revision_history.revision_date 
1 'Structure model' 1 0 2022-03-23 
2 'Structure model' 1 1 2024-01-31 
# 
_pdbx_audit_revision_details.ordinal             1 
_pdbx_audit_revision_details.revision_ordinal    1 
_pdbx_audit_revision_details.data_content_type   'Structure model' 
_pdbx_audit_revision_details.provider            repository 
_pdbx_audit_revision_details.type                'Initial release' 
_pdbx_audit_revision_details.description         ? 
_pdbx_audit_revision_details.details             ? 
# 
loop_
_pdbx_audit_revision_group.ordinal 
_pdbx_audit_revision_group.revision_ordinal 
_pdbx_audit_revision_group.data_content_type 
_pdbx_audit_revision_group.group 
1 2 'Structure model' 'Data collection'        
2 2 'Structure model' 'Refinement description' 
# 
loop_
_pdbx_audit_revision_category.ordinal 
_pdbx_audit_revision_category.revision_ordinal 
_pdbx_audit_revision_category.data_content_type 
_pdbx_audit_revision_category.category 
1 2 'Structure model' chem_comp_atom                
2 2 'Structure model' chem_comp_bond                
3 2 'Structure model' pdbx_initial_refinement_model 
# 
_pdbx_database_status.status_code                     REL 
_pdbx_database_status.status_code_sf                  REL 
_pdbx_database_status.status_code_mr                  ? 
_pdbx_database_status.entry_id                        7A67 
_pdbx_database_status.recvd_initial_deposition_date   2020-08-25 
_pdbx_database_status.SG_entry                        N 
_pdbx_database_status.deposit_site                    PDBE 
_pdbx_database_status.process_site                    PDBE 
_pdbx_database_status.status_code_cs                  ? 
_pdbx_database_status.status_code_nmr_data            ? 
_pdbx_database_status.methods_development_category    ? 
_pdbx_database_status.pdb_format_compatible           Y 
# 
loop_
_audit_author.name 
_audit_author.pdbx_ordinal 
_audit_author.identifier_ORCID 
'Missoury, S.'    1 ? 
'Tilbeurgh, V.H.' 2 ? 
# 
_citation.abstract                  ? 
_citation.abstract_id_CAS           ? 
_citation.book_id_ISBN              ? 
_citation.book_publisher            ? 
_citation.book_publisher_city       ? 
_citation.book_title                ? 
_citation.coordinate_linkage        ? 
_citation.country                   ? 
_citation.database_id_Medline       ? 
_citation.details                   ? 
_citation.id                        primary 
_citation.journal_abbrev            'To Be Published' 
_citation.journal_id_ASTM           ? 
_citation.journal_id_CSD            0353 
_citation.journal_id_ISSN           ? 
_citation.journal_full              ? 
_citation.journal_issue             ? 
_citation.journal_volume            ? 
_citation.language                  ? 
_citation.page_first                ? 
_citation.page_last                 ? 
_citation.title                     'Pcc1Pcc2 structure' 
_citation.year                      ? 
_citation.database_id_CSD           ? 
_citation.pdbx_database_id_DOI      ? 
_citation.pdbx_database_id_PubMed   ? 
_citation.unpublished_flag          ? 
# 
loop_
_citation_author.citation_id 
_citation_author.name 
_citation_author.ordinal 
_citation_author.identifier_ORCID 
primary 'Missoury, S.'    1 ? 
primary 'Tilbeurgh, V.H.' 2 ? 
# 
loop_
_entity.id 
_entity.type 
_entity.src_method 
_entity.pdbx_description 
_entity.formula_weight 
_entity.pdbx_number_of_molecules 
_entity.pdbx_ec 
_entity.pdbx_mutation 
_entity.pdbx_fragment 
_entity.details 
1 polymer man 'KEOPS complex subunit Pcc1' 10408.970 1 ? ? ? ? 
2 polymer man Pcc2                         10342.880 1 ? ? ? ? 
3 water   nat water                        18.015    8 ? ? ? ? 
# 
loop_
_entity_poly.entity_id 
_entity_poly.type 
_entity_poly.nstd_linkage 
_entity_poly.nstd_monomer 
_entity_poly.pdbx_seq_one_letter_code 
_entity_poly.pdbx_seq_one_letter_code_can 
_entity_poly.pdbx_strand_id 
_entity_poly.pdbx_target_identifier 
1 'polypeptide(L)' no no 
;MKPKRVQGKIVIEFPSEDIAEVVYTSVLYEHVSVPYRRSRVNFRREGRRIVLEIEANDSSAMRGTVNSYLRWIKVALDVL
NIHHHHHH
;
;MKPKRVQGKIVIEFPSEDIAEVVYTSVLYEHVSVPYRRSRVNFRREGRRIVLEIEANDSSAMRGTVNSYLRWIKVALDVL
NIHHHHHH
;
A ? 
2 'polypeptide(L)' no no 
;MKIRAKVELTWEYEDEETAKAIANAVNVDNISIPEKLKKSLNLITFPDGARVVTKVKYEGEIESLVVALDDLIFAIKVAE
EVLWSHPQFEK
;
;MKIRAKVELTWEYEDEETAKAIANAVNVDNISIPEKLKKSLNLITFPDGARVVTKVKYEGEIESLVVALDDLIFAIKVAE
EVLWSHPQFEK
;
B ? 
# 
_pdbx_entity_nonpoly.entity_id   3 
_pdbx_entity_nonpoly.name        water 
_pdbx_entity_nonpoly.comp_id     HOH 
# 
loop_
_entity_poly_seq.entity_id 
_entity_poly_seq.num 
_entity_poly_seq.mon_id 
_entity_poly_seq.hetero 
1 1  MET n 
1 2  LYS n 
1 3  PRO n 
1 4  LYS n 
1 5  ARG n 
1 6  VAL n 
1 7  GLN n 
1 8  GLY n 
1 9  LYS n 
1 10 ILE n 
1 11 VAL n 
1 12 ILE n 
1 13 GLU n 
1 14 PHE n 
1 15 PRO n 
1 16 SER n 
1 17 GLU n 
1 18 ASP n 
1 19 ILE n 
1 20 ALA n 
1 21 GLU n 
1 22 VAL n 
1 23 VAL n 
1 24 TYR n 
1 25 THR n 
1 26 SER n 
1 27 VAL n 
1 28 LEU n 
1 29 TYR n 
1 30 GLU n 
1 31 HIS n 
1 32 VAL n 
1 33 SER n 
1 34 VAL n 
1 35 PRO n 
1 36 TYR n 
1 37 ARG n 
1 38 ARG n 
1 39 SER n 
1 40 ARG n 
1 41 VAL n 
1 42 ASN n 
1 43 PHE n 
1 44 ARG n 
1 45 ARG n 
1 46 GLU n 
1 47 GLY n 
1 48 ARG n 
1 49 ARG n 
1 50 ILE n 
1 51 VAL n 
1 52 LEU n 
1 53 GLU n 
1 54 ILE n 
1 55 GLU n 
1 56 ALA n 
1 57 ASN n 
1 58 ASP n 
1 59 SER n 
1 60 SER n 
1 61 ALA n 
1 62 MET n 
1 63 ARG n 
1 64 GLY n 
1 65 THR n 
1 66 VAL n 
1 67 ASN n 
1 68 SER n 
1 69 TYR n 
1 70 LEU n 
1 71 ARG n 
1 72 TRP n 
1 73 ILE n 
1 74 LYS n 
1 75 VAL n 
1 76 ALA n 
1 77 LEU n 
1 78 ASP n 
1 79 VAL n 
1 80 LEU n 
1 81 ASN n 
1 82 ILE n 
1 83 HIS n 
1 84 HIS n 
1 85 HIS n 
1 86 HIS n 
1 87 HIS n 
1 88 HIS n 
2 1  MET n 
2 2  LYS n 
2 3  ILE n 
2 4  ARG n 
2 5  ALA n 
2 6  LYS n 
2 7  VAL n 
2 8  GLU n 
2 9  LEU n 
2 10 THR n 
2 11 TRP n 
2 12 GLU n 
2 13 TYR n 
2 14 GLU n 
2 15 ASP n 
2 16 GLU n 
2 17 GLU n 
2 18 THR n 
2 19 ALA n 
2 20 LYS n 
2 21 ALA n 
2 22 ILE n 
2 23 ALA n 
2 24 ASN n 
2 25 ALA n 
2 26 VAL n 
2 27 ASN n 
2 28 VAL n 
2 29 ASP n 
2 30 ASN n 
2 31 ILE n 
2 32 SER n 
2 33 ILE n 
2 34 PRO n 
2 35 GLU n 
2 36 LYS n 
2 37 LEU n 
2 38 LYS n 
2 39 LYS n 
2 40 SER n 
2 41 LEU n 
2 42 ASN n 
2 43 LEU n 
2 44 ILE n 
2 45 THR n 
2 46 PHE n 
2 47 PRO n 
2 48 ASP n 
2 49 GLY n 
2 50 ALA n 
2 51 ARG n 
2 52 VAL n 
2 53 VAL n 
2 54 THR n 
2 55 LYS n 
2 56 VAL n 
2 57 LYS n 
2 58 TYR n 
2 59 GLU n 
2 60 GLY n 
2 61 GLU n 
2 62 ILE n 
2 63 GLU n 
2 64 SER n 
2 65 LEU n 
2 66 VAL n 
2 67 VAL n 
2 68 ALA n 
2 69 LEU n 
2 70 ASP n 
2 71 ASP n 
2 72 LEU n 
2 73 ILE n 
2 74 PHE n 
2 75 ALA n 
2 76 ILE n 
2 77 LYS n 
2 78 VAL n 
2 79 ALA n 
2 80 GLU n 
2 81 GLU n 
2 82 VAL n 
2 83 LEU n 
2 84 TRP n 
2 85 SER n 
2 86 HIS n 
2 87 PRO n 
2 88 GLN n 
2 89 PHE n 
2 90 GLU n 
2 91 LYS n 
# 
loop_
_entity_src_gen.entity_id 
_entity_src_gen.pdbx_src_id 
_entity_src_gen.pdbx_alt_source_flag 
_entity_src_gen.pdbx_seq_type 
_entity_src_gen.pdbx_beg_seq_num 
_entity_src_gen.pdbx_end_seq_num 
_entity_src_gen.gene_src_common_name 
_entity_src_gen.gene_src_genus 
_entity_src_gen.pdbx_gene_src_gene 
_entity_src_gen.gene_src_species 
_entity_src_gen.gene_src_strain 
_entity_src_gen.gene_src_tissue 
_entity_src_gen.gene_src_tissue_fraction 
_entity_src_gen.gene_src_details 
_entity_src_gen.pdbx_gene_src_fragment 
_entity_src_gen.pdbx_gene_src_scientific_name 
_entity_src_gen.pdbx_gene_src_ncbi_taxonomy_id 
_entity_src_gen.pdbx_gene_src_variant 
_entity_src_gen.pdbx_gene_src_cell_line 
_entity_src_gen.pdbx_gene_src_atcc 
_entity_src_gen.pdbx_gene_src_organ 
_entity_src_gen.pdbx_gene_src_organelle 
_entity_src_gen.pdbx_gene_src_cell 
_entity_src_gen.pdbx_gene_src_cellular_location 
_entity_src_gen.host_org_common_name 
_entity_src_gen.pdbx_host_org_scientific_name 
_entity_src_gen.pdbx_host_org_ncbi_taxonomy_id 
_entity_src_gen.host_org_genus 
_entity_src_gen.pdbx_host_org_gene 
_entity_src_gen.pdbx_host_org_organ 
_entity_src_gen.host_org_species 
_entity_src_gen.pdbx_host_org_tissue 
_entity_src_gen.pdbx_host_org_tissue_fraction 
_entity_src_gen.pdbx_host_org_strain 
_entity_src_gen.pdbx_host_org_variant 
_entity_src_gen.pdbx_host_org_cell_line 
_entity_src_gen.pdbx_host_org_atcc 
_entity_src_gen.pdbx_host_org_culture_collection 
_entity_src_gen.pdbx_host_org_cell 
_entity_src_gen.pdbx_host_org_organelle 
_entity_src_gen.pdbx_host_org_cellular_location 
_entity_src_gen.pdbx_host_org_vector_type 
_entity_src_gen.pdbx_host_org_vector 
_entity_src_gen.host_org_details 
_entity_src_gen.expression_system_id 
_entity_src_gen.plasmid_name 
_entity_src_gen.plasmid_details 
_entity_src_gen.pdbx_description 
1 1 sample 'Biological sequence' 1 88 ? ? 'pcc1, PYRAB02750, PAB3073' ? 'GE5 / Orsay' ? ? ? ? 
'Pyrococcus abyssi (strain GE5 / Orsay)' 272844 ? ? ? ? ? ? ? ? 
;Escherichia coli 'BL21-Gold(DE3)pLysS AG'
;
866768 ? ? ? ? ? ? ? ? ? ? ? ? ? ? ? ? ? ? ? ? ? 
2 1 sample 'Biological sequence' 1 91 ? ? ?                           ? ?             ? ? ? ? 'Pyrococcus abyssi GE5' 272844 ? ? ? 
? ? ? ? ? 
;Escherichia coli 'BL21-Gold(DE3)pLysS AG'
;
866768 ? ? ? ? ? ? ? ? ? ? ? ? ? ? ? ? ? ? ? ? ? 
# 
loop_
_chem_comp.id 
_chem_comp.type 
_chem_comp.mon_nstd_flag 
_chem_comp.name 
_chem_comp.pdbx_synonyms 
_chem_comp.formula 
_chem_comp.formula_weight 
ALA 'L-peptide linking' y ALANINE         ? 'C3 H7 N O2'     89.093  
ARG 'L-peptide linking' y ARGININE        ? 'C6 H15 N4 O2 1' 175.209 
ASN 'L-peptide linking' y ASPARAGINE      ? 'C4 H8 N2 O3'    132.118 
ASP 'L-peptide linking' y 'ASPARTIC ACID' ? 'C4 H7 N O4'     133.103 
GLN 'L-peptide linking' y GLUTAMINE       ? 'C5 H10 N2 O3'   146.144 
GLU 'L-peptide linking' y 'GLUTAMIC ACID' ? 'C5 H9 N O4'     147.129 
GLY 'peptide linking'   y GLYCINE         ? 'C2 H5 N O2'     75.067  
HIS 'L-peptide linking' y HISTIDINE       ? 'C6 H10 N3 O2 1' 156.162 
HOH non-polymer         . WATER           ? 'H2 O'           18.015  
ILE 'L-peptide linking' y ISOLEUCINE      ? 'C6 H13 N O2'    131.173 
LEU 'L-peptide linking' y LEUCINE         ? 'C6 H13 N O2'    131.173 
LYS 'L-peptide linking' y LYSINE          ? 'C6 H15 N2 O2 1' 147.195 
MET 'L-peptide linking' y METHIONINE      ? 'C5 H11 N O2 S'  149.211 
PHE 'L-peptide linking' y PHENYLALANINE   ? 'C9 H11 N O2'    165.189 
PRO 'L-peptide linking' y PROLINE         ? 'C5 H9 N O2'     115.130 
SER 'L-peptide linking' y SERINE          ? 'C3 H7 N O3'     105.093 
THR 'L-peptide linking' y THREONINE       ? 'C4 H9 N O3'     119.119 
TRP 'L-peptide linking' y TRYPTOPHAN      ? 'C11 H12 N2 O2'  204.225 
TYR 'L-peptide linking' y TYROSINE        ? 'C9 H11 N O3'    181.189 
VAL 'L-peptide linking' y VALINE          ? 'C5 H11 N O2'    117.146 
# 
loop_
_pdbx_poly_seq_scheme.asym_id 
_pdbx_poly_seq_scheme.entity_id 
_pdbx_poly_seq_scheme.seq_id 
_pdbx_poly_seq_scheme.mon_id 
_pdbx_poly_seq_scheme.ndb_seq_num 
_pdbx_poly_seq_scheme.pdb_seq_num 
_pdbx_poly_seq_scheme.auth_seq_num 
_pdbx_poly_seq_scheme.pdb_mon_id 
_pdbx_poly_seq_scheme.auth_mon_id 
_pdbx_poly_seq_scheme.pdb_strand_id 
_pdbx_poly_seq_scheme.pdb_ins_code 
_pdbx_poly_seq_scheme.hetero 
A 1 1  MET 1  1  ?  ?   ?   A . n 
A 1 2  LYS 2  2  ?  ?   ?   A . n 
A 1 3  PRO 3  3  3  PRO PRO A . n 
A 1 4  LYS 4  4  4  LYS LYS A . n 
A 1 5  ARG 5  5  5  ARG ARG A . n 
A 1 6  VAL 6  6  6  VAL VAL A . n 
A 1 7  GLN 7  7  7  GLN GLN A . n 
A 1 8  GLY 8  8  8  GLY GLY A . n 
A 1 9  LYS 9  9  9  LYS LYS A . n 
A 1 10 ILE 10 10 10 ILE ILE A . n 
A 1 11 VAL 11 11 11 VAL VAL A . n 
A 1 12 ILE 12 12 12 ILE ILE A . n 
A 1 13 GLU 13 13 13 GLU GLU A . n 
A 1 14 PHE 14 14 14 PHE PHE A . n 
A 1 15 PRO 15 15 15 PRO PRO A . n 
A 1 16 SER 16 16 16 SER SER A . n 
A 1 17 GLU 17 17 17 GLU GLU A . n 
A 1 18 ASP 18 18 18 ASP ASP A . n 
A 1 19 ILE 19 19 19 ILE ILE A . n 
A 1 20 ALA 20 20 20 ALA ALA A . n 
A 1 21 GLU 21 21 21 GLU GLU A . n 
A 1 22 VAL 22 22 22 VAL VAL A . n 
A 1 23 VAL 23 23 23 VAL VAL A . n 
A 1 24 TYR 24 24 24 TYR TYR A . n 
A 1 25 THR 25 25 25 THR THR A . n 
A 1 26 SER 26 26 26 SER SER A . n 
A 1 27 VAL 27 27 27 VAL VAL A . n 
A 1 28 LEU 28 28 28 LEU LEU A . n 
A 1 29 TYR 29 29 29 TYR TYR A . n 
A 1 30 GLU 30 30 30 GLU GLU A . n 
A 1 31 HIS 31 31 31 HIS HIS A . n 
A 1 32 VAL 32 32 32 VAL VAL A . n 
A 1 33 SER 33 33 33 SER SER A . n 
A 1 34 VAL 34 34 34 VAL VAL A . n 
A 1 35 PRO 35 35 35 PRO PRO A . n 
A 1 36 TYR 36 36 36 TYR TYR A . n 
A 1 37 ARG 37 37 37 ARG ARG A . n 
A 1 38 ARG 38 38 38 ARG ARG A . n 
A 1 39 SER 39 39 39 SER SER A . n 
A 1 40 ARG 40 40 40 ARG ARG A . n 
A 1 41 VAL 41 41 41 VAL VAL A . n 
A 1 42 ASN 42 42 42 ASN ASN A . n 
A 1 43 PHE 43 43 43 PHE PHE A . n 
A 1 44 ARG 44 44 44 ARG ARG A . n 
A 1 45 ARG 45 45 45 ARG ARG A . n 
A 1 46 GLU 46 46 46 GLU GLU A . n 
A 1 47 GLY 47 47 47 GLY GLY A . n 
A 1 48 ARG 48 48 48 ARG ARG A . n 
A 1 49 ARG 49 49 49 ARG ARG A . n 
A 1 50 ILE 50 50 50 ILE ILE A . n 
A 1 51 VAL 51 51 51 VAL VAL A . n 
A 1 52 LEU 52 52 52 LEU LEU A . n 
A 1 53 GLU 53 53 53 GLU GLU A . n 
A 1 54 ILE 54 54 54 ILE ILE A . n 
A 1 55 GLU 55 55 55 GLU GLU A . n 
A 1 56 ALA 56 56 56 ALA ALA A . n 
A 1 57 ASN 57 57 57 ASN ASN A . n 
A 1 58 ASP 58 58 58 ASP ASP A . n 
A 1 59 SER 59 59 59 SER SER A . n 
A 1 60 SER 60 60 60 SER SER A . n 
A 1 61 ALA 61 61 61 ALA ALA A . n 
A 1 62 MET 62 62 62 MET MET A . n 
A 1 63 ARG 63 63 63 ARG ARG A . n 
A 1 64 GLY 64 64 64 GLY GLY A . n 
A 1 65 THR 65 65 65 THR THR A . n 
A 1 66 VAL 66 66 66 VAL VAL A . n 
A 1 67 ASN 67 67 67 ASN ASN A . n 
A 1 68 SER 68 68 68 SER SER A . n 
A 1 69 TYR 69 69 69 TYR TYR A . n 
A 1 70 LEU 70 70 70 LEU LEU A . n 
A 1 71 ARG 71 71 71 ARG ARG A . n 
A 1 72 TRP 72 72 72 TRP TRP A . n 
A 1 73 ILE 73 73 73 ILE ILE A . n 
A 1 74 LYS 74 74 74 LYS LYS A . n 
A 1 75 VAL 75 75 75 VAL VAL A . n 
A 1 76 ALA 76 76 76 ALA ALA A . n 
A 1 77 LEU 77 77 77 LEU LEU A . n 
A 1 78 ASP 78 78 78 ASP ASP A . n 
A 1 79 VAL 79 79 79 VAL VAL A . n 
A 1 80 LEU 80 80 80 LEU LEU A . n 
A 1 81 ASN 81 81 81 ASN ASN A . n 
A 1 82 ILE 82 82 82 ILE ILE A . n 
A 1 83 HIS 83 83 ?  ?   ?   A . n 
A 1 84 HIS 84 84 ?  ?   ?   A . n 
A 1 85 HIS 85 85 ?  ?   ?   A . n 
A 1 86 HIS 86 86 ?  ?   ?   A . n 
A 1 87 HIS 87 87 ?  ?   ?   A . n 
A 1 88 HIS 88 88 ?  ?   ?   A . n 
B 2 1  MET 1  1  ?  ?   ?   B . n 
B 2 2  LYS 2  2  2  LYS LYS B . n 
B 2 3  ILE 3  3  3  ILE ILE B . n 
B 2 4  ARG 4  4  4  ARG ARG B . n 
B 2 5  ALA 5  5  5  ALA ALA B . n 
B 2 6  LYS 6  6  6  LYS LYS B . n 
B 2 7  VAL 7  7  7  VAL VAL B . n 
B 2 8  GLU 8  8  8  GLU GLU B . n 
B 2 9  LEU 9  9  9  LEU LEU B . n 
B 2 10 THR 10 10 10 THR THR B . n 
B 2 11 TRP 11 11 11 TRP TRP B . n 
B 2 12 GLU 12 12 12 GLU GLU B . n 
B 2 13 TYR 13 13 13 TYR TYR B . n 
B 2 14 GLU 14 14 14 GLU GLU B . n 
B 2 15 ASP 15 15 15 ASP ASP B . n 
B 2 16 GLU 16 16 16 GLU GLU B . n 
B 2 17 GLU 17 17 17 GLU GLU B . n 
B 2 18 THR 18 18 18 THR THR B . n 
B 2 19 ALA 19 19 19 ALA ALA B . n 
B 2 20 LYS 20 20 20 LYS LYS B . n 
B 2 21 ALA 21 21 21 ALA ALA B . n 
B 2 22 ILE 22 22 22 ILE ILE B . n 
B 2 23 ALA 23 23 23 ALA ALA B . n 
B 2 24 ASN 24 24 24 ASN ASN B . n 
B 2 25 ALA 25 25 25 ALA ALA B . n 
B 2 26 VAL 26 26 26 VAL VAL B . n 
B 2 27 ASN 27 27 27 ASN ASN B . n 
B 2 28 VAL 28 28 28 VAL VAL B . n 
B 2 29 ASP 29 29 29 ASP ASP B . n 
B 2 30 ASN 30 30 30 ASN ASN B . n 
B 2 31 ILE 31 31 31 ILE ILE B . n 
B 2 32 SER 32 32 32 SER SER B . n 
B 2 33 ILE 33 33 33 ILE ILE B . n 
B 2 34 PRO 34 34 34 PRO PRO B . n 
B 2 35 GLU 35 35 35 GLU GLU B . n 
B 2 36 LYS 36 36 36 LYS LYS B . n 
B 2 37 LEU 37 37 37 LEU LEU B . n 
B 2 38 LYS 38 38 38 LYS LYS B . n 
B 2 39 LYS 39 39 39 LYS LYS B . n 
B 2 40 SER 40 40 40 SER SER B . n 
B 2 41 LEU 41 41 41 LEU LEU B . n 
B 2 42 ASN 42 42 42 ASN ASN B . n 
B 2 43 LEU 43 43 43 LEU LEU B . n 
B 2 44 ILE 44 44 44 ILE ILE B . n 
B 2 45 THR 45 45 45 THR THR B . n 
B 2 46 PHE 46 46 46 PHE PHE B . n 
B 2 47 PRO 47 47 47 PRO PRO B . n 
B 2 48 ASP 48 48 48 ASP ASP B . n 
B 2 49 GLY 49 49 49 GLY GLY B . n 
B 2 50 ALA 50 50 50 ALA ALA B . n 
B 2 51 ARG 51 51 51 ARG ARG B . n 
B 2 52 VAL 52 52 52 VAL VAL B . n 
B 2 53 VAL 53 53 53 VAL VAL B . n 
B 2 54 THR 54 54 54 THR THR B . n 
B 2 55 LYS 55 55 55 LYS LYS B . n 
B 2 56 VAL 56 56 56 VAL VAL B . n 
B 2 57 LYS 57 57 57 LYS LYS B . n 
B 2 58 TYR 58 58 58 TYR TYR B . n 
B 2 59 GLU 59 59 59 GLU GLU B . n 
B 2 60 GLY 60 60 60 GLY GLY B . n 
B 2 61 GLU 61 61 61 GLU GLU B . n 
B 2 62 ILE 62 62 62 ILE ILE B . n 
B 2 63 GLU 63 63 63 GLU GLU B . n 
B 2 64 SER 64 64 64 SER SER B . n 
B 2 65 LEU 65 65 65 LEU LEU B . n 
B 2 66 VAL 66 66 66 VAL VAL B . n 
B 2 67 VAL 67 67 67 VAL VAL B . n 
B 2 68 ALA 68 68 68 ALA ALA B . n 
B 2 69 LEU 69 69 69 LEU LEU B . n 
B 2 70 ASP 70 70 70 ASP ASP B . n 
B 2 71 ASP 71 71 71 ASP ASP B . n 
B 2 72 LEU 72 72 72 LEU LEU B . n 
B 2 73 ILE 73 73 73 ILE ILE B . n 
B 2 74 PHE 74 74 74 PHE PHE B . n 
B 2 75 ALA 75 75 75 ALA ALA B . n 
B 2 76 ILE 76 76 76 ILE ILE B . n 
B 2 77 LYS 77 77 77 LYS LYS B . n 
B 2 78 VAL 78 78 78 VAL VAL B . n 
B 2 79 ALA 79 79 79 ALA ALA B . n 
B 2 80 GLU 80 80 80 GLU GLU B . n 
B 2 81 GLU 81 81 81 GLU GLU B . n 
B 2 82 VAL 82 82 82 VAL VAL B . n 
B 2 83 LEU 83 83 83 LEU LEU B . n 
B 2 84 TRP 84 84 84 TRP TRP B . n 
B 2 85 SER 85 85 85 SER SER B . n 
B 2 86 HIS 86 86 ?  ?   ?   B . n 
B 2 87 PRO 87 87 ?  ?   ?   B . n 
B 2 88 GLN 88 88 ?  ?   ?   B . n 
B 2 89 PHE 89 89 ?  ?   ?   B . n 
B 2 90 GLU 90 90 ?  ?   ?   B . n 
B 2 91 LYS 91 91 ?  ?   ?   B . n 
# 
loop_
_pdbx_nonpoly_scheme.asym_id 
_pdbx_nonpoly_scheme.entity_id 
_pdbx_nonpoly_scheme.mon_id 
_pdbx_nonpoly_scheme.ndb_seq_num 
_pdbx_nonpoly_scheme.pdb_seq_num 
_pdbx_nonpoly_scheme.auth_seq_num 
_pdbx_nonpoly_scheme.pdb_mon_id 
_pdbx_nonpoly_scheme.auth_mon_id 
_pdbx_nonpoly_scheme.pdb_strand_id 
_pdbx_nonpoly_scheme.pdb_ins_code 
C 3 HOH 1 101 101 HOH HOH A . 
C 3 HOH 2 102 98  HOH HOH A . 
D 3 HOH 1 101 3   HOH HOH B . 
D 3 HOH 2 102 97  HOH HOH B . 
D 3 HOH 3 103 2   HOH HOH B . 
D 3 HOH 4 104 1   HOH HOH B . 
D 3 HOH 5 105 4   HOH HOH B . 
D 3 HOH 6 106 100 HOH HOH B . 
# 
loop_
_pdbx_unobs_or_zero_occ_atoms.id 
_pdbx_unobs_or_zero_occ_atoms.PDB_model_num 
_pdbx_unobs_or_zero_occ_atoms.polymer_flag 
_pdbx_unobs_or_zero_occ_atoms.occupancy_flag 
_pdbx_unobs_or_zero_occ_atoms.auth_asym_id 
_pdbx_unobs_or_zero_occ_atoms.auth_comp_id 
_pdbx_unobs_or_zero_occ_atoms.auth_seq_id 
_pdbx_unobs_or_zero_occ_atoms.PDB_ins_code 
_pdbx_unobs_or_zero_occ_atoms.auth_atom_id 
_pdbx_unobs_or_zero_occ_atoms.label_alt_id 
_pdbx_unobs_or_zero_occ_atoms.label_asym_id 
_pdbx_unobs_or_zero_occ_atoms.label_comp_id 
_pdbx_unobs_or_zero_occ_atoms.label_seq_id 
_pdbx_unobs_or_zero_occ_atoms.label_atom_id 
1 1 Y 1 B SER 32 ? O  ? B SER 32 O  
2 1 Y 1 B LYS 39 ? CG ? B LYS 39 CG 
3 1 Y 1 B LYS 39 ? CD ? B LYS 39 CD 
4 1 Y 1 B LYS 39 ? CE ? B LYS 39 CE 
5 1 Y 1 B LYS 39 ? NZ ? B LYS 39 NZ 
# 
loop_
_software.citation_id 
_software.classification 
_software.compiler_name 
_software.compiler_version 
_software.contact_author 
_software.contact_author_email 
_software.date 
_software.description 
_software.dependencies 
_software.hardware 
_software.language 
_software.location 
_software.mods 
_software.name 
_software.os 
_software.os_version 
_software.type 
_software.version 
_software.pdbx_ordinal 
? 'data scaling'    ? ? ? ? ? ? ? ? ? ? ? XSCALE      ? ? ? .      1 
? refinement        ? ? ? ? ? ? ? ? ? ? ? BUSTER      ? ? ? 2.10.3 2 
? 'data extraction' ? ? ? ? ? ? ? ? ? ? ? PDB_EXTRACT ? ? ? 3.25   3 
? 'data reduction'  ? ? ? ? ? ? ? ? ? ? ? XDS         ? ? ? .      4 
? phasing           ? ? ? ? ? ? ? ? ? ? ? PHASER      ? ? ? .      5 
# 
_cell.angle_alpha                  90.000 
_cell.angle_alpha_esd              ? 
_cell.angle_beta                   90.000 
_cell.angle_beta_esd               ? 
_cell.angle_gamma                  120.000 
_cell.angle_gamma_esd              ? 
_cell.entry_id                     7A67 
_cell.details                      ? 
_cell.formula_units_Z              ? 
_cell.length_a                     69.898 
_cell.length_a_esd                 ? 
_cell.length_b                     69.898 
_cell.length_b_esd                 ? 
_cell.length_c                     92.751 
_cell.length_c_esd                 ? 
_cell.volume                       ? 
_cell.volume_esd                   ? 
_cell.Z_PDB                        6 
_cell.reciprocal_angle_alpha       ? 
_cell.reciprocal_angle_beta        ? 
_cell.reciprocal_angle_gamma       ? 
_cell.reciprocal_angle_alpha_esd   ? 
_cell.reciprocal_angle_beta_esd    ? 
_cell.reciprocal_angle_gamma_esd   ? 
_cell.reciprocal_length_a          ? 
_cell.reciprocal_length_b          ? 
_cell.reciprocal_length_c          ? 
_cell.reciprocal_length_a_esd      ? 
_cell.reciprocal_length_b_esd      ? 
_cell.reciprocal_length_c_esd      ? 
_cell.pdbx_unique_axis             ? 
# 
_symmetry.entry_id                         7A67 
_symmetry.cell_setting                     ? 
_symmetry.Int_Tables_number                154 
_symmetry.space_group_name_Hall            ? 
_symmetry.space_group_name_H-M             'P 32 2 1' 
_symmetry.pdbx_full_space_group_name_H-M   ? 
# 
_exptl.absorpt_coefficient_mu     ? 
_exptl.absorpt_correction_T_max   ? 
_exptl.absorpt_correction_T_min   ? 
_exptl.absorpt_correction_type    ? 
_exptl.absorpt_process_details    ? 
_exptl.entry_id                   7A67 
_exptl.crystals_number            1 
_exptl.details                    ? 
_exptl.method                     'X-RAY DIFFRACTION' 
_exptl.method_details             ? 
# 
_exptl_crystal.colour                      ? 
_exptl_crystal.density_diffrn              ? 
_exptl_crystal.density_Matthews            3.15 
_exptl_crystal.density_method              ? 
_exptl_crystal.density_percent_sol         60.98 
_exptl_crystal.description                 ? 
_exptl_crystal.F_000                       ? 
_exptl_crystal.id                          1 
_exptl_crystal.preparation                 ? 
_exptl_crystal.size_max                    ? 
_exptl_crystal.size_mid                    ? 
_exptl_crystal.size_min                    ? 
_exptl_crystal.size_rad                    ? 
_exptl_crystal.colour_lustre               ? 
_exptl_crystal.colour_modifier             ? 
_exptl_crystal.colour_primary              ? 
_exptl_crystal.density_meas                ? 
_exptl_crystal.density_meas_esd            ? 
_exptl_crystal.density_meas_gt             ? 
_exptl_crystal.density_meas_lt             ? 
_exptl_crystal.density_meas_temp           ? 
_exptl_crystal.density_meas_temp_esd       ? 
_exptl_crystal.density_meas_temp_gt        ? 
_exptl_crystal.density_meas_temp_lt        ? 
_exptl_crystal.pdbx_crystal_image_url      ? 
_exptl_crystal.pdbx_crystal_image_format   ? 
_exptl_crystal.pdbx_mosaicity              ? 
_exptl_crystal.pdbx_mosaicity_esd          ? 
# 
_exptl_crystal_grow.apparatus       ? 
_exptl_crystal_grow.atmosphere      ? 
_exptl_crystal_grow.crystal_id      1 
_exptl_crystal_grow.details         ? 
_exptl_crystal_grow.method          'VAPOR DIFFUSION, SITTING DROP' 
_exptl_crystal_grow.method_ref      ? 
_exptl_crystal_grow.pH              ? 
_exptl_crystal_grow.pressure        ? 
_exptl_crystal_grow.pressure_esd    ? 
_exptl_crystal_grow.seeding         ? 
_exptl_crystal_grow.seeding_ref     ? 
_exptl_crystal_grow.temp            298 
_exptl_crystal_grow.temp_details    ? 
_exptl_crystal_grow.temp_esd        ? 
_exptl_crystal_grow.time            ? 
_exptl_crystal_grow.pdbx_details    '15% PEG 6000 and 5% glycerol' 
_exptl_crystal_grow.pdbx_pH_range   ? 
# 
_diffrn.ambient_environment              ? 
_diffrn.ambient_temp                     100 
_diffrn.ambient_temp_details             ? 
_diffrn.ambient_temp_esd                 ? 
_diffrn.crystal_id                       1 
_diffrn.crystal_support                  ? 
_diffrn.crystal_treatment                ? 
_diffrn.details                          ? 
_diffrn.id                               1 
_diffrn.ambient_pressure                 ? 
_diffrn.ambient_pressure_esd             ? 
_diffrn.ambient_pressure_gt              ? 
_diffrn.ambient_pressure_lt              ? 
_diffrn.ambient_temp_gt                  ? 
_diffrn.ambient_temp_lt                  ? 
_diffrn.pdbx_serial_crystal_experiment   N 
# 
_diffrn_detector.details                      ? 
_diffrn_detector.detector                     PIXEL 
_diffrn_detector.diffrn_id                    1 
_diffrn_detector.type                         'DECTRIS EIGER2 X 9M' 
_diffrn_detector.area_resol_mean              ? 
_diffrn_detector.dtime                        ? 
_diffrn_detector.pdbx_frames_total            ? 
_diffrn_detector.pdbx_collection_time_total   ? 
_diffrn_detector.pdbx_collection_date         2018-09-14 
_diffrn_detector.pdbx_frequency               ? 
# 
_diffrn_radiation.collimation                      ? 
_diffrn_radiation.diffrn_id                        1 
_diffrn_radiation.filter_edge                      ? 
_diffrn_radiation.inhomogeneity                    ? 
_diffrn_radiation.monochromator                    ? 
_diffrn_radiation.polarisn_norm                    ? 
_diffrn_radiation.polarisn_ratio                   ? 
_diffrn_radiation.probe                            ? 
_diffrn_radiation.type                             ? 
_diffrn_radiation.xray_symbol                      ? 
_diffrn_radiation.wavelength_id                    1 
_diffrn_radiation.pdbx_monochromatic_or_laue_m_l   M 
_diffrn_radiation.pdbx_wavelength_list             ? 
_diffrn_radiation.pdbx_wavelength                  ? 
_diffrn_radiation.pdbx_diffrn_protocol             'SINGLE WAVELENGTH' 
_diffrn_radiation.pdbx_analyzer                    ? 
_diffrn_radiation.pdbx_scattering_type             x-ray 
# 
_diffrn_radiation_wavelength.id           1 
_diffrn_radiation_wavelength.wavelength   0.980066 
_diffrn_radiation_wavelength.wt           1.0 
# 
_diffrn_source.current                     ? 
_diffrn_source.details                     ? 
_diffrn_source.diffrn_id                   1 
_diffrn_source.power                       ? 
_diffrn_source.size                        ? 
_diffrn_source.source                      SYNCHROTRON 
_diffrn_source.target                      ? 
_diffrn_source.type                        'SOLEIL BEAMLINE PROXIMA 2' 
_diffrn_source.voltage                     ? 
_diffrn_source.take-off_angle              ? 
_diffrn_source.pdbx_wavelength_list        0.980066 
_diffrn_source.pdbx_wavelength             ? 
_diffrn_source.pdbx_synchrotron_beamline   'PROXIMA 2' 
_diffrn_source.pdbx_synchrotron_site       SOLEIL 
# 
_reflns.B_iso_Wilson_estimate            90.580 
_reflns.entry_id                         7A67 
_reflns.data_reduction_details           ? 
_reflns.data_reduction_method            ? 
_reflns.d_resolution_high                3.170 
_reflns.d_resolution_low                 34.950 
_reflns.details                          ? 
_reflns.limit_h_max                      ? 
_reflns.limit_h_min                      ? 
_reflns.limit_k_max                      ? 
_reflns.limit_k_min                      ? 
_reflns.limit_l_max                      ? 
_reflns.limit_l_min                      ? 
_reflns.number_all                       ? 
_reflns.number_obs                       4659 
_reflns.observed_criterion               ? 
_reflns.observed_criterion_F_max         ? 
_reflns.observed_criterion_F_min         ? 
_reflns.observed_criterion_I_max         ? 
_reflns.observed_criterion_I_min         ? 
_reflns.observed_criterion_sigma_F       ? 
_reflns.observed_criterion_sigma_I       ? 
_reflns.percent_possible_obs             98.400 
_reflns.R_free_details                   ? 
_reflns.Rmerge_F_all                     ? 
_reflns.Rmerge_F_obs                     ? 
_reflns.Friedel_coverage                 ? 
_reflns.number_gt                        ? 
_reflns.threshold_expression             ? 
_reflns.pdbx_redundancy                  18.751 
_reflns.pdbx_Rmerge_I_obs                0.212 
_reflns.pdbx_Rmerge_I_all                ? 
_reflns.pdbx_Rsym_value                  ? 
_reflns.pdbx_netI_over_av_sigmaI         ? 
_reflns.pdbx_netI_over_sigmaI            10.930 
_reflns.pdbx_res_netI_over_av_sigmaI_2   ? 
_reflns.pdbx_res_netI_over_sigmaI_2      ? 
_reflns.pdbx_chi_squared                 1.105 
_reflns.pdbx_scaling_rejects             ? 
_reflns.pdbx_d_res_high_opt              ? 
_reflns.pdbx_d_res_low_opt               ? 
_reflns.pdbx_d_res_opt_method            ? 
_reflns.phase_calculation_details        ? 
_reflns.pdbx_Rrim_I_all                  0.218 
_reflns.pdbx_Rpim_I_all                  ? 
_reflns.pdbx_d_opt                       ? 
_reflns.pdbx_number_measured_all         87363 
_reflns.pdbx_diffrn_id                   1 
_reflns.pdbx_ordinal                     1 
_reflns.pdbx_CC_half                     0.997 
_reflns.pdbx_CC_star                     ? 
_reflns.pdbx_R_split                     ? 
# 
loop_
_reflns_shell.d_res_high 
_reflns_shell.d_res_low 
_reflns_shell.meanI_over_sigI_all 
_reflns_shell.meanI_over_sigI_obs 
_reflns_shell.number_measured_all 
_reflns_shell.number_measured_obs 
_reflns_shell.number_possible 
_reflns_shell.number_unique_all 
_reflns_shell.number_unique_obs 
_reflns_shell.percent_possible_all 
_reflns_shell.percent_possible_obs 
_reflns_shell.Rmerge_F_all 
_reflns_shell.Rmerge_F_obs 
_reflns_shell.Rmerge_I_all 
_reflns_shell.Rmerge_I_obs 
_reflns_shell.meanI_over_sigI_gt 
_reflns_shell.meanI_over_uI_all 
_reflns_shell.meanI_over_uI_gt 
_reflns_shell.number_measured_gt 
_reflns_shell.number_unique_gt 
_reflns_shell.percent_possible_gt 
_reflns_shell.Rmerge_F_gt 
_reflns_shell.Rmerge_I_gt 
_reflns_shell.pdbx_redundancy 
_reflns_shell.pdbx_Rsym_value 
_reflns_shell.pdbx_chi_squared 
_reflns_shell.pdbx_netI_over_sigmaI_all 
_reflns_shell.pdbx_netI_over_sigmaI_obs 
_reflns_shell.pdbx_Rrim_I_all 
_reflns_shell.pdbx_Rpim_I_all 
_reflns_shell.pdbx_rejects 
_reflns_shell.pdbx_ordinal 
_reflns_shell.pdbx_diffrn_id 
_reflns_shell.pdbx_CC_half 
_reflns_shell.pdbx_CC_star 
_reflns_shell.pdbx_R_split 
3.170 3.360  ? 1.540  ? 11857 745 ? 678 91.000  ? ? ? ? 1.796 ? ? ? ? ? ? ? ? 17.488 ? ? ? ? 1.847 ? ? 1 1 0.859 ? ? 
3.360 3.590  ? 3.360  ? 13532 688 ? 687 99.900  ? ? ? ? 1.001 ? ? ? ? ? ? ? ? 19.697 ? ? ? ? 1.028 ? ? 2 1 0.964 ? ? 
3.590 3.880  ? 4.980  ? 12729 666 ? 665 99.800  ? ? ? ? 0.686 ? ? ? ? ? ? ? ? 19.141 ? ? ? ? 0.705 ? ? 3 1 0.979 ? ? 
3.880 4.240  ? 8.690  ? 11908 592 ? 592 100.000 ? ? ? ? 0.410 ? ? ? ? ? ? ? ? 20.115 ? ? ? ? 0.421 ? ? 4 1 0.994 ? ? 
4.240 4.730  ? 13.330 ? 10718 550 ? 549 99.800  ? ? ? ? 0.211 ? ? ? ? ? ? ? ? 19.523 ? ? ? ? 0.217 ? ? 5 1 0.997 ? ? 
4.730 5.450  ? 14.870 ? 9265  507 ? 507 100.000 ? ? ? ? 0.213 ? ? ? ? ? ? ? ? 18.274 ? ? ? ? 0.220 ? ? 6 1 0.993 ? ? 
5.450 6.640  ? 15.800 ? 7527  418 ? 418 100.000 ? ? ? ? 0.207 ? ? ? ? ? ? ? ? 18.007 ? ? ? ? 0.213 ? ? 7 1 0.994 ? ? 
6.640 9.240  ? 27.090 ? 6038  344 ? 344 100.000 ? ? ? ? 0.106 ? ? ? ? ? ? ? ? 17.552 ? ? ? ? 0.110 ? ? 8 1 0.998 ? ? 
9.240 34.950 ? 37.930 ? 3789  223 ? 219 98.200  ? ? ? ? 0.070 ? ? ? ? ? ? ? ? 17.301 ? ? ? ? 0.073 ? ? 9 1 0.998 ? ? 
# 
_refine.aniso_B[1][1]                            1.6277 
_refine.aniso_B[1][2]                            0.0000 
_refine.aniso_B[1][3]                            0.0000 
_refine.aniso_B[2][2]                            1.6277 
_refine.aniso_B[2][3]                            0.0000 
_refine.aniso_B[3][3]                            -3.2554 
_refine.B_iso_max                                136.840 
_refine.B_iso_mean                               60.7400 
_refine.B_iso_min                                15.150 
_refine.correlation_coeff_Fo_to_Fc               0.9190 
_refine.correlation_coeff_Fo_to_Fc_free          0.8940 
_refine.details                                  ? 
_refine.diff_density_max                         ? 
_refine.diff_density_max_esd                     ? 
_refine.diff_density_min                         ? 
_refine.diff_density_min_esd                     ? 
_refine.diff_density_rms                         ? 
_refine.diff_density_rms_esd                     ? 
_refine.entry_id                                 7A67 
_refine.pdbx_refine_id                           'X-RAY DIFFRACTION' 
_refine.ls_abs_structure_details                 ? 
_refine.ls_abs_structure_Flack                   ? 
_refine.ls_abs_structure_Flack_esd               ? 
_refine.ls_abs_structure_Rogers                  ? 
_refine.ls_abs_structure_Rogers_esd              ? 
_refine.ls_d_res_high                            3.1800 
_refine.ls_d_res_low                             34.9500 
_refine.ls_extinction_coef                       ? 
_refine.ls_extinction_coef_esd                   ? 
_refine.ls_extinction_expression                 ? 
_refine.ls_extinction_method                     ? 
_refine.ls_goodness_of_fit_all                   ? 
_refine.ls_goodness_of_fit_all_esd               ? 
_refine.ls_goodness_of_fit_obs                   ? 
_refine.ls_goodness_of_fit_obs_esd               ? 
_refine.ls_hydrogen_treatment                    ? 
_refine.ls_matrix_type                           ? 
_refine.ls_number_constraints                    ? 
_refine.ls_number_parameters                     ? 
_refine.ls_number_reflns_all                     ? 
_refine.ls_number_reflns_obs                     4411 
_refine.ls_number_reflns_R_free                  435 
_refine.ls_number_reflns_R_work                  ? 
_refine.ls_number_restraints                     ? 
_refine.ls_percent_reflns_obs                    94.0000 
_refine.ls_percent_reflns_R_free                 9.8600 
_refine.ls_R_factor_all                          ? 
_refine.ls_R_factor_obs                          0.1920 
_refine.ls_R_factor_R_free                       0.2500 
_refine.ls_R_factor_R_free_error                 ? 
_refine.ls_R_factor_R_free_error_details         ? 
_refine.ls_R_factor_R_work                       0.1850 
_refine.ls_R_Fsqd_factor_obs                     ? 
_refine.ls_R_I_factor_obs                        ? 
_refine.ls_redundancy_reflns_all                 ? 
_refine.ls_redundancy_reflns_obs                 ? 
_refine.ls_restrained_S_all                      ? 
_refine.ls_restrained_S_obs                      ? 
_refine.ls_shift_over_esd_max                    ? 
_refine.ls_shift_over_esd_mean                   ? 
_refine.ls_structure_factor_coef                 ? 
_refine.ls_weighting_details                     ? 
_refine.ls_weighting_scheme                      ? 
_refine.ls_wR_factor_all                         ? 
_refine.ls_wR_factor_obs                         ? 
_refine.ls_wR_factor_R_free                      ? 
_refine.ls_wR_factor_R_work                      ? 
_refine.occupancy_max                            ? 
_refine.occupancy_min                            ? 
_refine.solvent_model_details                    ? 
_refine.solvent_model_param_bsol                 ? 
_refine.solvent_model_param_ksol                 ? 
_refine.pdbx_R_complete                          ? 
_refine.ls_R_factor_gt                           ? 
_refine.ls_goodness_of_fit_gt                    ? 
_refine.ls_goodness_of_fit_ref                   ? 
_refine.ls_shift_over_su_max                     ? 
_refine.ls_shift_over_su_max_lt                  ? 
_refine.ls_shift_over_su_mean                    ? 
_refine.ls_shift_over_su_mean_lt                 ? 
_refine.pdbx_ls_sigma_I                          ? 
_refine.pdbx_ls_sigma_F                          0.000 
_refine.pdbx_ls_sigma_Fsqd                       ? 
_refine.pdbx_data_cutoff_high_absF               ? 
_refine.pdbx_data_cutoff_high_rms_absF           ? 
_refine.pdbx_data_cutoff_low_absF                ? 
_refine.pdbx_isotropic_thermal_model             ? 
_refine.pdbx_ls_cross_valid_method               THROUGHOUT 
_refine.pdbx_method_to_determine_struct          'MOLECULAR REPLACEMENT' 
_refine.pdbx_starting_model                      3ENC 
_refine.pdbx_stereochemistry_target_values       ? 
_refine.pdbx_R_Free_selection_details            RANDOM 
_refine.pdbx_stereochem_target_val_spec_case     ? 
_refine.pdbx_overall_ESU_R                       ? 
_refine.pdbx_overall_ESU_R_Free                  ? 
_refine.pdbx_solvent_vdw_probe_radii             ? 
_refine.pdbx_solvent_ion_probe_radii             ? 
_refine.pdbx_solvent_shrinkage_radii             ? 
_refine.pdbx_real_space_R                        ? 
_refine.pdbx_density_correlation                 ? 
_refine.pdbx_pd_number_of_powder_patterns        ? 
_refine.pdbx_pd_number_of_points                 ? 
_refine.pdbx_pd_meas_number_of_points            ? 
_refine.pdbx_pd_proc_ls_prof_R_factor            ? 
_refine.pdbx_pd_proc_ls_prof_wR_factor           ? 
_refine.pdbx_pd_Marquardt_correlation_coeff      ? 
_refine.pdbx_pd_Fsqrd_R_factor                   ? 
_refine.pdbx_pd_ls_matrix_band_width             ? 
_refine.pdbx_overall_phase_error                 ? 
_refine.pdbx_overall_SU_R_free_Cruickshank_DPI   ? 
_refine.pdbx_overall_SU_R_free_Blow_DPI          0.4420 
_refine.pdbx_overall_SU_R_Blow_DPI               ? 
_refine.pdbx_TLS_residual_ADP_flag               ? 
_refine.pdbx_diffrn_id                           1 
_refine.overall_SU_B                             ? 
_refine.overall_SU_ML                            ? 
_refine.overall_SU_R_Cruickshank_DPI             ? 
_refine.overall_SU_R_free                        ? 
_refine.overall_FOM_free_R_set                   ? 
_refine.overall_FOM_work_R_set                   ? 
_refine.pdbx_average_fsc_overall                 ? 
_refine.pdbx_average_fsc_work                    ? 
_refine.pdbx_average_fsc_free                    ? 
# 
_refine_analyze.entry_id                        7A67 
_refine_analyze.pdbx_refine_id                  'X-RAY DIFFRACTION' 
_refine_analyze.Luzzati_coordinate_error_free   ? 
_refine_analyze.Luzzati_coordinate_error_obs    0.390 
_refine_analyze.Luzzati_d_res_low_free          ? 
_refine_analyze.Luzzati_d_res_low_obs           ? 
_refine_analyze.Luzzati_sigma_a_free            ? 
_refine_analyze.Luzzati_sigma_a_free_details    ? 
_refine_analyze.Luzzati_sigma_a_obs             ? 
_refine_analyze.Luzzati_sigma_a_obs_details     ? 
_refine_analyze.number_disordered_residues      ? 
_refine_analyze.occupancy_sum_hydrogen          ? 
_refine_analyze.occupancy_sum_non_hydrogen      ? 
_refine_analyze.RG_d_res_high                   ? 
_refine_analyze.RG_d_res_low                    ? 
_refine_analyze.RG_free                         ? 
_refine_analyze.RG_work                         ? 
_refine_analyze.RG_free_work_ratio              ? 
_refine_analyze.pdbx_Luzzati_d_res_high_obs     ? 
# 
_refine_hist.pdbx_refine_id                   'X-RAY DIFFRACTION' 
_refine_hist.cycle_id                         final 
_refine_hist.details                          ? 
_refine_hist.d_res_high                       3.1800 
_refine_hist.d_res_low                        34.9500 
_refine_hist.number_atoms_solvent             8 
_refine_hist.number_atoms_total               1324 
_refine_hist.number_reflns_all                ? 
_refine_hist.number_reflns_obs                ? 
_refine_hist.number_reflns_R_free             ? 
_refine_hist.number_reflns_R_work             ? 
_refine_hist.R_factor_all                     ? 
_refine_hist.R_factor_obs                     ? 
_refine_hist.R_factor_R_free                  ? 
_refine_hist.R_factor_R_work                  ? 
_refine_hist.pdbx_number_residues_total       164 
_refine_hist.pdbx_B_iso_mean_ligand           ? 
_refine_hist.pdbx_B_iso_mean_solvent          24.65 
_refine_hist.pdbx_number_atoms_protein        1316 
_refine_hist.pdbx_number_atoms_nucleic_acid   0 
_refine_hist.pdbx_number_atoms_ligand         0 
_refine_hist.pdbx_number_atoms_lipid          ? 
_refine_hist.pdbx_number_atoms_carb           ? 
_refine_hist.pdbx_pseudo_atom_details         ? 
# 
loop_
_refine_ls_restr.pdbx_refine_id 
_refine_ls_restr.criterion 
_refine_ls_restr.dev_ideal 
_refine_ls_restr.dev_ideal_target 
_refine_ls_restr.number 
_refine_ls_restr.rejects 
_refine_ls_restr.type 
_refine_ls_restr.weight 
_refine_ls_restr.pdbx_restraint_function 
'X-RAY DIFFRACTION' ? ?      ? 481  ? t_dihedral_angle_d        2.000  SINUSOIDAL   
'X-RAY DIFFRACTION' ? ?      ? ?    ? t_trig_c_planes           ?      ?            
'X-RAY DIFFRACTION' ? ?      ? 222  ? t_gen_planes              5.000  HARMONIC     
'X-RAY DIFFRACTION' ? ?      ? 1336 ? t_it                      20.000 HARMONIC     
'X-RAY DIFFRACTION' ? ?      ? ?    ? t_nbd                     ?      ?            
'X-RAY DIFFRACTION' ? ?      ? ?    ? t_improper_torsion        ?      ?            
'X-RAY DIFFRACTION' ? ?      ? ?    ? t_pseud_angle             ?      ?            
'X-RAY DIFFRACTION' ? ?      ? 179  ? t_chiral_improper_torsion 5.000  SEMIHARMONIC 
'X-RAY DIFFRACTION' ? ?      ? ?    ? t_sum_occupancies         ?      ?            
'X-RAY DIFFRACTION' ? ?      ? ?    ? t_utility_distance        ?      ?            
'X-RAY DIFFRACTION' ? ?      ? ?    ? t_utility_angle           ?      ?            
'X-RAY DIFFRACTION' ? ?      ? ?    ? t_utility_torsion         ?      ?            
'X-RAY DIFFRACTION' ? ?      ? 1639 ? t_ideal_dist_contact      4.000  SEMIHARMONIC 
'X-RAY DIFFRACTION' ? 0.010  ? 1336 ? t_bond_d                  2.000  HARMONIC     
'X-RAY DIFFRACTION' ? 1.250  ? 1809 ? t_angle_deg               2.000  HARMONIC     
'X-RAY DIFFRACTION' ? 2.740  ? ?    ? t_omega_torsion           ?      ?            
'X-RAY DIFFRACTION' ? 24.760 ? ?    ? t_other_torsion           ?      ?            
# 
_refine_ls_shell.pdbx_refine_id                   'X-RAY DIFFRACTION' 
_refine_ls_shell.d_res_high                       3.1800 
_refine_ls_shell.d_res_low                        3.2700 
_refine_ls_shell.number_reflns_all                211 
_refine_ls_shell.number_reflns_obs                ? 
_refine_ls_shell.number_reflns_R_free             24 
_refine_ls_shell.number_reflns_R_work             187 
_refine_ls_shell.percent_reflns_obs               55.4400 
_refine_ls_shell.percent_reflns_R_free            11.3700 
_refine_ls_shell.R_factor_all                     0.2623 
_refine_ls_shell.R_factor_obs                     ? 
_refine_ls_shell.R_factor_R_free                  0.4884 
_refine_ls_shell.R_factor_R_free_error            0.0000 
_refine_ls_shell.R_factor_R_work                  0.2358 
_refine_ls_shell.redundancy_reflns_all            ? 
_refine_ls_shell.redundancy_reflns_obs            ? 
_refine_ls_shell.wR_factor_all                    ? 
_refine_ls_shell.wR_factor_obs                    ? 
_refine_ls_shell.wR_factor_R_free                 ? 
_refine_ls_shell.wR_factor_R_work                 ? 
_refine_ls_shell.pdbx_R_complete                  ? 
_refine_ls_shell.pdbx_total_number_of_bins_used   21 
_refine_ls_shell.pdbx_phase_error                 ? 
_refine_ls_shell.pdbx_fsc_work                    ? 
_refine_ls_shell.pdbx_fsc_free                    ? 
# 
_struct.entry_id                     7A67 
_struct.title                        'Pcc1Pcc2 complex' 
_struct.pdbx_model_details           ? 
_struct.pdbx_formula_weight          ? 
_struct.pdbx_formula_weight_method   ? 
_struct.pdbx_model_type_details      ? 
_struct.pdbx_CASP_flag               N 
# 
_struct_keywords.entry_id        7A67 
_struct_keywords.text            't6A synthases, STRUCTURAL PROTEIN' 
_struct_keywords.pdbx_keywords   'STRUCTURAL PROTEIN' 
# 
loop_
_struct_asym.id 
_struct_asym.pdbx_blank_PDB_chainid_flag 
_struct_asym.pdbx_modified 
_struct_asym.entity_id 
_struct_asym.details 
A N N 1 ? 
B N N 2 ? 
C N N 3 ? 
D N N 3 ? 
# 
loop_
_struct_ref.id 
_struct_ref.db_name 
_struct_ref.db_code 
_struct_ref.pdbx_db_accession 
_struct_ref.pdbx_db_isoform 
_struct_ref.entity_id 
_struct_ref.pdbx_seq_one_letter_code 
_struct_ref.pdbx_align_begin 
1 UNP PCC1_PYRAB Q9V1Z9 ? 1 
;MKPKRVQGKIVIEFPSEDIAEVVYTSVLYEHVSVPYRRSRVNFRREGRRIVLEIEANDSSAMRGTVNSYLRWIKVALDVL
NI
;
1 
2 PDB 7A67       7A67   ? 2 ?                                                                                     1 
# 
loop_
_struct_ref_seq.align_id 
_struct_ref_seq.ref_id 
_struct_ref_seq.pdbx_PDB_id_code 
_struct_ref_seq.pdbx_strand_id 
_struct_ref_seq.seq_align_beg 
_struct_ref_seq.pdbx_seq_align_beg_ins_code 
_struct_ref_seq.seq_align_end 
_struct_ref_seq.pdbx_seq_align_end_ins_code 
_struct_ref_seq.pdbx_db_accession 
_struct_ref_seq.db_align_beg 
_struct_ref_seq.pdbx_db_align_beg_ins_code 
_struct_ref_seq.db_align_end 
_struct_ref_seq.pdbx_db_align_end_ins_code 
_struct_ref_seq.pdbx_auth_seq_align_beg 
_struct_ref_seq.pdbx_auth_seq_align_end 
1 1 7A67 A 1 ? 82 ? Q9V1Z9 1 ? 82 ? 1 82 
2 2 7A67 B 1 ? 91 ? 7A67   1 ? 91 ? 1 91 
# 
loop_
_struct_ref_seq_dif.align_id 
_struct_ref_seq_dif.pdbx_pdb_id_code 
_struct_ref_seq_dif.mon_id 
_struct_ref_seq_dif.pdbx_pdb_strand_id 
_struct_ref_seq_dif.seq_num 
_struct_ref_seq_dif.pdbx_pdb_ins_code 
_struct_ref_seq_dif.pdbx_seq_db_name 
_struct_ref_seq_dif.pdbx_seq_db_accession_code 
_struct_ref_seq_dif.db_mon_id 
_struct_ref_seq_dif.pdbx_seq_db_seq_num 
_struct_ref_seq_dif.details 
_struct_ref_seq_dif.pdbx_auth_seq_num 
_struct_ref_seq_dif.pdbx_ordinal 
1 7A67 HIS A 83 ? UNP Q9V1Z9 ? ? 'expression tag' 83 1 
1 7A67 HIS A 84 ? UNP Q9V1Z9 ? ? 'expression tag' 84 2 
1 7A67 HIS A 85 ? UNP Q9V1Z9 ? ? 'expression tag' 85 3 
1 7A67 HIS A 86 ? UNP Q9V1Z9 ? ? 'expression tag' 86 4 
1 7A67 HIS A 87 ? UNP Q9V1Z9 ? ? 'expression tag' 87 5 
1 7A67 HIS A 88 ? UNP Q9V1Z9 ? ? 'expression tag' 88 6 
# 
_pdbx_struct_assembly.id                   1 
_pdbx_struct_assembly.details              author_and_software_defined_assembly 
_pdbx_struct_assembly.method_details       PISA 
_pdbx_struct_assembly.oligomeric_details   dimeric 
_pdbx_struct_assembly.oligomeric_count     2 
# 
loop_
_pdbx_struct_assembly_prop.biol_id 
_pdbx_struct_assembly_prop.type 
_pdbx_struct_assembly_prop.value 
_pdbx_struct_assembly_prop.details 
1 'ABSA (A^2)' 2250 ? 
1 MORE         -11  ? 
1 'SSA (A^2)'  8260 ? 
# 
_pdbx_struct_assembly_gen.assembly_id       1 
_pdbx_struct_assembly_gen.oper_expression   1 
_pdbx_struct_assembly_gen.asym_id_list      A,B,C,D 
# 
_pdbx_struct_assembly_auth_evidence.id                     1 
_pdbx_struct_assembly_auth_evidence.assembly_id            1 
_pdbx_struct_assembly_auth_evidence.experimental_support   'gel filtration' 
_pdbx_struct_assembly_auth_evidence.details                ? 
# 
_pdbx_struct_oper_list.id                   1 
_pdbx_struct_oper_list.type                 'identity operation' 
_pdbx_struct_oper_list.name                 1_555 
_pdbx_struct_oper_list.symmetry_operation   x,y,z 
_pdbx_struct_oper_list.matrix[1][1]         1.0000000000 
_pdbx_struct_oper_list.matrix[1][2]         0.0000000000 
_pdbx_struct_oper_list.matrix[1][3]         0.0000000000 
_pdbx_struct_oper_list.vector[1]            0.0000000000 
_pdbx_struct_oper_list.matrix[2][1]         0.0000000000 
_pdbx_struct_oper_list.matrix[2][2]         1.0000000000 
_pdbx_struct_oper_list.matrix[2][3]         0.0000000000 
_pdbx_struct_oper_list.vector[2]            0.0000000000 
_pdbx_struct_oper_list.matrix[3][1]         0.0000000000 
_pdbx_struct_oper_list.matrix[3][2]         0.0000000000 
_pdbx_struct_oper_list.matrix[3][3]         1.0000000000 
_pdbx_struct_oper_list.vector[3]            0.0000000000 
# 
loop_
_struct_conf.conf_type_id 
_struct_conf.id 
_struct_conf.pdbx_PDB_helix_id 
_struct_conf.beg_label_comp_id 
_struct_conf.beg_label_asym_id 
_struct_conf.beg_label_seq_id 
_struct_conf.pdbx_beg_PDB_ins_code 
_struct_conf.end_label_comp_id 
_struct_conf.end_label_asym_id 
_struct_conf.end_label_seq_id 
_struct_conf.pdbx_end_PDB_ins_code 
_struct_conf.beg_auth_comp_id 
_struct_conf.beg_auth_asym_id 
_struct_conf.beg_auth_seq_id 
_struct_conf.end_auth_comp_id 
_struct_conf.end_auth_asym_id 
_struct_conf.end_auth_seq_id 
_struct_conf.pdbx_PDB_helix_class 
_struct_conf.details 
_struct_conf.pdbx_PDB_helix_length 
HELX_P HELX_P1 AA1 SER A 16 ? VAL A 32 ? SER A 16 VAL A 32 1 ? 17 
HELX_P HELX_P2 AA2 ASP A 58 ? ASN A 81 ? ASP A 58 ASN A 81 1 ? 24 
HELX_P HELX_P3 AA3 ASP B 15 ? VAL B 28 ? ASP B 15 VAL B 28 1 ? 14 
HELX_P HELX_P4 AA4 PRO B 34 ? LYS B 39 ? PRO B 34 LYS B 39 1 ? 6  
HELX_P HELX_P5 AA5 GLU B 61 ? TRP B 84 ? GLU B 61 TRP B 84 1 ? 24 
# 
_struct_conf_type.id          HELX_P 
_struct_conf_type.criteria    ? 
_struct_conf_type.reference   ? 
# 
_struct_sheet.id               AA1 
_struct_sheet.type             ? 
_struct_sheet.number_strands   6 
_struct_sheet.details          ? 
# 
loop_
_struct_sheet_order.sheet_id 
_struct_sheet_order.range_id_1 
_struct_sheet_order.range_id_2 
_struct_sheet_order.offset 
_struct_sheet_order.sense 
AA1 1 2 ? anti-parallel 
AA1 2 3 ? anti-parallel 
AA1 3 4 ? anti-parallel 
AA1 4 5 ? anti-parallel 
AA1 5 6 ? anti-parallel 
# 
loop_
_struct_sheet_range.sheet_id 
_struct_sheet_range.id 
_struct_sheet_range.beg_label_comp_id 
_struct_sheet_range.beg_label_asym_id 
_struct_sheet_range.beg_label_seq_id 
_struct_sheet_range.pdbx_beg_PDB_ins_code 
_struct_sheet_range.end_label_comp_id 
_struct_sheet_range.end_label_asym_id 
_struct_sheet_range.end_label_seq_id 
_struct_sheet_range.pdbx_end_PDB_ins_code 
_struct_sheet_range.beg_auth_comp_id 
_struct_sheet_range.beg_auth_asym_id 
_struct_sheet_range.beg_auth_seq_id 
_struct_sheet_range.end_auth_comp_id 
_struct_sheet_range.end_auth_asym_id 
_struct_sheet_range.end_auth_seq_id 
AA1 1 VAL A 41 ? GLU A 46 ? VAL A 41 GLU A 46 
AA1 2 ARG A 49 ? ALA A 56 ? ARG A 49 ALA A 56 
AA1 3 VAL A 6  ? GLU A 13 ? VAL A 6  GLU A 13 
AA1 4 ILE B 3  ? TRP B 11 ? ILE B 3  TRP B 11 
AA1 5 ARG B 51 ? GLY B 60 ? ARG B 51 GLY B 60 
AA1 6 ASN B 42 ? ASP B 48 ? ASN B 42 ASP B 48 
# 
loop_
_pdbx_struct_sheet_hbond.sheet_id 
_pdbx_struct_sheet_hbond.range_id_1 
_pdbx_struct_sheet_hbond.range_id_2 
_pdbx_struct_sheet_hbond.range_1_label_atom_id 
_pdbx_struct_sheet_hbond.range_1_label_comp_id 
_pdbx_struct_sheet_hbond.range_1_label_asym_id 
_pdbx_struct_sheet_hbond.range_1_label_seq_id 
_pdbx_struct_sheet_hbond.range_1_PDB_ins_code 
_pdbx_struct_sheet_hbond.range_1_auth_atom_id 
_pdbx_struct_sheet_hbond.range_1_auth_comp_id 
_pdbx_struct_sheet_hbond.range_1_auth_asym_id 
_pdbx_struct_sheet_hbond.range_1_auth_seq_id 
_pdbx_struct_sheet_hbond.range_2_label_atom_id 
_pdbx_struct_sheet_hbond.range_2_label_comp_id 
_pdbx_struct_sheet_hbond.range_2_label_asym_id 
_pdbx_struct_sheet_hbond.range_2_label_seq_id 
_pdbx_struct_sheet_hbond.range_2_PDB_ins_code 
_pdbx_struct_sheet_hbond.range_2_auth_atom_id 
_pdbx_struct_sheet_hbond.range_2_auth_comp_id 
_pdbx_struct_sheet_hbond.range_2_auth_asym_id 
_pdbx_struct_sheet_hbond.range_2_auth_seq_id 
AA1 1 2 N ARG A 44 ? N ARG A 44 O VAL A 51 ? O VAL A 51 
AA1 2 3 O LEU A 52 ? O LEU A 52 N ILE A 10 ? N ILE A 10 
AA1 3 4 N LYS A 9  ? N LYS A 9  O GLU B 8  ? O GLU B 8  
AA1 4 5 N VAL B 7  ? N VAL B 7  O VAL B 56 ? O VAL B 56 
AA1 5 6 O LYS B 55 ? O LYS B 55 N ILE B 44 ? N ILE B 44 
# 
loop_
_pdbx_validate_torsion.id 
_pdbx_validate_torsion.PDB_model_num 
_pdbx_validate_torsion.auth_comp_id 
_pdbx_validate_torsion.auth_asym_id 
_pdbx_validate_torsion.auth_seq_id 
_pdbx_validate_torsion.PDB_ins_code 
_pdbx_validate_torsion.label_alt_id 
_pdbx_validate_torsion.phi 
_pdbx_validate_torsion.psi 
1  1 LYS A 4  ? ? 39.13  -113.90 
2  1 SER A 33 ? ? -93.37 -97.63  
3  1 VAL A 34 ? ? 28.83  68.44   
4  1 SER A 39 ? ? 171.64 136.49  
5  1 ARG A 40 ? ? -35.58 131.83  
6  1 GLU B 14 ? ? -64.25 -76.69  
7  1 ASP B 29 ? ? 49.59  23.08   
8  1 SER B 40 ? ? -76.38 -82.07  
9  1 ASN B 42 ? ? -58.37 82.10   
10 1 TRP B 84 ? ? -86.72 39.01   
# 
loop_
_pdbx_unobs_or_zero_occ_residues.id 
_pdbx_unobs_or_zero_occ_residues.PDB_model_num 
_pdbx_unobs_or_zero_occ_residues.polymer_flag 
_pdbx_unobs_or_zero_occ_residues.occupancy_flag 
_pdbx_unobs_or_zero_occ_residues.auth_asym_id 
_pdbx_unobs_or_zero_occ_residues.auth_comp_id 
_pdbx_unobs_or_zero_occ_residues.auth_seq_id 
_pdbx_unobs_or_zero_occ_residues.PDB_ins_code 
_pdbx_unobs_or_zero_occ_residues.label_asym_id 
_pdbx_unobs_or_zero_occ_residues.label_comp_id 
_pdbx_unobs_or_zero_occ_residues.label_seq_id 
1  1 Y 1 A MET 1  ? A MET 1  
2  1 Y 1 A LYS 2  ? A LYS 2  
3  1 Y 1 A HIS 83 ? A HIS 83 
4  1 Y 1 A HIS 84 ? A HIS 84 
5  1 Y 1 A HIS 85 ? A HIS 85 
6  1 Y 1 A HIS 86 ? A HIS 86 
7  1 Y 1 A HIS 87 ? A HIS 87 
8  1 Y 1 A HIS 88 ? A HIS 88 
9  1 Y 1 B MET 1  ? B MET 1  
10 1 Y 1 B HIS 86 ? B HIS 86 
11 1 Y 1 B PRO 87 ? B PRO 87 
12 1 Y 1 B GLN 88 ? B GLN 88 
13 1 Y 1 B PHE 89 ? B PHE 89 
14 1 Y 1 B GLU 90 ? B GLU 90 
15 1 Y 1 B LYS 91 ? B LYS 91 
# 
loop_
_chem_comp_atom.comp_id 
_chem_comp_atom.atom_id 
_chem_comp_atom.type_symbol 
_chem_comp_atom.pdbx_aromatic_flag 
_chem_comp_atom.pdbx_stereo_config 
_chem_comp_atom.pdbx_ordinal 
ALA N    N N N 1   
ALA CA   C N S 2   
ALA C    C N N 3   
ALA O    O N N 4   
ALA CB   C N N 5   
ALA OXT  O N N 6   
ALA H    H N N 7   
ALA H2   H N N 8   
ALA HA   H N N 9   
ALA HB1  H N N 10  
ALA HB2  H N N 11  
ALA HB3  H N N 12  
ALA HXT  H N N 13  
ARG N    N N N 14  
ARG CA   C N S 15  
ARG C    C N N 16  
ARG O    O N N 17  
ARG CB   C N N 18  
ARG CG   C N N 19  
ARG CD   C N N 20  
ARG NE   N N N 21  
ARG CZ   C N N 22  
ARG NH1  N N N 23  
ARG NH2  N N N 24  
ARG OXT  O N N 25  
ARG H    H N N 26  
ARG H2   H N N 27  
ARG HA   H N N 28  
ARG HB2  H N N 29  
ARG HB3  H N N 30  
ARG HG2  H N N 31  
ARG HG3  H N N 32  
ARG HD2  H N N 33  
ARG HD3  H N N 34  
ARG HE   H N N 35  
ARG HH11 H N N 36  
ARG HH12 H N N 37  
ARG HH21 H N N 38  
ARG HH22 H N N 39  
ARG HXT  H N N 40  
ASN N    N N N 41  
ASN CA   C N S 42  
ASN C    C N N 43  
ASN O    O N N 44  
ASN CB   C N N 45  
ASN CG   C N N 46  
ASN OD1  O N N 47  
ASN ND2  N N N 48  
ASN OXT  O N N 49  
ASN H    H N N 50  
ASN H2   H N N 51  
ASN HA   H N N 52  
ASN HB2  H N N 53  
ASN HB3  H N N 54  
ASN HD21 H N N 55  
ASN HD22 H N N 56  
ASN HXT  H N N 57  
ASP N    N N N 58  
ASP CA   C N S 59  
ASP C    C N N 60  
ASP O    O N N 61  
ASP CB   C N N 62  
ASP CG   C N N 63  
ASP OD1  O N N 64  
ASP OD2  O N N 65  
ASP OXT  O N N 66  
ASP H    H N N 67  
ASP H2   H N N 68  
ASP HA   H N N 69  
ASP HB2  H N N 70  
ASP HB3  H N N 71  
ASP HD2  H N N 72  
ASP HXT  H N N 73  
GLN N    N N N 74  
GLN CA   C N S 75  
GLN C    C N N 76  
GLN O    O N N 77  
GLN CB   C N N 78  
GLN CG   C N N 79  
GLN CD   C N N 80  
GLN OE1  O N N 81  
GLN NE2  N N N 82  
GLN OXT  O N N 83  
GLN H    H N N 84  
GLN H2   H N N 85  
GLN HA   H N N 86  
GLN HB2  H N N 87  
GLN HB3  H N N 88  
GLN HG2  H N N 89  
GLN HG3  H N N 90  
GLN HE21 H N N 91  
GLN HE22 H N N 92  
GLN HXT  H N N 93  
GLU N    N N N 94  
GLU CA   C N S 95  
GLU C    C N N 96  
GLU O    O N N 97  
GLU CB   C N N 98  
GLU CG   C N N 99  
GLU CD   C N N 100 
GLU OE1  O N N 101 
GLU OE2  O N N 102 
GLU OXT  O N N 103 
GLU H    H N N 104 
GLU H2   H N N 105 
GLU HA   H N N 106 
GLU HB2  H N N 107 
GLU HB3  H N N 108 
GLU HG2  H N N 109 
GLU HG3  H N N 110 
GLU HE2  H N N 111 
GLU HXT  H N N 112 
GLY N    N N N 113 
GLY CA   C N N 114 
GLY C    C N N 115 
GLY O    O N N 116 
GLY OXT  O N N 117 
GLY H    H N N 118 
GLY H2   H N N 119 
GLY HA2  H N N 120 
GLY HA3  H N N 121 
GLY HXT  H N N 122 
HIS N    N N N 123 
HIS CA   C N S 124 
HIS C    C N N 125 
HIS O    O N N 126 
HIS CB   C N N 127 
HIS CG   C Y N 128 
HIS ND1  N Y N 129 
HIS CD2  C Y N 130 
HIS CE1  C Y N 131 
HIS NE2  N Y N 132 
HIS OXT  O N N 133 
HIS H    H N N 134 
HIS H2   H N N 135 
HIS HA   H N N 136 
HIS HB2  H N N 137 
HIS HB3  H N N 138 
HIS HD1  H N N 139 
HIS HD2  H N N 140 
HIS HE1  H N N 141 
HIS HE2  H N N 142 
HIS HXT  H N N 143 
HOH O    O N N 144 
HOH H1   H N N 145 
HOH H2   H N N 146 
ILE N    N N N 147 
ILE CA   C N S 148 
ILE C    C N N 149 
ILE O    O N N 150 
ILE CB   C N S 151 
ILE CG1  C N N 152 
ILE CG2  C N N 153 
ILE CD1  C N N 154 
ILE OXT  O N N 155 
ILE H    H N N 156 
ILE H2   H N N 157 
ILE HA   H N N 158 
ILE HB   H N N 159 
ILE HG12 H N N 160 
ILE HG13 H N N 161 
ILE HG21 H N N 162 
ILE HG22 H N N 163 
ILE HG23 H N N 164 
ILE HD11 H N N 165 
ILE HD12 H N N 166 
ILE HD13 H N N 167 
ILE HXT  H N N 168 
LEU N    N N N 169 
LEU CA   C N S 170 
LEU C    C N N 171 
LEU O    O N N 172 
LEU CB   C N N 173 
LEU CG   C N N 174 
LEU CD1  C N N 175 
LEU CD2  C N N 176 
LEU OXT  O N N 177 
LEU H    H N N 178 
LEU H2   H N N 179 
LEU HA   H N N 180 
LEU HB2  H N N 181 
LEU HB3  H N N 182 
LEU HG   H N N 183 
LEU HD11 H N N 184 
LEU HD12 H N N 185 
LEU HD13 H N N 186 
LEU HD21 H N N 187 
LEU HD22 H N N 188 
LEU HD23 H N N 189 
LEU HXT  H N N 190 
LYS N    N N N 191 
LYS CA   C N S 192 
LYS C    C N N 193 
LYS O    O N N 194 
LYS CB   C N N 195 
LYS CG   C N N 196 
LYS CD   C N N 197 
LYS CE   C N N 198 
LYS NZ   N N N 199 
LYS OXT  O N N 200 
LYS H    H N N 201 
LYS H2   H N N 202 
LYS HA   H N N 203 
LYS HB2  H N N 204 
LYS HB3  H N N 205 
LYS HG2  H N N 206 
LYS HG3  H N N 207 
LYS HD2  H N N 208 
LYS HD3  H N N 209 
LYS HE2  H N N 210 
LYS HE3  H N N 211 
LYS HZ1  H N N 212 
LYS HZ2  H N N 213 
LYS HZ3  H N N 214 
LYS HXT  H N N 215 
MET N    N N N 216 
MET CA   C N S 217 
MET C    C N N 218 
MET O    O N N 219 
MET CB   C N N 220 
MET CG   C N N 221 
MET SD   S N N 222 
MET CE   C N N 223 
MET OXT  O N N 224 
MET H    H N N 225 
MET H2   H N N 226 
MET HA   H N N 227 
MET HB2  H N N 228 
MET HB3  H N N 229 
MET HG2  H N N 230 
MET HG3  H N N 231 
MET HE1  H N N 232 
MET HE2  H N N 233 
MET HE3  H N N 234 
MET HXT  H N N 235 
PHE N    N N N 236 
PHE CA   C N S 237 
PHE C    C N N 238 
PHE O    O N N 239 
PHE CB   C N N 240 
PHE CG   C Y N 241 
PHE CD1  C Y N 242 
PHE CD2  C Y N 243 
PHE CE1  C Y N 244 
PHE CE2  C Y N 245 
PHE CZ   C Y N 246 
PHE OXT  O N N 247 
PHE H    H N N 248 
PHE H2   H N N 249 
PHE HA   H N N 250 
PHE HB2  H N N 251 
PHE HB3  H N N 252 
PHE HD1  H N N 253 
PHE HD2  H N N 254 
PHE HE1  H N N 255 
PHE HE2  H N N 256 
PHE HZ   H N N 257 
PHE HXT  H N N 258 
PRO N    N N N 259 
PRO CA   C N S 260 
PRO C    C N N 261 
PRO O    O N N 262 
PRO CB   C N N 263 
PRO CG   C N N 264 
PRO CD   C N N 265 
PRO OXT  O N N 266 
PRO H    H N N 267 
PRO HA   H N N 268 
PRO HB2  H N N 269 
PRO HB3  H N N 270 
PRO HG2  H N N 271 
PRO HG3  H N N 272 
PRO HD2  H N N 273 
PRO HD3  H N N 274 
PRO HXT  H N N 275 
SER N    N N N 276 
SER CA   C N S 277 
SER C    C N N 278 
SER O    O N N 279 
SER CB   C N N 280 
SER OG   O N N 281 
SER OXT  O N N 282 
SER H    H N N 283 
SER H2   H N N 284 
SER HA   H N N 285 
SER HB2  H N N 286 
SER HB3  H N N 287 
SER HG   H N N 288 
SER HXT  H N N 289 
THR N    N N N 290 
THR CA   C N S 291 
THR C    C N N 292 
THR O    O N N 293 
THR CB   C N R 294 
THR OG1  O N N 295 
THR CG2  C N N 296 
THR OXT  O N N 297 
THR H    H N N 298 
THR H2   H N N 299 
THR HA   H N N 300 
THR HB   H N N 301 
THR HG1  H N N 302 
THR HG21 H N N 303 
THR HG22 H N N 304 
THR HG23 H N N 305 
THR HXT  H N N 306 
TRP N    N N N 307 
TRP CA   C N S 308 
TRP C    C N N 309 
TRP O    O N N 310 
TRP CB   C N N 311 
TRP CG   C Y N 312 
TRP CD1  C Y N 313 
TRP CD2  C Y N 314 
TRP NE1  N Y N 315 
TRP CE2  C Y N 316 
TRP CE3  C Y N 317 
TRP CZ2  C Y N 318 
TRP CZ3  C Y N 319 
TRP CH2  C Y N 320 
TRP OXT  O N N 321 
TRP H    H N N 322 
TRP H2   H N N 323 
TRP HA   H N N 324 
TRP HB2  H N N 325 
TRP HB3  H N N 326 
TRP HD1  H N N 327 
TRP HE1  H N N 328 
TRP HE3  H N N 329 
TRP HZ2  H N N 330 
TRP HZ3  H N N 331 
TRP HH2  H N N 332 
TRP HXT  H N N 333 
TYR N    N N N 334 
TYR CA   C N S 335 
TYR C    C N N 336 
TYR O    O N N 337 
TYR CB   C N N 338 
TYR CG   C Y N 339 
TYR CD1  C Y N 340 
TYR CD2  C Y N 341 
TYR CE1  C Y N 342 
TYR CE2  C Y N 343 
TYR CZ   C Y N 344 
TYR OH   O N N 345 
TYR OXT  O N N 346 
TYR H    H N N 347 
TYR H2   H N N 348 
TYR HA   H N N 349 
TYR HB2  H N N 350 
TYR HB3  H N N 351 
TYR HD1  H N N 352 
TYR HD2  H N N 353 
TYR HE1  H N N 354 
TYR HE2  H N N 355 
TYR HH   H N N 356 
TYR HXT  H N N 357 
VAL N    N N N 358 
VAL CA   C N S 359 
VAL C    C N N 360 
VAL O    O N N 361 
VAL CB   C N N 362 
VAL CG1  C N N 363 
VAL CG2  C N N 364 
VAL OXT  O N N 365 
VAL H    H N N 366 
VAL H2   H N N 367 
VAL HA   H N N 368 
VAL HB   H N N 369 
VAL HG11 H N N 370 
VAL HG12 H N N 371 
VAL HG13 H N N 372 
VAL HG21 H N N 373 
VAL HG22 H N N 374 
VAL HG23 H N N 375 
VAL HXT  H N N 376 
# 
loop_
_chem_comp_bond.comp_id 
_chem_comp_bond.atom_id_1 
_chem_comp_bond.atom_id_2 
_chem_comp_bond.value_order 
_chem_comp_bond.pdbx_aromatic_flag 
_chem_comp_bond.pdbx_stereo_config 
_chem_comp_bond.pdbx_ordinal 
ALA N   CA   sing N N 1   
ALA N   H    sing N N 2   
ALA N   H2   sing N N 3   
ALA CA  C    sing N N 4   
ALA CA  CB   sing N N 5   
ALA CA  HA   sing N N 6   
ALA C   O    doub N N 7   
ALA C   OXT  sing N N 8   
ALA CB  HB1  sing N N 9   
ALA CB  HB2  sing N N 10  
ALA CB  HB3  sing N N 11  
ALA OXT HXT  sing N N 12  
ARG N   CA   sing N N 13  
ARG N   H    sing N N 14  
ARG N   H2   sing N N 15  
ARG CA  C    sing N N 16  
ARG CA  CB   sing N N 17  
ARG CA  HA   sing N N 18  
ARG C   O    doub N N 19  
ARG C   OXT  sing N N 20  
ARG CB  CG   sing N N 21  
ARG CB  HB2  sing N N 22  
ARG CB  HB3  sing N N 23  
ARG CG  CD   sing N N 24  
ARG CG  HG2  sing N N 25  
ARG CG  HG3  sing N N 26  
ARG CD  NE   sing N N 27  
ARG CD  HD2  sing N N 28  
ARG CD  HD3  sing N N 29  
ARG NE  CZ   sing N N 30  
ARG NE  HE   sing N N 31  
ARG CZ  NH1  sing N N 32  
ARG CZ  NH2  doub N N 33  
ARG NH1 HH11 sing N N 34  
ARG NH1 HH12 sing N N 35  
ARG NH2 HH21 sing N N 36  
ARG NH2 HH22 sing N N 37  
ARG OXT HXT  sing N N 38  
ASN N   CA   sing N N 39  
ASN N   H    sing N N 40  
ASN N   H2   sing N N 41  
ASN CA  C    sing N N 42  
ASN CA  CB   sing N N 43  
ASN CA  HA   sing N N 44  
ASN C   O    doub N N 45  
ASN C   OXT  sing N N 46  
ASN CB  CG   sing N N 47  
ASN CB  HB2  sing N N 48  
ASN CB  HB3  sing N N 49  
ASN CG  OD1  doub N N 50  
ASN CG  ND2  sing N N 51  
ASN ND2 HD21 sing N N 52  
ASN ND2 HD22 sing N N 53  
ASN OXT HXT  sing N N 54  
ASP N   CA   sing N N 55  
ASP N   H    sing N N 56  
ASP N   H2   sing N N 57  
ASP CA  C    sing N N 58  
ASP CA  CB   sing N N 59  
ASP CA  HA   sing N N 60  
ASP C   O    doub N N 61  
ASP C   OXT  sing N N 62  
ASP CB  CG   sing N N 63  
ASP CB  HB2  sing N N 64  
ASP CB  HB3  sing N N 65  
ASP CG  OD1  doub N N 66  
ASP CG  OD2  sing N N 67  
ASP OD2 HD2  sing N N 68  
ASP OXT HXT  sing N N 69  
GLN N   CA   sing N N 70  
GLN N   H    sing N N 71  
GLN N   H2   sing N N 72  
GLN CA  C    sing N N 73  
GLN CA  CB   sing N N 74  
GLN CA  HA   sing N N 75  
GLN C   O    doub N N 76  
GLN C   OXT  sing N N 77  
GLN CB  CG   sing N N 78  
GLN CB  HB2  sing N N 79  
GLN CB  HB3  sing N N 80  
GLN CG  CD   sing N N 81  
GLN CG  HG2  sing N N 82  
GLN CG  HG3  sing N N 83  
GLN CD  OE1  doub N N 84  
GLN CD  NE2  sing N N 85  
GLN NE2 HE21 sing N N 86  
GLN NE2 HE22 sing N N 87  
GLN OXT HXT  sing N N 88  
GLU N   CA   sing N N 89  
GLU N   H    sing N N 90  
GLU N   H2   sing N N 91  
GLU CA  C    sing N N 92  
GLU CA  CB   sing N N 93  
GLU CA  HA   sing N N 94  
GLU C   O    doub N N 95  
GLU C   OXT  sing N N 96  
GLU CB  CG   sing N N 97  
GLU CB  HB2  sing N N 98  
GLU CB  HB3  sing N N 99  
GLU CG  CD   sing N N 100 
GLU CG  HG2  sing N N 101 
GLU CG  HG3  sing N N 102 
GLU CD  OE1  doub N N 103 
GLU CD  OE2  sing N N 104 
GLU OE2 HE2  sing N N 105 
GLU OXT HXT  sing N N 106 
GLY N   CA   sing N N 107 
GLY N   H    sing N N 108 
GLY N   H2   sing N N 109 
GLY CA  C    sing N N 110 
GLY CA  HA2  sing N N 111 
GLY CA  HA3  sing N N 112 
GLY C   O    doub N N 113 
GLY C   OXT  sing N N 114 
GLY OXT HXT  sing N N 115 
HIS N   CA   sing N N 116 
HIS N   H    sing N N 117 
HIS N   H2   sing N N 118 
HIS CA  C    sing N N 119 
HIS CA  CB   sing N N 120 
HIS CA  HA   sing N N 121 
HIS C   O    doub N N 122 
HIS C   OXT  sing N N 123 
HIS CB  CG   sing N N 124 
HIS CB  HB2  sing N N 125 
HIS CB  HB3  sing N N 126 
HIS CG  ND1  sing Y N 127 
HIS CG  CD2  doub Y N 128 
HIS ND1 CE1  doub Y N 129 
HIS ND1 HD1  sing N N 130 
HIS CD2 NE2  sing Y N 131 
HIS CD2 HD2  sing N N 132 
HIS CE1 NE2  sing Y N 133 
HIS CE1 HE1  sing N N 134 
HIS NE2 HE2  sing N N 135 
HIS OXT HXT  sing N N 136 
HOH O   H1   sing N N 137 
HOH O   H2   sing N N 138 
ILE N   CA   sing N N 139 
ILE N   H    sing N N 140 
ILE N   H2   sing N N 141 
ILE CA  C    sing N N 142 
ILE CA  CB   sing N N 143 
ILE CA  HA   sing N N 144 
ILE C   O    doub N N 145 
ILE C   OXT  sing N N 146 
ILE CB  CG1  sing N N 147 
ILE CB  CG2  sing N N 148 
ILE CB  HB   sing N N 149 
ILE CG1 CD1  sing N N 150 
ILE CG1 HG12 sing N N 151 
ILE CG1 HG13 sing N N 152 
ILE CG2 HG21 sing N N 153 
ILE CG2 HG22 sing N N 154 
ILE CG2 HG23 sing N N 155 
ILE CD1 HD11 sing N N 156 
ILE CD1 HD12 sing N N 157 
ILE CD1 HD13 sing N N 158 
ILE OXT HXT  sing N N 159 
LEU N   CA   sing N N 160 
LEU N   H    sing N N 161 
LEU N   H2   sing N N 162 
LEU CA  C    sing N N 163 
LEU CA  CB   sing N N 164 
LEU CA  HA   sing N N 165 
LEU C   O    doub N N 166 
LEU C   OXT  sing N N 167 
LEU CB  CG   sing N N 168 
LEU CB  HB2  sing N N 169 
LEU CB  HB3  sing N N 170 
LEU CG  CD1  sing N N 171 
LEU CG  CD2  sing N N 172 
LEU CG  HG   sing N N 173 
LEU CD1 HD11 sing N N 174 
LEU CD1 HD12 sing N N 175 
LEU CD1 HD13 sing N N 176 
LEU CD2 HD21 sing N N 177 
LEU CD2 HD22 sing N N 178 
LEU CD2 HD23 sing N N 179 
LEU OXT HXT  sing N N 180 
LYS N   CA   sing N N 181 
LYS N   H    sing N N 182 
LYS N   H2   sing N N 183 
LYS CA  C    sing N N 184 
LYS CA  CB   sing N N 185 
LYS CA  HA   sing N N 186 
LYS C   O    doub N N 187 
LYS C   OXT  sing N N 188 
LYS CB  CG   sing N N 189 
LYS CB  HB2  sing N N 190 
LYS CB  HB3  sing N N 191 
LYS CG  CD   sing N N 192 
LYS CG  HG2  sing N N 193 
LYS CG  HG3  sing N N 194 
LYS CD  CE   sing N N 195 
LYS CD  HD2  sing N N 196 
LYS CD  HD3  sing N N 197 
LYS CE  NZ   sing N N 198 
LYS CE  HE2  sing N N 199 
LYS CE  HE3  sing N N 200 
LYS NZ  HZ1  sing N N 201 
LYS NZ  HZ2  sing N N 202 
LYS NZ  HZ3  sing N N 203 
LYS OXT HXT  sing N N 204 
MET N   CA   sing N N 205 
MET N   H    sing N N 206 
MET N   H2   sing N N 207 
MET CA  C    sing N N 208 
MET CA  CB   sing N N 209 
MET CA  HA   sing N N 210 
MET C   O    doub N N 211 
MET C   OXT  sing N N 212 
MET CB  CG   sing N N 213 
MET CB  HB2  sing N N 214 
MET CB  HB3  sing N N 215 
MET CG  SD   sing N N 216 
MET CG  HG2  sing N N 217 
MET CG  HG3  sing N N 218 
MET SD  CE   sing N N 219 
MET CE  HE1  sing N N 220 
MET CE  HE2  sing N N 221 
MET CE  HE3  sing N N 222 
MET OXT HXT  sing N N 223 
PHE N   CA   sing N N 224 
PHE N   H    sing N N 225 
PHE N   H2   sing N N 226 
PHE CA  C    sing N N 227 
PHE CA  CB   sing N N 228 
PHE CA  HA   sing N N 229 
PHE C   O    doub N N 230 
PHE C   OXT  sing N N 231 
PHE CB  CG   sing N N 232 
PHE CB  HB2  sing N N 233 
PHE CB  HB3  sing N N 234 
PHE CG  CD1  doub Y N 235 
PHE CG  CD2  sing Y N 236 
PHE CD1 CE1  sing Y N 237 
PHE CD1 HD1  sing N N 238 
PHE CD2 CE2  doub Y N 239 
PHE CD2 HD2  sing N N 240 
PHE CE1 CZ   doub Y N 241 
PHE CE1 HE1  sing N N 242 
PHE CE2 CZ   sing Y N 243 
PHE CE2 HE2  sing N N 244 
PHE CZ  HZ   sing N N 245 
PHE OXT HXT  sing N N 246 
PRO N   CA   sing N N 247 
PRO N   CD   sing N N 248 
PRO N   H    sing N N 249 
PRO CA  C    sing N N 250 
PRO CA  CB   sing N N 251 
PRO CA  HA   sing N N 252 
PRO C   O    doub N N 253 
PRO C   OXT  sing N N 254 
PRO CB  CG   sing N N 255 
PRO CB  HB2  sing N N 256 
PRO CB  HB3  sing N N 257 
PRO CG  CD   sing N N 258 
PRO CG  HG2  sing N N 259 
PRO CG  HG3  sing N N 260 
PRO CD  HD2  sing N N 261 
PRO CD  HD3  sing N N 262 
PRO OXT HXT  sing N N 263 
SER N   CA   sing N N 264 
SER N   H    sing N N 265 
SER N   H2   sing N N 266 
SER CA  C    sing N N 267 
SER CA  CB   sing N N 268 
SER CA  HA   sing N N 269 
SER C   O    doub N N 270 
SER C   OXT  sing N N 271 
SER CB  OG   sing N N 272 
SER CB  HB2  sing N N 273 
SER CB  HB3  sing N N 274 
SER OG  HG   sing N N 275 
SER OXT HXT  sing N N 276 
THR N   CA   sing N N 277 
THR N   H    sing N N 278 
THR N   H2   sing N N 279 
THR CA  C    sing N N 280 
THR CA  CB   sing N N 281 
THR CA  HA   sing N N 282 
THR C   O    doub N N 283 
THR C   OXT  sing N N 284 
THR CB  OG1  sing N N 285 
THR CB  CG2  sing N N 286 
THR CB  HB   sing N N 287 
THR OG1 HG1  sing N N 288 
THR CG2 HG21 sing N N 289 
THR CG2 HG22 sing N N 290 
THR CG2 HG23 sing N N 291 
THR OXT HXT  sing N N 292 
TRP N   CA   sing N N 293 
TRP N   H    sing N N 294 
TRP N   H2   sing N N 295 
TRP CA  C    sing N N 296 
TRP CA  CB   sing N N 297 
TRP CA  HA   sing N N 298 
TRP C   O    doub N N 299 
TRP C   OXT  sing N N 300 
TRP CB  CG   sing N N 301 
TRP CB  HB2  sing N N 302 
TRP CB  HB3  sing N N 303 
TRP CG  CD1  doub Y N 304 
TRP CG  CD2  sing Y N 305 
TRP CD1 NE1  sing Y N 306 
TRP CD1 HD1  sing N N 307 
TRP CD2 CE2  doub Y N 308 
TRP CD2 CE3  sing Y N 309 
TRP NE1 CE2  sing Y N 310 
TRP NE1 HE1  sing N N 311 
TRP CE2 CZ2  sing Y N 312 
TRP CE3 CZ3  doub Y N 313 
TRP CE3 HE3  sing N N 314 
TRP CZ2 CH2  doub Y N 315 
TRP CZ2 HZ2  sing N N 316 
TRP CZ3 CH2  sing Y N 317 
TRP CZ3 HZ3  sing N N 318 
TRP CH2 HH2  sing N N 319 
TRP OXT HXT  sing N N 320 
TYR N   CA   sing N N 321 
TYR N   H    sing N N 322 
TYR N   H2   sing N N 323 
TYR CA  C    sing N N 324 
TYR CA  CB   sing N N 325 
TYR CA  HA   sing N N 326 
TYR C   O    doub N N 327 
TYR C   OXT  sing N N 328 
TYR CB  CG   sing N N 329 
TYR CB  HB2  sing N N 330 
TYR CB  HB3  sing N N 331 
TYR CG  CD1  doub Y N 332 
TYR CG  CD2  sing Y N 333 
TYR CD1 CE1  sing Y N 334 
TYR CD1 HD1  sing N N 335 
TYR CD2 CE2  doub Y N 336 
TYR CD2 HD2  sing N N 337 
TYR CE1 CZ   doub Y N 338 
TYR CE1 HE1  sing N N 339 
TYR CE2 CZ   sing Y N 340 
TYR CE2 HE2  sing N N 341 
TYR CZ  OH   sing N N 342 
TYR OH  HH   sing N N 343 
TYR OXT HXT  sing N N 344 
VAL N   CA   sing N N 345 
VAL N   H    sing N N 346 
VAL N   H2   sing N N 347 
VAL CA  C    sing N N 348 
VAL CA  CB   sing N N 349 
VAL CA  HA   sing N N 350 
VAL C   O    doub N N 351 
VAL C   OXT  sing N N 352 
VAL CB  CG1  sing N N 353 
VAL CB  CG2  sing N N 354 
VAL CB  HB   sing N N 355 
VAL CG1 HG11 sing N N 356 
VAL CG1 HG12 sing N N 357 
VAL CG1 HG13 sing N N 358 
VAL CG2 HG21 sing N N 359 
VAL CG2 HG22 sing N N 360 
VAL CG2 HG23 sing N N 361 
VAL OXT HXT  sing N N 362 
# 
_pdbx_initial_refinement_model.id               1 
_pdbx_initial_refinement_model.entity_id_list   ? 
_pdbx_initial_refinement_model.type             'experimental model' 
_pdbx_initial_refinement_model.source_name      PDB 
_pdbx_initial_refinement_model.accession_code   3ENC 
_pdbx_initial_refinement_model.details          ? 
# 
_atom_sites.entry_id                    7A67 
_atom_sites.Cartn_transf_matrix[1][1]   ? 
_atom_sites.Cartn_transf_matrix[1][2]   ? 
_atom_sites.Cartn_transf_matrix[1][3]   ? 
_atom_sites.Cartn_transf_matrix[2][1]   ? 
_atom_sites.Cartn_transf_matrix[2][2]   ? 
_atom_sites.Cartn_transf_matrix[2][3]   ? 
_atom_sites.Cartn_transf_matrix[3][1]   ? 
_atom_sites.Cartn_transf_matrix[3][2]   ? 
_atom_sites.Cartn_transf_matrix[3][3]   ? 
_atom_sites.Cartn_transf_vector[1]      ? 
_atom_sites.Cartn_transf_vector[2]      ? 
_atom_sites.Cartn_transf_vector[3]      ? 
_atom_sites.fract_transf_matrix[1][1]   0.01233972 
_atom_sites.fract_transf_matrix[1][2]   0.00300106 
_atom_sites.fract_transf_matrix[1][3]   0.01056612 
_atom_sites.fract_transf_matrix[2][1]   0.01544186 
_atom_sites.fract_transf_matrix[2][2]   -0.00441878 
_atom_sites.fract_transf_matrix[2][3]   -0.00386443 
_atom_sites.fract_transf_matrix[3][1]   0.00160084 
_atom_sites.fract_transf_matrix[3][2]   0.00961849 
_atom_sites.fract_transf_matrix[3][3]   -0.00460146 
_atom_sites.fract_transf_vector[1]      -0.183229 
_atom_sites.fract_transf_vector[2]      0.329883 
_atom_sites.fract_transf_vector[3]      0.410609 
_atom_sites.solution_primary            ? 
_atom_sites.solution_secondary          ? 
_atom_sites.solution_hydrogens          ? 
_atom_sites.special_details             ? 
# 
loop_
_atom_type.symbol 
C 
N 
O 
S 
# 
loop_
_atom_site.group_PDB 
_atom_site.id 
_atom_site.type_symbol 
_atom_site.label_atom_id 
_atom_site.label_alt_id 
_atom_site.label_comp_id 
_atom_site.label_asym_id 
_atom_site.label_entity_id 
_atom_site.label_seq_id 
_atom_site.pdbx_PDB_ins_code 
_atom_site.Cartn_x 
_atom_site.Cartn_y 
_atom_site.Cartn_z 
_atom_site.occupancy 
_atom_site.B_iso_or_equiv 
_atom_site.pdbx_formal_charge 
_atom_site.auth_seq_id 
_atom_site.auth_comp_id 
_atom_site.auth_asym_id 
_atom_site.auth_atom_id 
_atom_site.pdbx_PDB_model_num 
ATOM   1    N N   . PRO A 1 3  ? -12.734 3.044   11.494  1.00 78.58  ? 3   PRO A N   1 
ATOM   2    C CA  . PRO A 1 3  ? -12.165 3.055   10.132  1.00 77.55  ? 3   PRO A CA  1 
ATOM   3    C C   . PRO A 1 3  ? -12.666 1.894   9.280   1.00 76.69  ? 3   PRO A C   1 
ATOM   4    O O   . PRO A 1 3  ? -12.053 1.598   8.245   1.00 75.11  ? 3   PRO A O   1 
ATOM   5    C CB  . PRO A 1 3  ? -10.645 3.006   10.361  1.00 79.85  ? 3   PRO A CB  1 
ATOM   6    C CG  . PRO A 1 3  ? -10.440 3.116   11.857  1.00 84.90  ? 3   PRO A CG  1 
ATOM   7    C CD  . PRO A 1 3  ? -11.725 2.725   12.518  1.00 80.51  ? 3   PRO A CD  1 
ATOM   8    N N   . LYS A 1 4  ? -13.798 1.258   9.727   1.00 70.72  ? 4   LYS A N   1 
ATOM   9    C CA  . LYS A 1 4  ? -14.532 0.114   9.138   1.00 69.50  ? 4   LYS A CA  1 
ATOM   10   C C   . LYS A 1 4  ? -13.561 -0.946  8.551   1.00 73.02  ? 4   LYS A C   1 
ATOM   11   O O   . LYS A 1 4  ? -12.805 -1.522  9.338   1.00 73.83  ? 4   LYS A O   1 
ATOM   12   C CB  . LYS A 1 4  ? -15.612 0.590   8.145   1.00 70.42  ? 4   LYS A CB  1 
ATOM   13   C CG  . LYS A 1 4  ? -16.749 -0.383  7.925   1.00 70.30  ? 4   LYS A CG  1 
ATOM   14   C CD  . LYS A 1 4  ? -17.887 0.300   7.190   1.00 78.30  ? 4   LYS A CD  1 
ATOM   15   C CE  . LYS A 1 4  ? -19.021 -0.637  6.839   1.00 90.38  ? 4   LYS A CE  1 
ATOM   16   N NZ  . LYS A 1 4  ? -18.620 -1.690  5.861   1.00 97.00  ? 4   LYS A NZ  1 
ATOM   17   N N   . ARG A 1 5  ? -13.534 -1.171  7.207   1.00 67.15  ? 5   ARG A N   1 
ATOM   18   C CA  . ARG A 1 5  ? -12.587 -2.100  6.569   1.00 65.43  ? 5   ARG A CA  1 
ATOM   19   C C   . ARG A 1 5  ? -11.588 -1.390  5.639   1.00 64.46  ? 5   ARG A C   1 
ATOM   20   O O   . ARG A 1 5  ? -11.889 -0.336  5.068   1.00 63.40  ? 5   ARG A O   1 
ATOM   21   C CB  . ARG A 1 5  ? -13.288 -3.268  5.865   1.00 67.29  ? 5   ARG A CB  1 
ATOM   22   C CG  . ARG A 1 5  ? -14.319 -2.882  4.811   1.00 82.29  ? 5   ARG A CG  1 
ATOM   23   C CD  . ARG A 1 5  ? -14.361 -3.874  3.661   1.00 99.65  ? 5   ARG A CD  1 
ATOM   24   N NE  . ARG A 1 5  ? -14.921 -5.176  4.044   1.00 114.76 ? 5   ARG A NE  1 
ATOM   25   C CZ  . ARG A 1 5  ? -14.207 -6.283  4.243   1.00 128.62 ? 5   ARG A CZ  1 
ATOM   26   N NH1 . ARG A 1 5  ? -12.885 -6.267  4.099   1.00 110.60 ? 5   ARG A NH1 1 
ATOM   27   N NH2 . ARG A 1 5  ? -14.810 -7.413  4.587   1.00 117.73 ? 5   ARG A NH2 1 
ATOM   28   N N   . VAL A 1 6  ? -10.380 -1.952  5.526   1.00 58.28  ? 6   VAL A N   1 
ATOM   29   C CA  . VAL A 1 6  ? -9.324  -1.366  4.704   1.00 57.40  ? 6   VAL A CA  1 
ATOM   30   C C   . VAL A 1 6  ? -8.808  -2.387  3.655   1.00 61.73  ? 6   VAL A C   1 
ATOM   31   O O   . VAL A 1 6  ? -7.781  -3.035  3.867   1.00 62.82  ? 6   VAL A O   1 
ATOM   32   C CB  . VAL A 1 6  ? -8.183  -0.735  5.565   1.00 60.48  ? 6   VAL A CB  1 
ATOM   33   C CG1 . VAL A 1 6  ? -7.295  0.175   4.725   1.00 59.71  ? 6   VAL A CG1 1 
ATOM   34   C CG2 . VAL A 1 6  ? -8.736  0.025   6.770   1.00 60.35  ? 6   VAL A CG2 1 
ATOM   35   N N   . GLN A 1 7  ? -9.529  -2.540  2.532   1.00 56.49  ? 7   GLN A N   1 
ATOM   36   C CA  . GLN A 1 7  ? -9.113  -3.467  1.470   1.00 55.24  ? 7   GLN A CA  1 
ATOM   37   C C   . GLN A 1 7  ? -8.004  -2.793  0.675   1.00 54.29  ? 7   GLN A C   1 
ATOM   38   O O   . GLN A 1 7  ? -8.076  -1.592  0.420   1.00 53.09  ? 7   GLN A O   1 
ATOM   39   C CB  . GLN A 1 7  ? -10.278 -3.880  0.526   1.00 57.27  ? 7   GLN A CB  1 
ATOM   40   C CG  . GLN A 1 7  ? -11.717 -3.748  1.082   1.00 92.96  ? 7   GLN A CG  1 
ATOM   41   C CD  . GLN A 1 7  ? -12.466 -2.491  0.618   1.00 125.36 ? 7   GLN A CD  1 
ATOM   42   O OE1 . GLN A 1 7  ? -12.807 -2.329  -0.565  1.00 123.66 ? 7   GLN A OE1 1 
ATOM   43   N NE2 . GLN A 1 7  ? -12.768 -1.579  1.547   1.00 115.64 ? 7   GLN A NE2 1 
ATOM   44   N N   . GLY A 1 8  ? -6.984  -3.560  0.323   1.00 48.38  ? 8   GLY A N   1 
ATOM   45   C CA  . GLY A 1 8  ? -5.859  -3.069  -0.457  1.00 47.14  ? 8   GLY A CA  1 
ATOM   46   C C   . GLY A 1 8  ? -5.282  -4.128  -1.365  1.00 48.86  ? 8   GLY A C   1 
ATOM   47   O O   . GLY A 1 8  ? -5.056  -5.263  -0.934  1.00 49.06  ? 8   GLY A O   1 
ATOM   48   N N   . LYS A 1 9  ? -5.065  -3.772  -2.639  1.00 42.82  ? 9   LYS A N   1 
ATOM   49   C CA  . LYS A 1 9  ? -4.521  -4.691  -3.635  1.00 41.23  ? 9   LYS A CA  1 
ATOM   50   C C   . LYS A 1 9  ? -3.267  -4.130  -4.244  1.00 40.54  ? 9   LYS A C   1 
ATOM   51   O O   . LYS A 1 9  ? -3.294  -3.041  -4.820  1.00 40.03  ? 9   LYS A O   1 
ATOM   52   C CB  . LYS A 1 9  ? -5.566  -5.049  -4.716  1.00 44.16  ? 9   LYS A CB  1 
ATOM   53   C CG  . LYS A 1 9  ? -5.092  -6.102  -5.725  1.00 55.10  ? 9   LYS A CG  1 
ATOM   54   C CD  . LYS A 1 9  ? -6.181  -6.470  -6.708  1.00 61.00  ? 9   LYS A CD  1 
ATOM   55   C CE  . LYS A 1 9  ? -5.607  -6.965  -8.010  1.00 72.64  ? 9   LYS A CE  1 
ATOM   56   N NZ  . LYS A 1 9  ? -6.577  -6.821  -9.131  1.00 84.93  ? 9   LYS A NZ  1 
ATOM   57   N N   . ILE A 1 10 ? -2.164  -4.869  -4.106  1.00 34.19  ? 10  ILE A N   1 
ATOM   58   C CA  . ILE A 1 10 ? -0.879  -4.455  -4.665  1.00 32.61  ? 10  ILE A CA  1 
ATOM   59   C C   . ILE A 1 10 ? -0.436  -5.456  -5.716  1.00 36.40  ? 10  ILE A C   1 
ATOM   60   O O   . ILE A 1 10 ? -0.420  -6.653  -5.447  1.00 36.04  ? 10  ILE A O   1 
ATOM   61   C CB  . ILE A 1 10 ? 0.203   -4.213  -3.571  1.00 34.18  ? 10  ILE A CB  1 
ATOM   62   C CG1 . ILE A 1 10 ? -0.261  -3.162  -2.546  1.00 33.11  ? 10  ILE A CG1 1 
ATOM   63   C CG2 . ILE A 1 10 ? 1.534   -3.801  -4.212  1.00 34.34  ? 10  ILE A CG2 1 
ATOM   64   C CD1 . ILE A 1 10 ? 0.501   -3.143  -1.274  1.00 31.84  ? 10  ILE A CD1 1 
ATOM   65   N N   . VAL A 1 11 ? -0.089  -4.974  -6.907  1.00 33.54  ? 11  VAL A N   1 
ATOM   66   C CA  . VAL A 1 11 ? 0.424   -5.828  -7.978  1.00 34.81  ? 11  VAL A CA  1 
ATOM   67   C C   . VAL A 1 11 ? 1.846   -5.363  -8.299  1.00 41.80  ? 11  VAL A C   1 
ATOM   68   O O   . VAL A 1 11 ? 2.034   -4.173  -8.572  1.00 43.14  ? 11  VAL A O   1 
ATOM   69   C CB  . VAL A 1 11 ? -0.484  -5.819  -9.235  1.00 38.69  ? 11  VAL A CB  1 
ATOM   70   C CG1 . VAL A 1 11 ? 0.173   -6.552  -10.416 1.00 38.21  ? 11  VAL A CG1 1 
ATOM   71   C CG2 . VAL A 1 11 ? -1.854  -6.407  -8.920  1.00 38.75  ? 11  VAL A CG2 1 
ATOM   72   N N   . ILE A 1 12 ? 2.850   -6.266  -8.256  1.00 37.29  ? 12  ILE A N   1 
ATOM   73   C CA  . ILE A 1 12 ? 4.207   -5.841  -8.602  1.00 36.74  ? 12  ILE A CA  1 
ATOM   74   C C   . ILE A 1 12 ? 4.765   -6.710  -9.726  1.00 44.83  ? 12  ILE A C   1 
ATOM   75   O O   . ILE A 1 12 ? 4.973   -7.911  -9.521  1.00 45.43  ? 12  ILE A O   1 
ATOM   76   C CB  . ILE A 1 12 ? 5.164   -5.720  -7.380  1.00 38.36  ? 12  ILE A CB  1 
ATOM   77   C CG1 . ILE A 1 12 ? 4.622   -4.743  -6.343  1.00 37.58  ? 12  ILE A CG1 1 
ATOM   78   C CG2 . ILE A 1 12 ? 6.579   -5.304  -7.806  1.00 38.47  ? 12  ILE A CG2 1 
ATOM   79   C CD1 . ILE A 1 12 ? 5.001   -5.067  -5.066  1.00 42.24  ? 12  ILE A CD1 1 
ATOM   80   N N   . GLU A 1 13 ? 4.999   -6.098  -10.913 1.00 42.70  ? 13  GLU A N   1 
ATOM   81   C CA  . GLU A 1 13 ? 5.577   -6.771  -12.075 1.00 43.47  ? 13  GLU A CA  1 
ATOM   82   C C   . GLU A 1 13 ? 7.096   -6.596  -11.992 1.00 47.13  ? 13  GLU A C   1 
ATOM   83   O O   . GLU A 1 13 ? 7.589   -5.459  -11.973 1.00 46.21  ? 13  GLU A O   1 
ATOM   84   C CB  . GLU A 1 13 ? 5.012   -6.188  -13.392 1.00 45.72  ? 13  GLU A CB  1 
ATOM   85   C CG  . GLU A 1 13 ? 5.304   -7.014  -14.648 1.00 65.75  ? 13  GLU A CG  1 
ATOM   86   C CD  . GLU A 1 13 ? 6.469   -6.610  -15.548 1.00 105.47 ? 13  GLU A CD  1 
ATOM   87   O OE1 . GLU A 1 13 ? 7.093   -5.548  -15.314 1.00 106.81 ? 13  GLU A OE1 1 
ATOM   88   O OE2 . GLU A 1 13 ? 6.750   -7.366  -16.508 1.00 105.35 ? 13  GLU A OE2 1 
ATOM   89   N N   . PHE A 1 14 ? 7.824   -7.728  -11.904 1.00 44.27  ? 14  PHE A N   1 
ATOM   90   C CA  . PHE A 1 14 ? 9.289   -7.799  -11.802 1.00 44.51  ? 14  PHE A CA  1 
ATOM   91   C C   . PHE A 1 14 ? 9.938   -8.023  -13.169 1.00 53.37  ? 14  PHE A C   1 
ATOM   92   O O   . PHE A 1 14 ? 9.296   -8.617  -14.042 1.00 54.21  ? 14  PHE A O   1 
ATOM   93   C CB  . PHE A 1 14 ? 9.692   -8.940  -10.868 1.00 45.50  ? 14  PHE A CB  1 
ATOM   94   C CG  . PHE A 1 14 ? 9.208   -8.739  -9.462  1.00 46.51  ? 14  PHE A CG  1 
ATOM   95   C CD1 . PHE A 1 14 ? 9.978   -8.048  -8.539  1.00 49.05  ? 14  PHE A CD1 1 
ATOM   96   C CD2 . PHE A 1 14 ? 7.981   -9.240  -9.056  1.00 48.55  ? 14  PHE A CD2 1 
ATOM   97   C CE1 . PHE A 1 14 ? 9.532   -7.867  -7.234  1.00 49.81  ? 14  PHE A CE1 1 
ATOM   98   C CE2 . PHE A 1 14 ? 7.528   -9.040  -7.757  1.00 51.27  ? 14  PHE A CE2 1 
ATOM   99   C CZ  . PHE A 1 14 ? 8.310   -8.362  -6.852  1.00 49.21  ? 14  PHE A CZ  1 
ATOM   100  N N   . PRO A 1 15 ? 11.216  -7.606  -13.377 1.00 51.60  ? 15  PRO A N   1 
ATOM   101  C CA  . PRO A 1 15 ? 11.857  -7.814  -14.694 1.00 51.86  ? 15  PRO A CA  1 
ATOM   102  C C   . PRO A 1 15 ? 11.912  -9.268  -15.210 1.00 57.51  ? 15  PRO A C   1 
ATOM   103  O O   . PRO A 1 15 ? 11.725  -9.486  -16.407 1.00 57.25  ? 15  PRO A O   1 
ATOM   104  C CB  . PRO A 1 15 ? 13.258  -7.223  -14.504 1.00 53.22  ? 15  PRO A CB  1 
ATOM   105  C CG  . PRO A 1 15 ? 13.459  -7.148  -13.030 1.00 57.20  ? 15  PRO A CG  1 
ATOM   106  C CD  . PRO A 1 15 ? 12.115  -6.875  -12.463 1.00 52.85  ? 15  PRO A CD  1 
ATOM   107  N N   . SER A 1 16 ? 12.144  -10.258 -14.338 1.00 55.41  ? 16  SER A N   1 
ATOM   108  C CA  . SER A 1 16 ? 12.221  -11.645 -14.803 1.00 56.08  ? 16  SER A CA  1 
ATOM   109  C C   . SER A 1 16 ? 11.252  -12.571 -14.111 1.00 62.31  ? 16  SER A C   1 
ATOM   110  O O   . SER A 1 16 ? 10.720  -12.232 -13.056 1.00 62.76  ? 16  SER A O   1 
ATOM   111  C CB  . SER A 1 16 ? 13.643  -12.183 -14.665 1.00 59.28  ? 16  SER A CB  1 
ATOM   112  O OG  . SER A 1 16 ? 13.945  -12.520 -13.323 1.00 66.52  ? 16  SER A OG  1 
ATOM   113  N N   . GLU A 1 17 ? 11.050  -13.757 -14.685 1.00 60.30  ? 17  GLU A N   1 
ATOM   114  C CA  . GLU A 1 17 ? 10.201  -14.764 -14.073 1.00 61.78  ? 17  GLU A CA  1 
ATOM   115  C C   . GLU A 1 17 ? 10.936  -15.392 -12.884 1.00 66.07  ? 17  GLU A C   1 
ATOM   116  O O   . GLU A 1 17 ? 10.296  -15.883 -11.952 1.00 65.55  ? 17  GLU A O   1 
ATOM   117  C CB  . GLU A 1 17 ? 9.800   -15.833 -15.092 1.00 63.98  ? 17  GLU A CB  1 
ATOM   118  C CG  . GLU A 1 17 ? 8.384   -15.645 -15.615 1.00 79.60  ? 17  GLU A CG  1 
ATOM   119  C CD  . GLU A 1 17 ? 7.635   -16.912 -15.986 1.00 99.16  ? 17  GLU A CD  1 
ATOM   120  O OE1 . GLU A 1 17 ? 7.869   -17.962 -15.340 1.00 87.87  ? 17  GLU A OE1 1 
ATOM   121  O OE2 . GLU A 1 17 ? 6.798   -16.846 -16.915 1.00 90.31  ? 17  GLU A OE2 1 
ATOM   122  N N   . ASP A 1 18 ? 12.282  -15.352 -12.913 1.00 62.69  ? 18  ASP A N   1 
ATOM   123  C CA  . ASP A 1 18 ? 13.116  -15.855 -11.831 1.00 62.35  ? 18  ASP A CA  1 
ATOM   124  C C   . ASP A 1 18 ? 13.062  -14.909 -10.631 1.00 63.78  ? 18  ASP A C   1 
ATOM   125  O O   . ASP A 1 18 ? 12.881  -15.396 -9.521  1.00 64.10  ? 18  ASP A O   1 
ATOM   126  C CB  . ASP A 1 18 ? 14.563  -16.105 -12.286 1.00 64.94  ? 18  ASP A CB  1 
ATOM   127  C CG  . ASP A 1 18 ? 15.548  -16.179 -11.133 1.00 83.67  ? 18  ASP A CG  1 
ATOM   128  O OD1 . ASP A 1 18 ? 15.496  -17.180 -10.364 1.00 86.02  ? 18  ASP A OD1 1 
ATOM   129  O OD2 . ASP A 1 18 ? 16.348  -15.224 -10.974 1.00 91.01  ? 18  ASP A OD2 1 
ATOM   130  N N   . ILE A 1 19 ? 13.196  -13.570 -10.843 1.00 57.72  ? 19  ILE A N   1 
ATOM   131  C CA  . ILE A 1 19 ? 13.128  -12.572 -9.758  1.00 56.03  ? 19  ILE A CA  1 
ATOM   132  C C   . ILE A 1 19 ? 11.790  -12.720 -9.010  1.00 59.04  ? 19  ILE A C   1 
ATOM   133  O O   . ILE A 1 19 ? 11.808  -12.856 -7.780  1.00 59.33  ? 19  ILE A O   1 
ATOM   134  C CB  . ILE A 1 19 ? 13.455  -11.121 -10.214 1.00 58.13  ? 19  ILE A CB  1 
ATOM   135  C CG1 . ILE A 1 19 ? 14.953  -11.003 -10.533 1.00 58.66  ? 19  ILE A CG1 1 
ATOM   136  C CG2 . ILE A 1 19 ? 13.099  -10.102 -9.139  1.00 57.42  ? 19  ILE A CG2 1 
ATOM   137  C CD1 . ILE A 1 19 ? 15.354  -9.931  -11.547 1.00 66.21  ? 19  ILE A CD1 1 
ATOM   138  N N   . ALA A 1 20 ? 10.658  -12.820 -9.759  1.00 53.06  ? 20  ALA A N   1 
ATOM   139  C CA  . ALA A 1 20 ? 9.321   -13.039 -9.200  1.00 51.32  ? 20  ALA A CA  1 
ATOM   140  C C   . ALA A 1 20 ? 9.264   -14.295 -8.329  1.00 51.66  ? 20  ALA A C   1 
ATOM   141  O O   . ALA A 1 20 ? 8.622   -14.237 -7.292  1.00 51.26  ? 20  ALA A O   1 
ATOM   142  C CB  . ALA A 1 20 ? 8.287   -13.117 -10.303 1.00 52.05  ? 20  ALA A CB  1 
ATOM   143  N N   . GLU A 1 21 ? 9.963   -15.402 -8.706  1.00 45.98  ? 21  GLU A N   1 
ATOM   144  C CA  . GLU A 1 21 ? 10.022  -16.641 -7.910  1.00 44.98  ? 21  GLU A CA  1 
ATOM   145  C C   . GLU A 1 21 ? 10.777  -16.374 -6.622  1.00 46.11  ? 21  GLU A C   1 
ATOM   146  O O   . GLU A 1 21 ? 10.210  -16.561 -5.558  1.00 44.91  ? 21  GLU A O   1 
ATOM   147  C CB  . GLU A 1 21 ? 10.750  -17.767 -8.654  1.00 46.71  ? 21  GLU A CB  1 
ATOM   148  C CG  . GLU A 1 21 ? 9.894   -18.586 -9.597  1.00 63.39  ? 21  GLU A CG  1 
ATOM   149  C CD  . GLU A 1 21 ? 10.695  -19.572 -10.431 1.00 94.65  ? 21  GLU A CD  1 
ATOM   150  O OE1 . GLU A 1 21 ? 11.574  -19.126 -11.204 1.00 93.06  ? 21  GLU A OE1 1 
ATOM   151  O OE2 . GLU A 1 21 ? 10.438  -20.793 -10.317 1.00 90.86  ? 21  GLU A OE2 1 
ATOM   152  N N   . VAL A 1 22 ? 12.059  -15.915 -6.733  1.00 41.61  ? 22  VAL A N   1 
ATOM   153  C CA  . VAL A 1 22 ? 12.990  -15.604 -5.631  1.00 40.23  ? 22  VAL A CA  1 
ATOM   154  C C   . VAL A 1 22 ? 12.359  -14.667 -4.617  1.00 45.28  ? 22  VAL A C   1 
ATOM   155  O O   . VAL A 1 22 ? 12.444  -14.926 -3.416  1.00 45.49  ? 22  VAL A O   1 
ATOM   156  C CB  . VAL A 1 22 ? 14.372  -15.081 -6.089  1.00 42.66  ? 22  VAL A CB  1 
ATOM   157  C CG1 . VAL A 1 22 ? 15.359  -15.111 -4.931  1.00 42.05  ? 22  VAL A CG1 1 
ATOM   158  C CG2 . VAL A 1 22 ? 14.916  -15.877 -7.265  1.00 42.26  ? 22  VAL A CG2 1 
ATOM   159  N N   . VAL A 1 23 ? 11.717  -13.593 -5.095  1.00 41.85  ? 23  VAL A N   1 
ATOM   160  C CA  . VAL A 1 23 ? 11.042  -12.649 -4.219  1.00 41.83  ? 23  VAL A CA  1 
ATOM   161  C C   . VAL A 1 23 ? 9.812   -13.305 -3.566  1.00 47.33  ? 23  VAL A C   1 
ATOM   162  O O   . VAL A 1 23 ? 9.611   -13.106 -2.374  1.00 46.92  ? 23  VAL A O   1 
ATOM   163  C CB  . VAL A 1 23 ? 10.743  -11.307 -4.914  1.00 45.51  ? 23  VAL A CB  1 
ATOM   164  C CG1 . VAL A 1 23 ? 9.901   -10.398 -4.029  1.00 45.53  ? 23  VAL A CG1 1 
ATOM   165  C CG2 . VAL A 1 23 ? 12.033  -10.610 -5.300  1.00 45.25  ? 23  VAL A CG2 1 
ATOM   166  N N   . TYR A 1 24 ? 9.048   -14.132 -4.318  1.00 45.62  ? 24  TYR A N   1 
ATOM   167  C CA  . TYR A 1 24 ? 7.868   -14.830 -3.801  1.00 46.92  ? 24  TYR A CA  1 
ATOM   168  C C   . TYR A 1 24 ? 8.273   -15.762 -2.678  1.00 51.77  ? 24  TYR A C   1 
ATOM   169  O O   . TYR A 1 24 ? 7.695   -15.711 -1.601  1.00 50.58  ? 24  TYR A O   1 
ATOM   170  C CB  . TYR A 1 24 ? 7.177   -15.649 -4.908  1.00 49.67  ? 24  TYR A CB  1 
ATOM   171  C CG  . TYR A 1 24 ? 5.920   -16.355 -4.455  1.00 54.24  ? 24  TYR A CG  1 
ATOM   172  C CD1 . TYR A 1 24 ? 4.702   -15.685 -4.401  1.00 57.82  ? 24  TYR A CD1 1 
ATOM   173  C CD2 . TYR A 1 24 ? 5.946   -17.691 -4.071  1.00 55.34  ? 24  TYR A CD2 1 
ATOM   174  C CE1 . TYR A 1 24 ? 3.536   -16.326 -3.981  1.00 60.90  ? 24  TYR A CE1 1 
ATOM   175  C CE2 . TYR A 1 24 ? 4.793   -18.334 -3.609  1.00 56.85  ? 24  TYR A CE2 1 
ATOM   176  C CZ  . TYR A 1 24 ? 3.586   -17.648 -3.577  1.00 67.28  ? 24  TYR A CZ  1 
ATOM   177  O OH  . TYR A 1 24 ? 2.420   -18.258 -3.170  1.00 69.36  ? 24  TYR A OH  1 
ATOM   178  N N   . THR A 1 25 ? 9.263   -16.621 -2.958  1.00 49.69  ? 25  THR A N   1 
ATOM   179  C CA  . THR A 1 25 ? 9.830   -17.648 -2.086  1.00 49.73  ? 25  THR A CA  1 
ATOM   180  C C   . THR A 1 25 ? 10.361  -17.052 -0.775  1.00 54.14  ? 25  THR A C   1 
ATOM   181  O O   . THR A 1 25 ? 10.144  -17.646 0.284   1.00 54.49  ? 25  THR A O   1 
ATOM   182  C CB  . THR A 1 25 ? 10.864  -18.447 -2.887  1.00 57.85  ? 25  THR A CB  1 
ATOM   183  O OG1 . THR A 1 25 ? 10.196  -19.086 -3.977  1.00 55.76  ? 25  THR A OG1 1 
ATOM   184  C CG2 . THR A 1 25 ? 11.583  -19.480 -2.065  1.00 59.62  ? 25  THR A CG2 1 
ATOM   185  N N   . SER A 1 26 ? 11.008  -15.867 -0.841  1.00 49.54  ? 26  SER A N   1 
ATOM   186  C CA  . SER A 1 26 ? 11.533  -15.165 0.338   1.00 47.98  ? 26  SER A CA  1 
ATOM   187  C C   . SER A 1 26 ? 10.445  -14.468 1.154   1.00 48.91  ? 26  SER A C   1 
ATOM   188  O O   . SER A 1 26 ? 10.532  -14.480 2.381   1.00 48.20  ? 26  SER A O   1 
ATOM   189  C CB  . SER A 1 26 ? 12.607  -14.171 -0.062  1.00 50.34  ? 26  SER A CB  1 
ATOM   190  O OG  . SER A 1 26 ? 12.168  -13.394 -1.160  1.00 57.68  ? 26  SER A OG  1 
ATOM   191  N N   . VAL A 1 27 ? 9.431   -13.870 0.485   1.00 43.62  ? 27  VAL A N   1 
ATOM   192  C CA  . VAL A 1 27 ? 8.311   -13.188 1.155   1.00 42.84  ? 27  VAL A CA  1 
ATOM   193  C C   . VAL A 1 27 ? 7.326   -14.211 1.706   1.00 43.72  ? 27  VAL A C   1 
ATOM   194  O O   . VAL A 1 27 ? 6.679   -13.956 2.728   1.00 43.44  ? 27  VAL A O   1 
ATOM   195  C CB  . VAL A 1 27 ? 7.632   -12.083 0.283   1.00 47.26  ? 27  VAL A CB  1 
ATOM   196  C CG1 . VAL A 1 27 ? 6.784   -12.671 -0.836  1.00 47.37  ? 27  VAL A CG1 1 
ATOM   197  C CG2 . VAL A 1 27 ? 6.800   -11.127 1.126   1.00 46.93  ? 27  VAL A CG2 1 
ATOM   198  N N   . LEU A 1 28 ? 7.226   -15.374 1.032   1.00 37.77  ? 28  LEU A N   1 
ATOM   199  C CA  . LEU A 1 28 ? 6.326   -16.446 1.440   1.00 36.54  ? 28  LEU A CA  1 
ATOM   200  C C   . LEU A 1 28 ? 6.693   -16.878 2.845   1.00 44.04  ? 28  LEU A C   1 
ATOM   201  O O   . LEU A 1 28 ? 5.863   -16.752 3.748   1.00 45.33  ? 28  LEU A O   1 
ATOM   202  C CB  . LEU A 1 28 ? 6.356   -17.641 0.454   1.00 34.92  ? 28  LEU A CB  1 
ATOM   203  C CG  . LEU A 1 28 ? 5.744   -18.961 0.916   1.00 36.23  ? 28  LEU A CG  1 
ATOM   204  C CD1 . LEU A 1 28 ? 4.278   -18.820 1.255   1.00 35.37  ? 28  LEU A CD1 1 
ATOM   205  C CD2 . LEU A 1 28 ? 5.915   -19.979 -0.115  1.00 35.90  ? 28  LEU A CD2 1 
ATOM   206  N N   . TYR A 1 29 ? 7.973   -17.278 3.037   1.00 39.64  ? 29  TYR A N   1 
ATOM   207  C CA  . TYR A 1 29 ? 8.553   -17.786 4.279   1.00 38.16  ? 29  TYR A CA  1 
ATOM   208  C C   . TYR A 1 29 ? 8.273   -16.893 5.488   1.00 44.51  ? 29  TYR A C   1 
ATOM   209  O O   . TYR A 1 29 ? 8.163   -17.400 6.616   1.00 45.21  ? 29  TYR A O   1 
ATOM   210  C CB  . TYR A 1 29 ? 10.049  -18.056 4.088   1.00 36.98  ? 29  TYR A CB  1 
ATOM   211  C CG  . TYR A 1 29 ? 10.377  -19.095 3.031   1.00 35.80  ? 29  TYR A CG  1 
ATOM   212  C CD1 . TYR A 1 29 ? 9.382   -19.900 2.471   1.00 36.44  ? 29  TYR A CD1 1 
ATOM   213  C CD2 . TYR A 1 29 ? 11.684  -19.306 2.626   1.00 36.53  ? 29  TYR A CD2 1 
ATOM   214  C CE1 . TYR A 1 29 ? 9.685   -20.870 1.518   1.00 35.45  ? 29  TYR A CE1 1 
ATOM   215  C CE2 . TYR A 1 29 ? 12.003  -20.295 1.700   1.00 37.32  ? 29  TYR A CE2 1 
ATOM   216  C CZ  . TYR A 1 29 ? 11.002  -21.069 1.140   1.00 42.78  ? 29  TYR A CZ  1 
ATOM   217  O OH  . TYR A 1 29 ? 11.354  -21.987 0.177   1.00 43.03  ? 29  TYR A OH  1 
ATOM   218  N N   . GLU A 1 30 ? 8.089   -15.579 5.230   1.00 40.76  ? 30  GLU A N   1 
ATOM   219  C CA  . GLU A 1 30 ? 7.756   -14.580 6.236   1.00 40.45  ? 30  GLU A CA  1 
ATOM   220  C C   . GLU A 1 30 ? 6.275   -14.631 6.519   1.00 45.38  ? 30  GLU A C   1 
ATOM   221  O O   . GLU A 1 30 ? 5.892   -14.757 7.675   1.00 44.92  ? 30  GLU A O   1 
ATOM   222  C CB  . GLU A 1 30 ? 8.124   -13.177 5.751   1.00 41.51  ? 30  GLU A CB  1 
ATOM   223  C CG  . GLU A 1 30 ? 9.521   -13.034 5.190   1.00 47.96  ? 30  GLU A CG  1 
ATOM   224  C CD  . GLU A 1 30 ? 10.627  -13.260 6.190   1.00 51.17  ? 30  GLU A CD  1 
ATOM   225  O OE1 . GLU A 1 30 ? 10.369  -13.096 7.404   1.00 32.07  ? 30  GLU A OE1 1 
ATOM   226  O OE2 . GLU A 1 30 ? 11.754  -13.590 5.761   1.00 43.22  ? 30  GLU A OE2 1 
ATOM   227  N N   . HIS A 1 31 ? 5.447   -14.521 5.466   1.00 43.29  ? 31  HIS A N   1 
ATOM   228  C CA  . HIS A 1 31 ? 3.987   -14.548 5.509   1.00 44.77  ? 31  HIS A CA  1 
ATOM   229  C C   . HIS A 1 31 ? 3.469   -15.803 6.238   1.00 48.82  ? 31  HIS A C   1 
ATOM   230  O O   . HIS A 1 31 ? 2.506   -15.751 7.021   1.00 48.09  ? 31  HIS A O   1 
ATOM   231  C CB  . HIS A 1 31 ? 3.469   -14.498 4.064   1.00 46.98  ? 31  HIS A CB  1 
ATOM   232  C CG  . HIS A 1 31 ? 2.096   -15.064 3.858   1.00 51.81  ? 31  HIS A CG  1 
ATOM   233  N ND1 . HIS A 1 31 ? 0.961   -14.388 4.285   1.00 54.24  ? 31  HIS A ND1 1 
ATOM   234  C CD2 . HIS A 1 31 ? 1.720   -16.214 3.245   1.00 54.86  ? 31  HIS A CD2 1 
ATOM   235  C CE1 . HIS A 1 31 ? -0.063  -15.149 3.929   1.00 54.44  ? 31  HIS A CE1 1 
ATOM   236  N NE2 . HIS A 1 31 ? 0.343   -16.258 3.295   1.00 54.95  ? 31  HIS A NE2 1 
ATOM   237  N N   . VAL A 1 32 ? 4.138   -16.936 5.956   1.00 45.52  ? 32  VAL A N   1 
ATOM   238  C CA  . VAL A 1 32 ? 3.887   -18.274 6.484   1.00 44.02  ? 32  VAL A CA  1 
ATOM   239  C C   . VAL A 1 32 ? 4.164   -18.295 7.980   1.00 50.03  ? 32  VAL A C   1 
ATOM   240  O O   . VAL A 1 32 ? 3.549   -19.075 8.701   1.00 48.74  ? 32  VAL A O   1 
ATOM   241  C CB  . VAL A 1 32 ? 4.700   -19.280 5.650   1.00 45.90  ? 32  VAL A CB  1 
ATOM   242  C CG1 . VAL A 1 32 ? 5.654   -20.112 6.493   1.00 45.51  ? 32  VAL A CG1 1 
ATOM   243  C CG2 . VAL A 1 32 ? 3.786   -20.136 4.802   1.00 45.34  ? 32  VAL A CG2 1 
ATOM   244  N N   . SER A 1 33 ? 5.059   -17.395 8.446   1.00 50.32  ? 33  SER A N   1 
ATOM   245  C CA  . SER A 1 33 ? 5.356   -17.222 9.856   1.00 51.76  ? 33  SER A CA  1 
ATOM   246  C C   . SER A 1 33 ? 4.452   -16.115 10.360  1.00 65.21  ? 33  SER A C   1 
ATOM   247  O O   . SER A 1 33 ? 3.274   -16.381 10.599  1.00 65.82  ? 33  SER A O   1 
ATOM   248  C CB  . SER A 1 33 ? 6.818   -16.880 10.085  1.00 50.97  ? 33  SER A CB  1 
ATOM   249  O OG  . SER A 1 33 ? 6.939   -16.603 11.469  1.00 51.39  ? 33  SER A OG  1 
ATOM   250  N N   . VAL A 1 34 ? 4.975   -14.870 10.440  1.00 68.73  ? 34  VAL A N   1 
ATOM   251  C CA  . VAL A 1 34 ? 4.294   -13.646 10.893  1.00 71.67  ? 34  VAL A CA  1 
ATOM   252  C C   . VAL A 1 34 ? 3.182   -14.043 11.930  1.00 83.40  ? 34  VAL A C   1 
ATOM   253  O O   . VAL A 1 34 ? 1.984   -14.084 11.608  1.00 83.32  ? 34  VAL A O   1 
ATOM   254  C CB  . VAL A 1 34 ? 3.855   -12.749 9.689   1.00 75.30  ? 34  VAL A CB  1 
ATOM   255  C CG1 . VAL A 1 34 ? 2.678   -13.317 8.900   1.00 75.18  ? 34  VAL A CG1 1 
ATOM   256  C CG2 . VAL A 1 34 ? 3.587   -11.324 10.118  1.00 75.12  ? 34  VAL A CG2 1 
ATOM   257  N N   . PRO A 1 35 ? 3.620   -14.524 13.129  1.00 85.19  ? 35  PRO A N   1 
ATOM   258  C CA  . PRO A 1 35 ? 2.650   -15.049 14.120  1.00 86.49  ? 35  PRO A CA  1 
ATOM   259  C C   . PRO A 1 35 ? 1.574   -14.054 14.538  1.00 93.21  ? 35  PRO A C   1 
ATOM   260  O O   . PRO A 1 35 ? 0.388   -14.398 14.615  1.00 92.36  ? 35  PRO A O   1 
ATOM   261  C CB  . PRO A 1 35 ? 3.535   -15.501 15.291  1.00 88.29  ? 35  PRO A CB  1 
ATOM   262  C CG  . PRO A 1 35 ? 4.825   -14.758 15.119  1.00 92.41  ? 35  PRO A CG  1 
ATOM   263  C CD  . PRO A 1 35 ? 5.006   -14.611 13.642  1.00 87.61  ? 35  PRO A CD  1 
ATOM   264  N N   . TYR A 1 36 ? 1.997   -12.807 14.775  1.00 92.34  ? 36  TYR A N   1 
ATOM   265  C CA  . TYR A 1 36 ? 1.103   -11.718 15.111  1.00 93.35  ? 36  TYR A CA  1 
ATOM   266  C C   . TYR A 1 36 ? 0.263   -11.520 13.865  1.00 96.59  ? 36  TYR A C   1 
ATOM   267  O O   . TYR A 1 36 ? 0.824   -11.383 12.774  1.00 96.92  ? 36  TYR A O   1 
ATOM   268  C CB  . TYR A 1 36 ? 1.909   -10.444 15.474  1.00 95.73  ? 36  TYR A CB  1 
ATOM   269  C CG  . TYR A 1 36 ? 2.770   -9.850  14.370  1.00 98.64  ? 36  TYR A CG  1 
ATOM   270  C CD1 . TYR A 1 36 ? 2.377   -8.695  13.698  1.00 100.80 ? 36  TYR A CD1 1 
ATOM   271  C CD2 . TYR A 1 36 ? 3.983   -10.435 14.010  1.00 99.69  ? 36  TYR A CD2 1 
ATOM   272  C CE1 . TYR A 1 36 ? 3.158   -8.145  12.682  1.00 102.32 ? 36  TYR A CE1 1 
ATOM   273  C CE2 . TYR A 1 36 ? 4.779   -9.889  13.002  1.00 101.01 ? 36  TYR A CE2 1 
ATOM   274  C CZ  . TYR A 1 36 ? 4.360   -8.743  12.337  1.00 109.79 ? 36  TYR A CZ  1 
ATOM   275  O OH  . TYR A 1 36 ? 5.116   -8.204  11.317  1.00 110.69 ? 36  TYR A OH  1 
ATOM   276  N N   . ARG A 1 37 ? -1.053  -11.648 13.975  1.00 91.37  ? 37  ARG A N   1 
ATOM   277  C CA  . ARG A 1 37 ? -1.804  -11.461 12.753  1.00 90.23  ? 37  ARG A CA  1 
ATOM   278  C C   . ARG A 1 37 ? -2.600  -10.159 12.798  1.00 91.51  ? 37  ARG A C   1 
ATOM   279  O O   . ARG A 1 37 ? -3.729  -10.101 13.312  1.00 91.00  ? 37  ARG A O   1 
ATOM   280  C CB  . ARG A 1 37 ? -2.616  -12.699 12.343  1.00 89.93  ? 37  ARG A CB  1 
ATOM   281  C CG  . ARG A 1 37 ? -1.775  -13.732 11.547  1.00 99.64  ? 37  ARG A CG  1 
ATOM   282  C CD  . ARG A 1 37 ? -0.863  -13.194 10.412  1.00 112.48 ? 37  ARG A CD  1 
ATOM   283  N NE  . ARG A 1 37 ? -1.505  -12.214 9.519   1.00 121.54 ? 37  ARG A NE  1 
ATOM   284  C CZ  . ARG A 1 37 ? -0.960  -11.060 9.131   1.00 133.42 ? 37  ARG A CZ  1 
ATOM   285  N NH1 . ARG A 1 37 ? 0.260   -10.723 9.529   1.00 121.29 ? 37  ARG A NH1 1 
ATOM   286  N NH2 . ARG A 1 37 ? -1.631  -10.235 8.347   1.00 118.48 ? 37  ARG A NH2 1 
ATOM   287  N N   . ARG A 1 38 ? -1.935  -9.098  12.271  1.00 85.97  ? 38  ARG A N   1 
ATOM   288  C CA  . ARG A 1 38 ? -2.403  -7.713  12.147  1.00 85.10  ? 38  ARG A CA  1 
ATOM   289  C C   . ARG A 1 38 ? -3.786  -7.628  11.479  1.00 86.01  ? 38  ARG A C   1 
ATOM   290  O O   . ARG A 1 38 ? -4.672  -6.937  12.013  1.00 85.44  ? 38  ARG A O   1 
ATOM   291  C CB  . ARG A 1 38 ? -1.402  -6.870  11.332  1.00 86.33  ? 38  ARG A CB  1 
ATOM   292  C CG  . ARG A 1 38 ? -0.028  -6.696  11.957  1.00 96.58  ? 38  ARG A CG  1 
ATOM   293  C CD  . ARG A 1 38 ? 0.799   -5.673  11.188  1.00 97.98  ? 38  ARG A CD  1 
ATOM   294  N NE  . ARG A 1 38 ? 0.549   -4.317  11.683  1.00 95.74  ? 38  ARG A NE  1 
ATOM   295  C CZ  . ARG A 1 38 ? 1.458   -3.561  12.289  1.00 104.07 ? 38  ARG A CZ  1 
ATOM   296  N NH1 . ARG A 1 38 ? 2.704   -3.997  12.439  1.00 83.68  ? 38  ARG A NH1 1 
ATOM   297  N NH2 . ARG A 1 38 ? 1.135   -2.350  12.731  1.00 91.40  ? 38  ARG A NH2 1 
ATOM   298  N N   . SER A 1 39 ? -3.940  -8.327  10.296  1.00 79.23  ? 39  SER A N   1 
ATOM   299  C CA  . SER A 1 39 ? -5.130  -8.450  9.428   1.00 76.98  ? 39  SER A CA  1 
ATOM   300  C C   . SER A 1 39 ? -4.788  -9.165  8.091   1.00 73.76  ? 39  SER A C   1 
ATOM   301  O O   . SER A 1 39 ? -3.792  -8.805  7.468   1.00 73.50  ? 39  SER A O   1 
ATOM   302  C CB  . SER A 1 39 ? -5.756  -7.083  9.154   1.00 81.81  ? 39  SER A CB  1 
ATOM   303  O OG  . SER A 1 39 ? -6.578  -6.603  10.211  1.00 90.63  ? 39  SER A OG  1 
ATOM   304  N N   . ARG A 1 40 ? -5.668  -10.115 7.641   1.00 65.18  ? 40  ARG A N   1 
ATOM   305  C CA  . ARG A 1 40 ? -5.609  -11.027 6.465   1.00 63.00  ? 40  ARG A CA  1 
ATOM   306  C C   . ARG A 1 40 ? -4.965  -10.457 5.219   1.00 63.21  ? 40  ARG A C   1 
ATOM   307  O O   . ARG A 1 40 ? -5.305  -9.359  4.804   1.00 62.46  ? 40  ARG A O   1 
ATOM   308  C CB  . ARG A 1 40 ? -6.979  -11.643 6.084   1.00 62.85  ? 40  ARG A CB  1 
ATOM   309  C CG  . ARG A 1 40 ? -8.216  -10.971 6.676   1.00 76.20  ? 40  ARG A CG  1 
ATOM   310  C CD  . ARG A 1 40 ? -9.428  -11.876 6.608   1.00 92.56  ? 40  ARG A CD  1 
ATOM   311  N NE  . ARG A 1 40 ? -10.513 -11.303 5.805   1.00 110.52 ? 40  ARG A NE  1 
ATOM   312  C CZ  . ARG A 1 40 ? -10.791 -11.654 4.550   1.00 129.37 ? 40  ARG A CZ  1 
ATOM   313  N NH1 . ARG A 1 40 ? -11.800 -11.084 3.902   1.00 115.62 ? 40  ARG A NH1 1 
ATOM   314  N NH2 . ARG A 1 40 ? -10.058 -12.576 3.931   1.00 117.94 ? 40  ARG A NH2 1 
ATOM   315  N N   . VAL A 1 41 ? -4.043  -11.230 4.621   1.00 59.00  ? 41  VAL A N   1 
ATOM   316  C CA  . VAL A 1 41 ? -3.246  -10.848 3.455   1.00 59.71  ? 41  VAL A CA  1 
ATOM   317  C C   . VAL A 1 41 ? -2.916  -12.045 2.547   1.00 65.55  ? 41  VAL A C   1 
ATOM   318  O O   . VAL A 1 41 ? -1.806  -12.578 2.577   1.00 65.19  ? 41  VAL A O   1 
ATOM   319  C CB  . VAL A 1 41 ? -1.977  -10.044 3.877   1.00 64.29  ? 41  VAL A CB  1 
ATOM   320  C CG1 . VAL A 1 41 ? -1.249  -10.703 5.049   1.00 64.03  ? 41  VAL A CG1 1 
ATOM   321  C CG2 . VAL A 1 41 ? -1.027  -9.781  2.695   1.00 64.39  ? 41  VAL A CG2 1 
ATOM   322  N N   . ASN A 1 42 ? -3.869  -12.455 1.716   1.00 64.16  ? 42  ASN A N   1 
ATOM   323  C CA  . ASN A 1 42 ? -3.581  -13.557 0.807   1.00 64.56  ? 42  ASN A CA  1 
ATOM   324  C C   . ASN A 1 42 ? -2.903  -13.017 -0.450  1.00 67.17  ? 42  ASN A C   1 
ATOM   325  O O   . ASN A 1 42 ? -3.383  -12.071 -1.072  1.00 66.36  ? 42  ASN A O   1 
ATOM   326  C CB  . ASN A 1 42 ? -4.800  -14.454 0.542   1.00 68.64  ? 42  ASN A CB  1 
ATOM   327  C CG  . ASN A 1 42 ? -5.865  -13.887 -0.366  1.00 103.23 ? 42  ASN A CG  1 
ATOM   328  O OD1 . ASN A 1 42 ? -6.094  -14.409 -1.464  1.00 99.21  ? 42  ASN A OD1 1 
ATOM   329  N ND2 . ASN A 1 42 ? -6.554  -12.826 0.076   1.00 96.54  ? 42  ASN A ND2 1 
ATOM   330  N N   . PHE A 1 43 ? -1.739  -13.565 -0.758  1.00 63.13  ? 43  PHE A N   1 
ATOM   331  C CA  . PHE A 1 43 ? -0.947  -13.124 -1.888  1.00 62.43  ? 43  PHE A CA  1 
ATOM   332  C C   . PHE A 1 43 ? -0.467  -14.310 -2.721  1.00 63.65  ? 43  PHE A C   1 
ATOM   333  O O   . PHE A 1 43 ? -0.097  -15.342 -2.154  1.00 64.38  ? 43  PHE A O   1 
ATOM   334  C CB  . PHE A 1 43 ? 0.233   -12.277 -1.374  1.00 64.57  ? 43  PHE A CB  1 
ATOM   335  C CG  . PHE A 1 43 ? 1.471   -13.060 -1.006  1.00 66.08  ? 43  PHE A CG  1 
ATOM   336  C CD1 . PHE A 1 43 ? 1.513   -13.816 0.156   1.00 68.54  ? 43  PHE A CD1 1 
ATOM   337  C CD2 . PHE A 1 43 ? 2.583   -13.060 -1.835  1.00 68.43  ? 43  PHE A CD2 1 
ATOM   338  C CE1 . PHE A 1 43 ? 2.642   -14.561 0.472   1.00 69.81  ? 43  PHE A CE1 1 
ATOM   339  C CE2 . PHE A 1 43 ? 3.710   -13.805 -1.513  1.00 71.17  ? 43  PHE A CE2 1 
ATOM   340  C CZ  . PHE A 1 43 ? 3.733   -14.550 -0.362  1.00 69.18  ? 43  PHE A CZ  1 
ATOM   341  N N   . ARG A 1 44 ? -0.451  -14.163 -4.054  1.00 56.66  ? 44  ARG A N   1 
ATOM   342  C CA  . ARG A 1 44 ? -0.015  -15.238 -4.943  1.00 54.95  ? 44  ARG A CA  1 
ATOM   343  C C   . ARG A 1 44 ? 0.888   -14.729 -6.054  1.00 55.58  ? 44  ARG A C   1 
ATOM   344  O O   . ARG A 1 44 ? 0.885   -13.529 -6.322  1.00 54.95  ? 44  ARG A O   1 
ATOM   345  C CB  . ARG A 1 44 ? -1.237  -16.049 -5.473  1.00 55.19  ? 44  ARG A CB  1 
ATOM   346  C CG  . ARG A 1 44 ? -1.983  -15.552 -6.732  1.00 63.81  ? 44  ARG A CG  1 
ATOM   347  C CD  . ARG A 1 44 ? -2.899  -14.349 -6.538  1.00 82.12  ? 44  ARG A CD  1 
ATOM   348  N NE  . ARG A 1 44 ? -3.837  -14.460 -5.414  1.00 96.35  ? 44  ARG A NE  1 
ATOM   349  C CZ  . ARG A 1 44 ? -4.833  -13.603 -5.176  1.00 109.31 ? 44  ARG A CZ  1 
ATOM   350  N NH1 . ARG A 1 44 ? -5.625  -13.773 -4.127  1.00 93.76  ? 44  ARG A NH1 1 
ATOM   351  N NH2 . ARG A 1 44 ? -5.062  -12.589 -6.007  1.00 93.35  ? 44  ARG A NH2 1 
ATOM   352  N N   . ARG A 1 45 ? 1.676   -15.629 -6.681  1.00 50.80  ? 45  ARG A N   1 
ATOM   353  C CA  . ARG A 1 45 ? 2.543   -15.292 -7.821  1.00 50.53  ? 45  ARG A CA  1 
ATOM   354  C C   . ARG A 1 45 ? 1.851   -15.638 -9.154  1.00 56.13  ? 45  ARG A C   1 
ATOM   355  O O   . ARG A 1 45 ? 1.468   -16.785 -9.392  1.00 56.44  ? 45  ARG A O   1 
ATOM   356  C CB  . ARG A 1 45 ? 3.915   -15.976 -7.724  1.00 48.20  ? 45  ARG A CB  1 
ATOM   357  C CG  . ARG A 1 45 ? 4.834   -15.739 -8.921  1.00 51.96  ? 45  ARG A CG  1 
ATOM   358  C CD  . ARG A 1 45 ? 6.068   -16.600 -8.789  1.00 60.30  ? 45  ARG A CD  1 
ATOM   359  N NE  . ARG A 1 45 ? 6.790   -16.708 -10.053 1.00 71.51  ? 45  ARG A NE  1 
ATOM   360  C CZ  . ARG A 1 45 ? 6.652   -17.714 -10.910 1.00 91.01  ? 45  ARG A CZ  1 
ATOM   361  N NH1 . ARG A 1 45 ? 5.819   -18.714 -10.645 1.00 81.56  ? 45  ARG A NH1 1 
ATOM   362  N NH2 . ARG A 1 45 ? 7.349   -17.730 -12.040 1.00 79.91  ? 45  ARG A NH2 1 
ATOM   363  N N   . GLU A 1 46 ? 1.691   -14.637 -10.009 1.00 53.27  ? 46  GLU A N   1 
ATOM   364  C CA  . GLU A 1 46 ? 1.063   -14.806 -11.304 1.00 53.50  ? 46  GLU A CA  1 
ATOM   365  C C   . GLU A 1 46 ? 2.105   -14.440 -12.358 1.00 58.00  ? 46  GLU A C   1 
ATOM   366  O O   . GLU A 1 46 ? 2.180   -13.290 -12.808 1.00 58.97  ? 46  GLU A O   1 
ATOM   367  C CB  . GLU A 1 46 ? -0.234  -13.967 -11.405 1.00 55.20  ? 46  GLU A CB  1 
ATOM   368  C CG  . GLU A 1 46 ? -1.370  -14.483 -10.520 1.00 70.12  ? 46  GLU A CG  1 
ATOM   369  C CD  . GLU A 1 46 ? -2.708  -13.752 -10.553 1.00 98.14  ? 46  GLU A CD  1 
ATOM   370  O OE1 . GLU A 1 46 ? -3.503  -13.940 -9.602  1.00 86.60  ? 46  GLU A OE1 1 
ATOM   371  O OE2 . GLU A 1 46 ? -2.969  -13.001 -11.522 1.00 95.75  ? 46  GLU A OE2 1 
ATOM   372  N N   . GLY A 1 47 ? 2.955   -15.416 -12.669 1.00 53.43  ? 47  GLY A N   1 
ATOM   373  C CA  . GLY A 1 47 ? 4.023   -15.299 -13.656 1.00 53.00  ? 47  GLY A CA  1 
ATOM   374  C C   . GLY A 1 47 ? 5.178   -14.442 -13.198 1.00 57.02  ? 47  GLY A C   1 
ATOM   375  O O   . GLY A 1 47 ? 5.854   -14.777 -12.224 1.00 57.12  ? 47  GLY A O   1 
ATOM   376  N N   . ARG A 1 48 ? 5.401   -13.330 -13.916 1.00 53.47  ? 48  ARG A N   1 
ATOM   377  C CA  . ARG A 1 48 ? 6.430   -12.315 -13.659 1.00 53.00  ? 48  ARG A CA  1 
ATOM   378  C C   . ARG A 1 48 ? 5.960   -11.409 -12.513 1.00 55.30  ? 48  ARG A C   1 
ATOM   379  O O   . ARG A 1 48 ? 6.785   -10.744 -11.888 1.00 54.81  ? 48  ARG A O   1 
ATOM   380  C CB  . ARG A 1 48 ? 6.586   -11.443 -14.917 1.00 54.80  ? 48  ARG A CB  1 
ATOM   381  C CG  . ARG A 1 48 ? 7.991   -11.315 -15.481 1.00 71.07  ? 48  ARG A CG  1 
ATOM   382  C CD  . ARG A 1 48 ? 8.000   -10.244 -16.564 1.00 88.27  ? 48  ARG A CD  1 
ATOM   383  N NE  . ARG A 1 48 ? 9.119   -10.377 -17.503 1.00 107.47 ? 48  ARG A NE  1 
ATOM   384  C CZ  . ARG A 1 48 ? 8.991   -10.419 -18.830 1.00 127.57 ? 48  ARG A CZ  1 
ATOM   385  N NH1 . ARG A 1 48 ? 7.793   -10.300 -19.394 1.00 118.85 ? 48  ARG A NH1 1 
ATOM   386  N NH2 . ARG A 1 48 ? 10.065  -10.533 -19.603 1.00 113.51 ? 48  ARG A NH2 1 
ATOM   387  N N   . ARG A 1 49 ? 4.623   -11.360 -12.278 1.00 50.94  ? 49  ARG A N   1 
ATOM   388  C CA  . ARG A 1 49 ? 3.935   -10.513 -11.289 1.00 50.20  ? 49  ARG A CA  1 
ATOM   389  C C   . ARG A 1 49 ? 3.648   -11.205 -9.959  1.00 51.05  ? 49  ARG A C   1 
ATOM   390  O O   . ARG A 1 49 ? 3.529   -12.430 -9.903  1.00 50.59  ? 49  ARG A O   1 
ATOM   391  C CB  . ARG A 1 49 ? 2.592   -9.984  -11.856 1.00 52.30  ? 49  ARG A CB  1 
ATOM   392  C CG  . ARG A 1 49 ? 2.683   -9.047  -13.069 1.00 67.55  ? 49  ARG A CG  1 
ATOM   393  C CD  . ARG A 1 49 ? 1.378   -8.978  -13.853 1.00 88.09  ? 49  ARG A CD  1 
ATOM   394  N NE  . ARG A 1 49 ? 0.939   -10.305 -14.307 1.00 106.58 ? 49  ARG A NE  1 
ATOM   395  C CZ  . ARG A 1 49 ? -0.328  -10.697 -14.407 1.00 123.21 ? 49  ARG A CZ  1 
ATOM   396  N NH1 . ARG A 1 49 ? -1.317  -9.862  -14.100 1.00 111.37 ? 49  ARG A NH1 1 
ATOM   397  N NH2 . ARG A 1 49 ? -0.620  -11.926 -14.815 1.00 108.15 ? 49  ARG A NH2 1 
ATOM   398  N N   . ILE A 1 50 ? 3.510   -10.392 -8.892  1.00 45.49  ? 50  ILE A N   1 
ATOM   399  C CA  . ILE A 1 50 ? 3.126   -10.822 -7.543  1.00 44.25  ? 50  ILE A CA  1 
ATOM   400  C C   . ILE A 1 50 ? 1.860   -10.040 -7.194  1.00 45.24  ? 50  ILE A C   1 
ATOM   401  O O   . ILE A 1 50 ? 1.802   -8.815  -7.390  1.00 43.16  ? 50  ILE A O   1 
ATOM   402  C CB  . ILE A 1 50 ? 4.263   -10.742 -6.456  1.00 47.14  ? 50  ILE A CB  1 
ATOM   403  C CG1 . ILE A 1 50 ? 5.330   -11.828 -6.703  1.00 47.48  ? 50  ILE A CG1 1 
ATOM   404  C CG2 . ILE A 1 50 ? 3.707   -10.875 -5.020  1.00 47.58  ? 50  ILE A CG2 1 
ATOM   405  C CD1 . ILE A 1 50 ? 6.500   -11.833 -5.740  1.00 53.95  ? 50  ILE A CD1 1 
ATOM   406  N N   . VAL A 1 51 ? 0.825   -10.777 -6.756  1.00 40.88  ? 51  VAL A N   1 
ATOM   407  C CA  . VAL A 1 51 ? -0.461  -10.203 -6.396  1.00 40.34  ? 51  VAL A CA  1 
ATOM   408  C C   . VAL A 1 51 ? -0.707  -10.309 -4.903  1.00 45.84  ? 51  VAL A C   1 
ATOM   409  O O   . VAL A 1 51 ? -0.831  -11.412 -4.374  1.00 45.12  ? 51  VAL A O   1 
ATOM   410  C CB  . VAL A 1 51 ? -1.638  -10.775 -7.202  1.00 43.29  ? 51  VAL A CB  1 
ATOM   411  C CG1 . VAL A 1 51 ? -2.765  -9.750  -7.278  1.00 43.01  ? 51  VAL A CG1 1 
ATOM   412  C CG2 . VAL A 1 51 ? -1.202  -11.214 -8.596  1.00 42.90  ? 51  VAL A CG2 1 
ATOM   413  N N   . LEU A 1 52 ? -0.794  -9.141  -4.242  1.00 43.25  ? 52  LEU A N   1 
ATOM   414  C CA  . LEU A 1 52 ? -1.023  -8.951  -2.813  1.00 42.87  ? 52  LEU A CA  1 
ATOM   415  C C   . LEU A 1 52 ? -2.421  -8.434  -2.577  1.00 46.16  ? 52  LEU A C   1 
ATOM   416  O O   . LEU A 1 52 ? -2.839  -7.473  -3.210  1.00 45.47  ? 52  LEU A O   1 
ATOM   417  C CB  . LEU A 1 52 ? -0.015  -7.938  -2.280  1.00 42.98  ? 52  LEU A CB  1 
ATOM   418  C CG  . LEU A 1 52 ? 1.065   -8.507  -1.408  1.00 47.42  ? 52  LEU A CG  1 
ATOM   419  C CD1 . LEU A 1 52 ? 2.373   -8.596  -2.174  1.00 47.46  ? 52  LEU A CD1 1 
ATOM   420  C CD2 . LEU A 1 52 ? 1.187   -7.695  -0.132  1.00 49.12  ? 52  LEU A CD2 1 
ATOM   421  N N   . GLU A 1 53 ? -3.132  -9.043  -1.654  1.00 44.00  ? 53  GLU A N   1 
ATOM   422  C CA  . GLU A 1 53 ? -4.506  -8.663  -1.394  1.00 45.07  ? 53  GLU A CA  1 
ATOM   423  C C   . GLU A 1 53 ? -4.789  -8.597  0.118   1.00 47.99  ? 53  GLU A C   1 
ATOM   424  O O   . GLU A 1 53 ? -5.330  -9.534  0.707   1.00 48.01  ? 53  GLU A O   1 
ATOM   425  C CB  . GLU A 1 53 ? -5.455  -9.631  -2.155  1.00 47.36  ? 53  GLU A CB  1 
ATOM   426  C CG  . GLU A 1 53 ? -6.665  -8.975  -2.805  1.00 66.22  ? 53  GLU A CG  1 
ATOM   427  C CD  . GLU A 1 53 ? -7.936  -9.004  -1.972  1.00 101.16 ? 53  GLU A CD  1 
ATOM   428  O OE1 . GLU A 1 53 ? -8.442  -7.908  -1.629  1.00 101.56 ? 53  GLU A OE1 1 
ATOM   429  O OE2 . GLU A 1 53 ? -8.426  -10.118 -1.665  1.00 93.33  ? 53  GLU A OE2 1 
ATOM   430  N N   . ILE A 1 54 ? -4.405  -7.484  0.738   1.00 43.71  ? 54  ILE A N   1 
ATOM   431  C CA  . ILE A 1 54 ? -4.625  -7.220  2.164   1.00 43.26  ? 54  ILE A CA  1 
ATOM   432  C C   . ILE A 1 54 ? -6.091  -6.814  2.391   1.00 49.98  ? 54  ILE A C   1 
ATOM   433  O O   . ILE A 1 54 ? -6.717  -6.171  1.539   1.00 50.23  ? 54  ILE A O   1 
ATOM   434  C CB  . ILE A 1 54 ? -3.644  -6.134  2.722   1.00 45.36  ? 54  ILE A CB  1 
ATOM   435  C CG1 . ILE A 1 54 ? -2.191  -6.399  2.308   1.00 44.81  ? 54  ILE A CG1 1 
ATOM   436  C CG2 . ILE A 1 54 ? -3.755  -5.997  4.239   1.00 45.52  ? 54  ILE A CG2 1 
ATOM   437  C CD1 . ILE A 1 54 ? -1.662  -5.471  1.374   1.00 47.37  ? 54  ILE A CD1 1 
ATOM   438  N N   . GLU A 1 55 ? -6.627  -7.215  3.548   1.00 47.66  ? 55  GLU A N   1 
ATOM   439  C CA  . GLU A 1 55 ? -7.972  -6.915  4.041   1.00 47.64  ? 55  GLU A CA  1 
ATOM   440  C C   . GLU A 1 55 ? -7.695  -6.589  5.516   1.00 48.79  ? 55  GLU A C   1 
ATOM   441  O O   . GLU A 1 55 ? -7.470  -7.500  6.297   1.00 47.61  ? 55  GLU A O   1 
ATOM   442  C CB  . GLU A 1 55 ? -8.934  -8.137  3.854   1.00 49.63  ? 55  GLU A CB  1 
ATOM   443  C CG  . GLU A 1 55 ? -8.980  -8.755  2.442   1.00 67.50  ? 55  GLU A CG  1 
ATOM   444  C CD  . GLU A 1 55 ? -8.467  -10.183 2.228   1.00 105.28 ? 55  GLU A CD  1 
ATOM   445  O OE1 . GLU A 1 55 ? -9.166  -10.963 1.541   1.00 110.03 ? 55  GLU A OE1 1 
ATOM   446  O OE2 . GLU A 1 55 ? -7.366  -10.522 2.724   1.00 102.66 ? 55  GLU A OE2 1 
ATOM   447  N N   . ALA A 1 56 ? -7.546  -5.298  5.852   1.00 45.48  ? 56  ALA A N   1 
ATOM   448  C CA  . ALA A 1 56 ? -7.194  -4.831  7.201   1.00 45.66  ? 56  ALA A CA  1 
ATOM   449  C C   . ALA A 1 56 ? -8.352  -4.200  8.004   1.00 51.84  ? 56  ALA A C   1 
ATOM   450  O O   . ALA A 1 56 ? -9.389  -3.847  7.437   1.00 51.74  ? 56  ALA A O   1 
ATOM   451  C CB  . ALA A 1 56 ? -6.007  -3.885  7.138   1.00 46.37  ? 56  ALA A CB  1 
ATOM   452  N N   . ASN A 1 57 ? -8.170  -4.078  9.331   1.00 50.61  ? 57  ASN A N   1 
ATOM   453  C CA  . ASN A 1 57 ? -9.189  -3.576  10.265  1.00 51.95  ? 57  ASN A CA  1 
ATOM   454  C C   . ASN A 1 57 ? -9.118  -2.066  10.557  1.00 56.97  ? 57  ASN A C   1 
ATOM   455  O O   . ASN A 1 57 ? -10.150 -1.440  10.815  1.00 56.99  ? 57  ASN A O   1 
ATOM   456  C CB  . ASN A 1 57 ? -9.157  -4.390  11.566  1.00 56.35  ? 57  ASN A CB  1 
ATOM   457  C CG  . ASN A 1 57 ? -9.865  -5.724  11.443  1.00 93.09  ? 57  ASN A CG  1 
ATOM   458  O OD1 . ASN A 1 57 ? -10.865 -5.966  12.118  1.00 95.91  ? 57  ASN A OD1 1 
ATOM   459  N ND2 . ASN A 1 57 ? -9.386  -6.624  10.575  1.00 83.37  ? 57  ASN A ND2 1 
ATOM   460  N N   . ASP A 1 58 ? -7.913  -1.496  10.536  1.00 53.68  ? 58  ASP A N   1 
ATOM   461  C CA  . ASP A 1 58 ? -7.675  -0.070  10.750  1.00 53.59  ? 58  ASP A CA  1 
ATOM   462  C C   . ASP A 1 58 ? -6.549  0.391   9.834   1.00 56.59  ? 58  ASP A C   1 
ATOM   463  O O   . ASP A 1 58 ? -6.064  -0.393  9.015   1.00 55.35  ? 58  ASP A O   1 
ATOM   464  C CB  . ASP A 1 58 ? -7.418  0.272   12.249  1.00 55.76  ? 58  ASP A CB  1 
ATOM   465  C CG  . ASP A 1 58 ? -6.425  -0.599  13.021  1.00 64.33  ? 58  ASP A CG  1 
ATOM   466  O OD1 . ASP A 1 58 ? -6.831  -1.208  14.028  1.00 62.40  ? 58  ASP A OD1 1 
ATOM   467  O OD2 . ASP A 1 58 ? -5.234  -0.632  12.641  1.00 74.08  ? 58  ASP A OD2 1 
ATOM   468  N N   . SER A 1 59 ? -6.146  1.653   9.950   1.00 53.98  ? 59  SER A N   1 
ATOM   469  C CA  . SER A 1 59 ? -5.074  2.212   9.123   1.00 54.54  ? 59  SER A CA  1 
ATOM   470  C C   . SER A 1 59 ? -3.673  1.731   9.560   1.00 56.21  ? 59  SER A C   1 
ATOM   471  O O   . SER A 1 59 ? -2.807  1.504   8.711   1.00 54.53  ? 59  SER A O   1 
ATOM   472  C CB  . SER A 1 59 ? -5.163  3.733   9.115   1.00 60.56  ? 59  SER A CB  1 
ATOM   473  O OG  . SER A 1 59 ? -6.500  4.134   8.849   1.00 72.95  ? 59  SER A OG  1 
ATOM   474  N N   . SER A 1 60 ? -3.470  1.560   10.885  1.00 51.87  ? 60  SER A N   1 
ATOM   475  C CA  . SER A 1 60 ? -2.223  1.076   11.466  1.00 51.12  ? 60  SER A CA  1 
ATOM   476  C C   . SER A 1 60 ? -1.953  -0.318  10.954  1.00 52.51  ? 60  SER A C   1 
ATOM   477  O O   . SER A 1 60 ? -0.832  -0.600  10.528  1.00 52.13  ? 60  SER A O   1 
ATOM   478  C CB  . SER A 1 60 ? -2.303  1.075   12.989  1.00 55.75  ? 60  SER A CB  1 
ATOM   479  O OG  . SER A 1 60 ? -2.510  2.389   13.479  1.00 67.53  ? 60  SER A OG  1 
ATOM   480  N N   . ALA A 1 61 ? -3.003  -1.166  10.923  1.00 47.58  ? 61  ALA A N   1 
ATOM   481  C CA  . ALA A 1 61 ? -2.929  -2.535  10.419  1.00 47.03  ? 61  ALA A CA  1 
ATOM   482  C C   . ALA A 1 61 ? -2.573  -2.543  8.945   1.00 50.33  ? 61  ALA A C   1 
ATOM   483  O O   . ALA A 1 61 ? -1.765  -3.376  8.539   1.00 50.11  ? 61  ALA A O   1 
ATOM   484  C CB  . ALA A 1 61 ? -4.241  -3.260  10.642  1.00 47.81  ? 61  ALA A CB  1 
ATOM   485  N N   . MET A 1 62 ? -3.130  -1.585  8.154   1.00 45.92  ? 62  MET A N   1 
ATOM   486  C CA  . MET A 1 62 ? -2.852  -1.471  6.718   1.00 44.55  ? 62  MET A CA  1 
ATOM   487  C C   . MET A 1 62 ? -1.431  -1.027  6.457   1.00 46.03  ? 62  MET A C   1 
ATOM   488  O O   . MET A 1 62 ? -0.702  -1.706  5.735   1.00 45.54  ? 62  MET A O   1 
ATOM   489  C CB  . MET A 1 62 ? -3.848  -0.556  6.001   1.00 46.64  ? 62  MET A CB  1 
ATOM   490  C CG  . MET A 1 62 ? -3.795  -0.720  4.510   1.00 50.16  ? 62  MET A CG  1 
ATOM   491  S SD  . MET A 1 62 ? -4.037  -2.447  4.050   1.00 54.57  ? 62  MET A SD  1 
ATOM   492  C CE  . MET A 1 62 ? -3.894  -2.342  2.364   1.00 51.41  ? 62  MET A CE  1 
ATOM   493  N N   . ARG A 1 63 ? -1.039  0.095   7.072   1.00 41.10  ? 63  ARG A N   1 
ATOM   494  C CA  . ARG A 1 63 ? 0.303   0.670   6.989   1.00 40.32  ? 63  ARG A CA  1 
ATOM   495  C C   . ARG A 1 63 ? 1.345   -0.385  7.373   1.00 39.92  ? 63  ARG A C   1 
ATOM   496  O O   . ARG A 1 63 ? 2.321   -0.584  6.657   1.00 37.68  ? 63  ARG A O   1 
ATOM   497  C CB  . ARG A 1 63 ? 0.394   1.893   7.925   1.00 42.55  ? 63  ARG A CB  1 
ATOM   498  C CG  . ARG A 1 63 ? 1.759   2.534   7.991   1.00 52.57  ? 63  ARG A CG  1 
ATOM   499  C CD  . ARG A 1 63 ? 1.665   3.989   7.678   1.00 60.13  ? 63  ARG A CD  1 
ATOM   500  N NE  . ARG A 1 63 ? 2.052   4.815   8.817   1.00 72.41  ? 63  ARG A NE  1 
ATOM   501  C CZ  . ARG A 1 63 ? 3.305   5.112   9.136   1.00 84.50  ? 63  ARG A CZ  1 
ATOM   502  N NH1 . ARG A 1 63 ? 4.313   4.598   8.443   1.00 55.85  ? 63  ARG A NH1 1 
ATOM   503  N NH2 . ARG A 1 63 ? 3.563   5.898   10.173  1.00 81.30  ? 63  ARG A NH2 1 
ATOM   504  N N   . GLY A 1 64 ? 1.100   -1.051  8.489   1.00 35.52  ? 64  GLY A N   1 
ATOM   505  C CA  . GLY A 1 64 ? 1.967   -2.104  8.961   1.00 35.97  ? 64  GLY A CA  1 
ATOM   506  C C   . GLY A 1 64 ? 2.123   -3.230  7.954   1.00 41.04  ? 64  GLY A C   1 
ATOM   507  O O   . GLY A 1 64 ? 3.262   -3.591  7.649   1.00 42.44  ? 64  GLY A O   1 
ATOM   508  N N   . THR A 1 65 ? 0.986   -3.780  7.406   1.00 34.80  ? 65  THR A N   1 
ATOM   509  C CA  . THR A 1 65 ? 1.012   -4.908  6.454   1.00 33.19  ? 65  THR A CA  1 
ATOM   510  C C   . THR A 1 65 ? 1.731   -4.537  5.167   1.00 34.26  ? 65  THR A C   1 
ATOM   511  O O   . THR A 1 65 ? 2.694   -5.211  4.762   1.00 33.36  ? 65  THR A O   1 
ATOM   512  C CB  . THR A 1 65 ? -0.392  -5.497  6.203   1.00 45.35  ? 65  THR A CB  1 
ATOM   513  O OG1 . THR A 1 65 ? -1.029  -5.812  7.442   1.00 53.58  ? 65  THR A OG1 1 
ATOM   514  C CG2 . THR A 1 65 ? -0.341  -6.768  5.392   1.00 44.21  ? 65  THR A CG2 1 
ATOM   515  N N   . VAL A 1 66 ? 1.272   -3.443  4.547   1.00 29.12  ? 66  VAL A N   1 
ATOM   516  C CA  . VAL A 1 66 ? 1.821   -2.915  3.312   1.00 28.14  ? 66  VAL A CA  1 
ATOM   517  C C   . VAL A 1 66 ? 3.309   -2.657  3.502   1.00 34.32  ? 66  VAL A C   1 
ATOM   518  O O   . VAL A 1 66 ? 4.102   -3.036  2.637   1.00 35.44  ? 66  VAL A O   1 
ATOM   519  C CB  . VAL A 1 66 ? 1.046   -1.656  2.874   1.00 31.02  ? 66  VAL A CB  1 
ATOM   520  C CG1 . VAL A 1 66 ? 1.883   -0.749  1.988   1.00 31.07  ? 66  VAL A CG1 1 
ATOM   521  C CG2 . VAL A 1 66 ? -0.249  -2.028  2.183   1.00 30.55  ? 66  VAL A CG2 1 
ATOM   522  N N   . ASN A 1 67 ? 3.694   -2.059  4.652   1.00 30.34  ? 67  ASN A N   1 
ATOM   523  C CA  . ASN A 1 67 ? 5.089   -1.739  4.918   1.00 29.44  ? 67  ASN A CA  1 
ATOM   524  C C   . ASN A 1 67 ? 5.943   -2.981  4.876   1.00 35.44  ? 67  ASN A C   1 
ATOM   525  O O   . ASN A 1 67 ? 6.813   -3.080  4.017   1.00 34.75  ? 67  ASN A O   1 
ATOM   526  C CB  . ASN A 1 67 ? 5.268   -0.961  6.217   1.00 24.17  ? 67  ASN A CB  1 
ATOM   527  C CG  . ASN A 1 67 ? 6.458   -0.059  6.152   1.00 47.15  ? 67  ASN A CG  1 
ATOM   528  O OD1 . ASN A 1 67 ? 6.404   1.018   5.556   1.00 52.59  ? 67  ASN A OD1 1 
ATOM   529  N ND2 . ASN A 1 67 ? 7.571   -0.491  6.727   1.00 34.99  ? 67  ASN A ND2 1 
ATOM   530  N N   . SER A 1 68 ? 5.614   -3.967  5.730   1.00 34.37  ? 68  SER A N   1 
ATOM   531  C CA  . SER A 1 68 ? 6.299   -5.242  5.887   1.00 34.60  ? 68  SER A CA  1 
ATOM   532  C C   . SER A 1 68 ? 6.458   -5.922  4.560   1.00 39.90  ? 68  SER A C   1 
ATOM   533  O O   . SER A 1 68 ? 7.584   -5.936  4.052   1.00 41.04  ? 68  SER A O   1 
ATOM   534  C CB  . SER A 1 68 ? 5.530   -6.134  6.847   1.00 38.65  ? 68  SER A CB  1 
ATOM   535  O OG  . SER A 1 68 ? 5.271   -5.386  8.022   1.00 52.07  ? 68  SER A OG  1 
ATOM   536  N N   . TYR A 1 69 ? 5.333   -6.370  3.943   1.00 34.79  ? 69  TYR A N   1 
ATOM   537  C CA  . TYR A 1 69 ? 5.310   -7.066  2.654   1.00 33.78  ? 69  TYR A CA  1 
ATOM   538  C C   . TYR A 1 69 ? 6.105   -6.392  1.504   1.00 37.05  ? 69  TYR A C   1 
ATOM   539  O O   . TYR A 1 69 ? 6.872   -7.083  0.832   1.00 36.98  ? 69  TYR A O   1 
ATOM   540  C CB  . TYR A 1 69 ? 3.884   -7.344  2.235   1.00 34.15  ? 69  TYR A CB  1 
ATOM   541  C CG  . TYR A 1 69 ? 3.336   -8.548  2.967   1.00 34.91  ? 69  TYR A CG  1 
ATOM   542  C CD1 . TYR A 1 69 ? 3.545   -9.842  2.485   1.00 36.30  ? 69  TYR A CD1 1 
ATOM   543  C CD2 . TYR A 1 69 ? 2.644   -8.404  4.162   1.00 35.03  ? 69  TYR A CD2 1 
ATOM   544  C CE1 . TYR A 1 69 ? 3.038   -10.952 3.155   1.00 35.58  ? 69  TYR A CE1 1 
ATOM   545  C CE2 . TYR A 1 69 ? 2.116   -9.502  4.826   1.00 35.51  ? 69  TYR A CE2 1 
ATOM   546  C CZ  . TYR A 1 69 ? 2.336   -10.776 4.336   1.00 42.93  ? 69  TYR A CZ  1 
ATOM   547  O OH  . TYR A 1 69 ? 1.850   -11.842 5.054   1.00 47.15  ? 69  TYR A OH  1 
ATOM   548  N N   . LEU A 1 70 ? 5.980   -5.073  1.315   1.00 31.75  ? 70  LEU A N   1 
ATOM   549  C CA  . LEU A 1 70 ? 6.765   -4.399  0.287   1.00 30.71  ? 70  LEU A CA  1 
ATOM   550  C C   . LEU A 1 70 ? 8.234   -4.251  0.674   1.00 35.97  ? 70  LEU A C   1 
ATOM   551  O O   . LEU A 1 70 ? 9.087   -4.362  -0.200  1.00 36.73  ? 70  LEU A O   1 
ATOM   552  C CB  . LEU A 1 70 ? 6.175   -3.055  -0.079  1.00 30.11  ? 70  LEU A CB  1 
ATOM   553  C CG  . LEU A 1 70 ? 4.840   -3.136  -0.741  1.00 34.29  ? 70  LEU A CG  1 
ATOM   554  C CD1 . LEU A 1 70 ? 4.149   -1.852  -0.639  1.00 35.24  ? 70  LEU A CD1 1 
ATOM   555  C CD2 . LEU A 1 70 ? 4.967   -3.493  -2.165  1.00 34.74  ? 70  LEU A CD2 1 
ATOM   556  N N   . ARG A 1 71 ? 8.545   -4.016  1.966   1.00 31.50  ? 71  ARG A N   1 
ATOM   557  C CA  . ARG A 1 71 ? 9.934   -3.899  2.412   1.00 30.48  ? 71  ARG A CA  1 
ATOM   558  C C   . ARG A 1 71 ? 10.634  -5.243  2.346   1.00 35.07  ? 71  ARG A C   1 
ATOM   559  O O   . ARG A 1 71 ? 11.837  -5.271  2.107   1.00 35.97  ? 71  ARG A O   1 
ATOM   560  C CB  . ARG A 1 71 ? 10.032  -3.327  3.811   1.00 28.08  ? 71  ARG A CB  1 
ATOM   561  C CG  . ARG A 1 71 ? 9.885   -1.833  3.818   1.00 31.01  ? 71  ARG A CG  1 
ATOM   562  C CD  . ARG A 1 71 ? 10.505  -1.246  5.058   1.00 35.66  ? 71  ARG A CD  1 
ATOM   563  N NE  . ARG A 1 71 ? 11.276  -0.057  4.725   1.00 40.71  ? 71  ARG A NE  1 
ATOM   564  C CZ  . ARG A 1 71 ? 10.791  1.175   4.763   1.00 61.84  ? 71  ARG A CZ  1 
ATOM   565  N NH1 . ARG A 1 71 ? 9.546   1.394   5.171   1.00 57.53  ? 71  ARG A NH1 1 
ATOM   566  N NH2 . ARG A 1 71 ? 11.545  2.197   4.414   1.00 50.75  ? 71  ARG A NH2 1 
ATOM   567  N N   . TRP A 1 72 ? 9.884   -6.361  2.525   1.00 29.78  ? 72  TRP A N   1 
ATOM   568  C CA  . TRP A 1 72 ? 10.434  -7.712  2.395   1.00 28.69  ? 72  TRP A CA  1 
ATOM   569  C C   . TRP A 1 72 ? 10.815  -7.874  0.954   1.00 33.04  ? 72  TRP A C   1 
ATOM   570  O O   . TRP A 1 72 ? 11.872  -8.432  0.678   1.00 33.80  ? 72  TRP A O   1 
ATOM   571  C CB  . TRP A 1 72 ? 9.410   -8.800  2.777   1.00 27.16  ? 72  TRP A CB  1 
ATOM   572  C CG  . TRP A 1 72 ? 9.061   -8.827  4.235   1.00 28.09  ? 72  TRP A CG  1 
ATOM   573  C CD1 . TRP A 1 72 ? 9.756   -8.245  5.258   1.00 31.20  ? 72  TRP A CD1 1 
ATOM   574  C CD2 . TRP A 1 72 ? 7.918   -9.448  4.831   1.00 27.54  ? 72  TRP A CD2 1 
ATOM   575  N NE1 . TRP A 1 72 ? 9.090   -8.427  6.444   1.00 30.45  ? 72  TRP A NE1 1 
ATOM   576  C CE2 . TRP A 1 72 ? 7.963   -9.173  6.212   1.00 31.19  ? 72  TRP A CE2 1 
ATOM   577  C CE3 . TRP A 1 72 ? 6.838   -10.176 4.331   1.00 28.81  ? 72  TRP A CE3 1 
ATOM   578  C CZ2 . TRP A 1 72 ? 6.971   -9.600  7.089   1.00 30.17  ? 72  TRP A CZ2 1 
ATOM   579  C CZ3 . TRP A 1 72 ? 5.877   -10.640 5.212   1.00 29.93  ? 72  TRP A CZ3 1 
ATOM   580  C CH2 . TRP A 1 72 ? 5.949   -10.347 6.571   1.00 30.32  ? 72  TRP A CH2 1 
ATOM   581  N N   . ILE A 1 73 ? 9.968   -7.344  0.029   1.00 28.38  ? 73  ILE A N   1 
ATOM   582  C CA  . ILE A 1 73 ? 10.196  -7.390  -1.417  1.00 27.21  ? 73  ILE A CA  1 
ATOM   583  C C   . ILE A 1 73 ? 11.466  -6.615  -1.693  1.00 31.53  ? 73  ILE A C   1 
ATOM   584  O O   . ILE A 1 73 ? 12.366  -7.153  -2.341  1.00 31.01  ? 73  ILE A O   1 
ATOM   585  C CB  . ILE A 1 73 ? 8.948   -6.921  -2.244  1.00 29.36  ? 73  ILE A CB  1 
ATOM   586  C CG1 . ILE A 1 73 ? 7.794   -7.971  -2.150  1.00 29.33  ? 73  ILE A CG1 1 
ATOM   587  C CG2 . ILE A 1 73 ? 9.309   -6.608  -3.708  1.00 28.31  ? 73  ILE A CG2 1 
ATOM   588  C CD1 . ILE A 1 73 ? 6.386   -7.459  -2.459  1.00 31.77  ? 73  ILE A CD1 1 
ATOM   589  N N   . LYS A 1 74 ? 11.574  -5.399  -1.090  1.00 28.54  ? 74  LYS A N   1 
ATOM   590  C CA  . LYS A 1 74 ? 12.717  -4.488  -1.201  1.00 27.83  ? 74  LYS A CA  1 
ATOM   591  C C   . LYS A 1 74 ? 14.002  -5.201  -0.823  1.00 32.64  ? 74  LYS A C   1 
ATOM   592  O O   . LYS A 1 74 ? 14.915  -5.212  -1.643  1.00 33.52  ? 74  LYS A O   1 
ATOM   593  C CB  . LYS A 1 74 ? 12.524  -3.205  -0.362  1.00 29.15  ? 74  LYS A CB  1 
ATOM   594  C CG  . LYS A 1 74 ? 13.463  -2.105  -0.817  1.00 37.36  ? 74  LYS A CG  1 
ATOM   595  C CD  . LYS A 1 74 ? 13.707  -0.972  0.174   1.00 41.24  ? 74  LYS A CD  1 
ATOM   596  C CE  . LYS A 1 74 ? 14.738  0.018   -0.347  1.00 45.53  ? 74  LYS A CE  1 
ATOM   597  N NZ  . LYS A 1 74 ? 16.086  -0.591  -0.587  1.00 44.66  ? 74  LYS A NZ  1 
ATOM   598  N N   . VAL A 1 75 ? 14.052  -5.861  0.376   1.00 27.63  ? 75  VAL A N   1 
ATOM   599  C CA  . VAL A 1 75 ? 15.231  -6.603  0.861   1.00 25.82  ? 75  VAL A CA  1 
ATOM   600  C C   . VAL A 1 75 ? 15.606  -7.669  -0.156  1.00 30.41  ? 75  VAL A C   1 
ATOM   601  O O   . VAL A 1 75 ? 16.752  -7.709  -0.609  1.00 30.07  ? 75  VAL A O   1 
ATOM   602  C CB  . VAL A 1 75 ? 15.053  -7.218  2.273   1.00 27.72  ? 75  VAL A CB  1 
ATOM   603  C CG1 . VAL A 1 75 ? 16.335  -7.913  2.736   1.00 26.98  ? 75  VAL A CG1 1 
ATOM   604  C CG2 . VAL A 1 75 ? 14.604  -6.178  3.296   1.00 27.26  ? 75  VAL A CG2 1 
ATOM   605  N N   . ALA A 1 76 ? 14.609  -8.486  -0.555  1.00 27.84  ? 76  ALA A N   1 
ATOM   606  C CA  . ALA A 1 76 ? 14.760  -9.568  -1.522  1.00 27.73  ? 76  ALA A CA  1 
ATOM   607  C C   . ALA A 1 76 ? 15.344  -9.043  -2.813  1.00 32.32  ? 76  ALA A C   1 
ATOM   608  O O   . ALA A 1 76 ? 16.322  -9.602  -3.292  1.00 31.69  ? 76  ALA A O   1 
ATOM   609  C CB  . ALA A 1 76 ? 13.430  -10.254 -1.768  1.00 28.25  ? 76  ALA A CB  1 
ATOM   610  N N   . LEU A 1 77 ? 14.831  -7.918  -3.309  1.00 30.00  ? 77  LEU A N   1 
ATOM   611  C CA  . LEU A 1 77 ? 15.342  -7.313  -4.522  1.00 31.59  ? 77  LEU A CA  1 
ATOM   612  C C   . LEU A 1 77 ? 16.766  -6.788  -4.354  1.00 41.66  ? 77  LEU A C   1 
ATOM   613  O O   . LEU A 1 77 ? 17.570  -6.924  -5.289  1.00 43.17  ? 77  LEU A O   1 
ATOM   614  C CB  . LEU A 1 77 ? 14.439  -6.163  -4.972  1.00 31.43  ? 77  LEU A CB  1 
ATOM   615  C CG  . LEU A 1 77 ? 13.087  -6.524  -5.545  1.00 35.45  ? 77  LEU A CG  1 
ATOM   616  C CD1 . LEU A 1 77 ? 12.282  -5.255  -5.843  1.00 35.05  ? 77  LEU A CD1 1 
ATOM   617  C CD2 . LEU A 1 77 ? 13.223  -7.437  -6.766  1.00 36.15  ? 77  LEU A CD2 1 
ATOM   618  N N   . ASP A 1 78 ? 17.069  -6.171  -3.172  1.00 39.25  ? 78  ASP A N   1 
ATOM   619  C CA  . ASP A 1 78 ? 18.358  -5.546  -2.826  1.00 38.76  ? 78  ASP A CA  1 
ATOM   620  C C   . ASP A 1 78 ? 19.511  -6.548  -2.868  1.00 41.71  ? 78  ASP A C   1 
ATOM   621  O O   . ASP A 1 78 ? 20.518  -6.336  -3.548  1.00 40.28  ? 78  ASP A O   1 
ATOM   622  C CB  . ASP A 1 78 ? 18.269  -4.872  -1.436  1.00 40.63  ? 78  ASP A CB  1 
ATOM   623  C CG  . ASP A 1 78 ? 17.638  -3.487  -1.397  1.00 54.66  ? 78  ASP A CG  1 
ATOM   624  O OD1 . ASP A 1 78 ? 17.136  -3.020  -2.457  1.00 55.17  ? 78  ASP A OD1 1 
ATOM   625  O OD2 . ASP A 1 78 ? 17.649  -2.865  -0.313  1.00 62.98  ? 78  ASP A OD2 1 
ATOM   626  N N   . VAL A 1 79 ? 19.329  -7.658  -2.146  1.00 38.49  ? 79  VAL A N   1 
ATOM   627  C CA  . VAL A 1 79 ? 20.290  -8.738  -2.019  1.00 37.75  ? 79  VAL A CA  1 
ATOM   628  C C   . VAL A 1 79 ? 20.455  -9.395  -3.390  1.00 44.80  ? 79  VAL A C   1 
ATOM   629  O O   . VAL A 1 79 ? 21.586  -9.574  -3.855  1.00 43.13  ? 79  VAL A O   1 
ATOM   630  C CB  . VAL A 1 79 ? 19.814  -9.704  -0.914  1.00 39.91  ? 79  VAL A CB  1 
ATOM   631  C CG1 . VAL A 1 79 ? 20.770  -10.869 -0.755  1.00 40.27  ? 79  VAL A CG1 1 
ATOM   632  C CG2 . VAL A 1 79 ? 19.652  -8.979  0.411   1.00 38.80  ? 79  VAL A CG2 1 
ATOM   633  N N   . LEU A 1 80 ? 19.305  -9.652  -4.066  1.00 45.19  ? 80  LEU A N   1 
ATOM   634  C CA  . LEU A 1 80 ? 19.183  -10.250 -5.399  1.00 46.30  ? 80  LEU A CA  1 
ATOM   635  C C   . LEU A 1 80 ? 20.003  -9.537  -6.449  1.00 53.12  ? 80  LEU A C   1 
ATOM   636  O O   . LEU A 1 80 ? 20.318  -10.172 -7.459  1.00 54.01  ? 80  LEU A O   1 
ATOM   637  C CB  . LEU A 1 80 ? 17.721  -10.248 -5.876  1.00 46.44  ? 80  LEU A CB  1 
ATOM   638  C CG  . LEU A 1 80 ? 17.004  -11.586 -6.031  1.00 51.94  ? 80  LEU A CG  1 
ATOM   639  C CD1 . LEU A 1 80 ? 15.611  -11.376 -6.586  1.00 52.36  ? 80  LEU A CD1 1 
ATOM   640  C CD2 . LEU A 1 80 ? 17.752  -12.527 -6.959  1.00 55.86  ? 80  LEU A CD2 1 
ATOM   641  N N   . ASN A 1 81 ? 20.302  -8.221  -6.260  1.00 49.74  ? 81  ASN A N   1 
ATOM   642  C CA  . ASN A 1 81 ? 21.068  -7.453  -7.243  1.00 50.04  ? 81  ASN A CA  1 
ATOM   643  C C   . ASN A 1 81 ? 22.427  -6.949  -6.646  1.00 53.78  ? 81  ASN A C   1 
ATOM   644  O O   . ASN A 1 81 ? 22.983  -5.938  -7.085  1.00 53.89  ? 81  ASN A O   1 
ATOM   645  C CB  . ASN A 1 81 ? 20.191  -6.333  -7.901  1.00 54.55  ? 81  ASN A CB  1 
ATOM   646  C CG  . ASN A 1 81 ? 20.035  -4.990  -7.169  1.00 96.22  ? 81  ASN A CG  1 
ATOM   647  O OD1 . ASN A 1 81 ? 19.646  -4.910  -5.997  1.00 96.81  ? 81  ASN A OD1 1 
ATOM   648  N ND2 . ASN A 1 81 ? 20.300  -3.881  -7.871  1.00 87.49  ? 81  ASN A ND2 1 
ATOM   649  N N   . ILE A 1 82 ? 22.993  -7.703  -5.694  1.00 49.53  ? 82  ILE A N   1 
ATOM   650  C CA  . ILE A 1 82 ? 24.279  -7.327  -5.095  1.00 59.48  ? 82  ILE A CA  1 
ATOM   651  C C   . ILE A 1 82 ? 25.419  -8.206  -5.658  1.00 95.01  ? 82  ILE A C   1 
ATOM   652  O O   . ILE A 1 82 ? 26.293  -7.705  -6.372  1.00 55.97  ? 82  ILE A O   1 
ATOM   653  C CB  . ILE A 1 82 ? 24.194  -7.295  -3.531  1.00 61.86  ? 82  ILE A CB  1 
ATOM   654  C CG1 . ILE A 1 82 ? 23.998  -5.845  -3.022  1.00 60.75  ? 82  ILE A CG1 1 
ATOM   655  C CG2 . ILE A 1 82 ? 25.397  -7.986  -2.844  1.00 62.49  ? 82  ILE A CG2 1 
ATOM   656  C CD1 . ILE A 1 82 ? 23.222  -5.695  -1.746  1.00 56.47  ? 82  ILE A CD1 1 
ATOM   657  N N   . LYS B 2 2  ? 13.365  -0.417  -12.204 1.00 39.23  ? 2   LYS B N   1 
ATOM   658  C CA  . LYS B 2 2  ? 13.277  -1.785  -11.694 1.00 38.94  ? 2   LYS B CA  1 
ATOM   659  C C   . LYS B 2 2  ? 11.894  -2.452  -11.905 1.00 44.99  ? 2   LYS B C   1 
ATOM   660  O O   . LYS B 2 2  ? 11.790  -3.371  -12.727 1.00 45.49  ? 2   LYS B O   1 
ATOM   661  C CB  . LYS B 2 2  ? 13.704  -1.863  -10.214 1.00 39.80  ? 2   LYS B CB  1 
ATOM   662  C CG  . LYS B 2 2  ? 14.797  -2.887  -9.938  1.00 39.84  ? 2   LYS B CG  1 
ATOM   663  C CD  . LYS B 2 2  ? 15.304  -2.702  -8.535  1.00 54.08  ? 2   LYS B CD  1 
ATOM   664  C CE  . LYS B 2 2  ? 16.595  -3.428  -8.248  1.00 78.30  ? 2   LYS B CE  1 
ATOM   665  N NZ  . LYS B 2 2  ? 16.885  -3.492  -6.776  1.00 91.90  ? 2   LYS B NZ  1 
ATOM   666  N N   . ILE B 2 3  ? 10.842  -2.000  -11.176 1.00 41.66  ? 3   ILE B N   1 
ATOM   667  C CA  . ILE B 2 3  ? 9.507   -2.622  -11.209 1.00 41.50  ? 3   ILE B CA  1 
ATOM   668  C C   . ILE B 2 3  ? 8.362   -1.712  -11.663 1.00 47.53  ? 3   ILE B C   1 
ATOM   669  O O   . ILE B 2 3  ? 8.464   -0.494  -11.551 1.00 47.21  ? 3   ILE B O   1 
ATOM   670  C CB  . ILE B 2 3  ? 9.169   -3.247  -9.812  1.00 43.64  ? 3   ILE B CB  1 
ATOM   671  C CG1 . ILE B 2 3  ? 9.131   -2.189  -8.674  1.00 43.04  ? 3   ILE B CG1 1 
ATOM   672  C CG2 . ILE B 2 3  ? 10.111  -4.408  -9.469  1.00 43.68  ? 3   ILE B CG2 1 
ATOM   673  C CD1 . ILE B 2 3  ? 7.766   -1.702  -8.268  1.00 43.37  ? 3   ILE B CD1 1 
ATOM   674  N N   . ARG B 2 4  ? 7.240   -2.337  -12.091 1.00 45.24  ? 4   ARG B N   1 
ATOM   675  C CA  . ARG B 2 4  ? 5.965   -1.697  -12.431 1.00 45.53  ? 4   ARG B CA  1 
ATOM   676  C C   . ARG B 2 4  ? 5.002   -2.107  -11.298 1.00 48.99  ? 4   ARG B C   1 
ATOM   677  O O   . ARG B 2 4  ? 5.041   -3.265  -10.869 1.00 48.82  ? 4   ARG B O   1 
ATOM   678  C CB  . ARG B 2 4  ? 5.436   -2.176  -13.795 1.00 48.64  ? 4   ARG B CB  1 
ATOM   679  C CG  . ARG B 2 4  ? 6.345   -1.826  -14.974 1.00 68.52  ? 4   ARG B CG  1 
ATOM   680  C CD  . ARG B 2 4  ? 5.652   -1.954  -16.324 1.00 91.13  ? 4   ARG B CD  1 
ATOM   681  N NE  . ARG B 2 4  ? 6.505   -1.486  -17.424 1.00 113.37 ? 4   ARG B NE  1 
ATOM   682  C CZ  . ARG B 2 4  ? 7.239   -2.277  -18.209 1.00 135.72 ? 4   ARG B CZ  1 
ATOM   683  N NH1 . ARG B 2 4  ? 7.222   -3.595  -18.043 1.00 123.70 ? 4   ARG B NH1 1 
ATOM   684  N NH2 . ARG B 2 4  ? 7.984   -1.754  -19.176 1.00 125.95 ? 4   ARG B NH2 1 
ATOM   685  N N   . ALA B 2 5  ? 4.203   -1.163  -10.759 1.00 45.00  ? 5   ALA B N   1 
ATOM   686  C CA  . ALA B 2 5  ? 3.306   -1.459  -9.632  1.00 44.70  ? 5   ALA B CA  1 
ATOM   687  C C   . ALA B 2 5  ? 1.958   -0.762  -9.674  1.00 48.98  ? 5   ALA B C   1 
ATOM   688  O O   . ALA B 2 5  ? 1.880   0.457   -9.518  1.00 48.78  ? 5   ALA B O   1 
ATOM   689  C CB  . ALA B 2 5  ? 3.992   -1.164  -8.312  1.00 45.32  ? 5   ALA B CB  1 
ATOM   690  N N   . LYS B 2 6  ? 0.897   -1.551  -9.856  1.00 45.43  ? 6   LYS B N   1 
ATOM   691  C CA  . LYS B 2 6  ? -0.489  -1.094  -9.905  1.00 44.97  ? 6   LYS B CA  1 
ATOM   692  C C   . LYS B 2 6  ? -1.090  -1.319  -8.493  1.00 48.36  ? 6   LYS B C   1 
ATOM   693  O O   . LYS B 2 6  ? -1.346  -2.455  -8.094  1.00 49.04  ? 6   LYS B O   1 
ATOM   694  C CB  . LYS B 2 6  ? -1.253  -1.861  -11.019 1.00 47.37  ? 6   LYS B CB  1 
ATOM   695  C CG  . LYS B 2 6  ? -2.142  -1.008  -11.922 1.00 64.91  ? 6   LYS B CG  1 
ATOM   696  C CD  . LYS B 2 6  ? -3.624  -1.110  -11.516 1.00 81.80  ? 6   LYS B CD  1 
ATOM   697  C CE  . LYS B 2 6  ? -4.132  0.133   -10.801 1.00 100.50 ? 6   LYS B CE  1 
ATOM   698  N NZ  . LYS B 2 6  ? -5.385  -0.125  -10.027 1.00 107.76 ? 6   LYS B NZ  1 
ATOM   699  N N   . VAL B 2 7  ? -1.248  -0.238  -7.722  1.00 43.87  ? 7   VAL B N   1 
ATOM   700  C CA  . VAL B 2 7  ? -1.747  -0.281  -6.346  1.00 43.74  ? 7   VAL B CA  1 
ATOM   701  C C   . VAL B 2 7  ? -3.128  0.360   -6.205  1.00 50.22  ? 7   VAL B C   1 
ATOM   702  O O   . VAL B 2 7  ? -3.356  1.446   -6.741  1.00 49.74  ? 7   VAL B O   1 
ATOM   703  C CB  . VAL B 2 7  ? -0.721  0.382   -5.409  1.00 47.01  ? 7   VAL B CB  1 
ATOM   704  C CG1 . VAL B 2 7  ? -1.200  0.393   -3.964  1.00 46.41  ? 7   VAL B CG1 1 
ATOM   705  C CG2 . VAL B 2 7  ? 0.635   -0.305  -5.526  1.00 46.98  ? 7   VAL B CG2 1 
ATOM   706  N N   . GLU B 2 8  ? -4.043  -0.313  -5.481  1.00 48.60  ? 8   GLU B N   1 
ATOM   707  C CA  . GLU B 2 8  ? -5.383  0.199   -5.197  1.00 49.27  ? 8   GLU B CA  1 
ATOM   708  C C   . GLU B 2 8  ? -5.772  -0.059  -3.758  1.00 55.18  ? 8   GLU B C   1 
ATOM   709  O O   . GLU B 2 8  ? -5.854  -1.209  -3.324  1.00 55.47  ? 8   GLU B O   1 
ATOM   710  C CB  . GLU B 2 8  ? -6.462  -0.324  -6.164  1.00 50.85  ? 8   GLU B CB  1 
ATOM   711  C CG  . GLU B 2 8  ? -7.832  0.285   -5.871  1.00 65.67  ? 8   GLU B CG  1 
ATOM   712  C CD  . GLU B 2 8  ? -9.000  -0.116  -6.752  1.00 99.03  ? 8   GLU B CD  1 
ATOM   713  O OE1 . GLU B 2 8  ? -10.016 -0.604  -6.202  1.00 91.08  ? 8   GLU B OE1 1 
ATOM   714  O OE2 . GLU B 2 8  ? -8.911  0.077   -7.987  1.00 101.21 ? 8   GLU B OE2 1 
ATOM   715  N N   . LEU B 2 9  ? -6.043  1.022   -3.030  1.00 52.58  ? 9   LEU B N   1 
ATOM   716  C CA  . LEU B 2 9  ? -6.470  1.008   -1.630  1.00 52.73  ? 9   LEU B CA  1 
ATOM   717  C C   . LEU B 2 9  ? -7.892  1.602   -1.518  1.00 58.80  ? 9   LEU B C   1 
ATOM   718  O O   . LEU B 2 9  ? -8.218  2.548   -2.239  1.00 59.87  ? 9   LEU B O   1 
ATOM   719  C CB  . LEU B 2 9  ? -5.484  1.826   -0.789  1.00 52.18  ? 9   LEU B CB  1 
ATOM   720  C CG  . LEU B 2 9  ? -4.301  1.101   -0.180  1.00 55.49  ? 9   LEU B CG  1 
ATOM   721  C CD1 . LEU B 2 9  ? -3.283  0.721   -1.217  1.00 55.05  ? 9   LEU B CD1 1 
ATOM   722  C CD2 . LEU B 2 9  ? -3.637  1.987   0.805   1.00 57.48  ? 9   LEU B CD2 1 
ATOM   723  N N   . THR B 2 10 ? -8.734  1.033   -0.645  1.00 54.54  ? 10  THR B N   1 
ATOM   724  C CA  . THR B 2 10 ? -10.109 1.479   -0.457  1.00 54.64  ? 10  THR B CA  1 
ATOM   725  C C   . THR B 2 10 ? -10.371 1.504   1.026   1.00 59.64  ? 10  THR B C   1 
ATOM   726  O O   . THR B 2 10 ? -10.053 0.534   1.713   1.00 59.93  ? 10  THR B O   1 
ATOM   727  C CB  . THR B 2 10 ? -11.096 0.517   -1.147  1.00 67.11  ? 10  THR B CB  1 
ATOM   728  O OG1 . THR B 2 10 ? -10.461 -0.260  -2.168  1.00 66.67  ? 10  THR B OG1 1 
ATOM   729  C CG2 . THR B 2 10 ? -12.302 1.229   -1.704  1.00 68.29  ? 10  THR B CG2 1 
ATOM   730  N N   . TRP B 2 11 ? -10.943 2.594   1.535   1.00 56.73  ? 11  TRP B N   1 
ATOM   731  C CA  . TRP B 2 11 ? -11.189 2.698   2.970   1.00 57.33  ? 11  TRP B CA  1 
ATOM   732  C C   . TRP B 2 11 ? -12.649 2.936   3.281   1.00 63.68  ? 11  TRP B C   1 
ATOM   733  O O   . TRP B 2 11 ? -13.147 4.037   3.039   1.00 64.07  ? 11  TRP B O   1 
ATOM   734  C CB  . TRP B 2 11 ? -10.330 3.801   3.570   1.00 56.14  ? 11  TRP B CB  1 
ATOM   735  C CG  . TRP B 2 11 ? -8.907  3.736   3.137   1.00 58.00  ? 11  TRP B CG  1 
ATOM   736  C CD1 . TRP B 2 11 ? -8.422  3.814   1.860   1.00 61.27  ? 11  TRP B CD1 1 
ATOM   737  C CD2 . TRP B 2 11 ? -7.778  3.706   3.990   1.00 58.37  ? 11  TRP B CD2 1 
ATOM   738  N NE1 . TRP B 2 11 ? -7.051  3.790   1.869   1.00 61.10  ? 11  TRP B NE1 1 
ATOM   739  C CE2 . TRP B 2 11 ? -6.626  3.703   3.165   1.00 62.79  ? 11  TRP B CE2 1 
ATOM   740  C CE3 . TRP B 2 11 ? -7.620  3.688   5.381   1.00 60.18  ? 11  TRP B CE3 1 
ATOM   741  C CZ2 . TRP B 2 11 ? -5.337  3.668   3.687   1.00 62.56  ? 11  TRP B CZ2 1 
ATOM   742  C CZ3 . TRP B 2 11 ? -6.340  3.619   5.895   1.00 62.41  ? 11  TRP B CZ3 1 
ATOM   743  C CH2 . TRP B 2 11 ? -5.215  3.643   5.056   1.00 63.28  ? 11  TRP B CH2 1 
ATOM   744  N N   . GLU B 2 12 ? -13.342 1.914   3.830   1.00 60.70  ? 12  GLU B N   1 
ATOM   745  C CA  . GLU B 2 12 ? -14.763 2.025   4.185   1.00 60.57  ? 12  GLU B CA  1 
ATOM   746  C C   . GLU B 2 12 ? -14.975 2.900   5.405   1.00 64.90  ? 12  GLU B C   1 
ATOM   747  O O   . GLU B 2 12 ? -14.170 2.880   6.332   1.00 64.94  ? 12  GLU B O   1 
ATOM   748  C CB  . GLU B 2 12 ? -15.375 0.648   4.434   1.00 61.90  ? 12  GLU B CB  1 
ATOM   749  C CG  . GLU B 2 12 ? -16.610 0.381   3.602   1.00 76.04  ? 12  GLU B CG  1 
ATOM   750  C CD  . GLU B 2 12 ? -16.583 -0.980  2.931   1.00 113.16 ? 12  GLU B CD  1 
ATOM   751  O OE1 . GLU B 2 12 ? -15.841 -1.139  1.934   1.00 114.11 ? 12  GLU B OE1 1 
ATOM   752  O OE2 . GLU B 2 12 ? -17.289 -1.895  3.416   1.00 113.33 ? 12  GLU B OE2 1 
ATOM   753  N N   . TYR B 2 13 ? -16.042 3.685   5.394   1.00 61.57  ? 13  TYR B N   1 
ATOM   754  C CA  . TYR B 2 13 ? -16.422 4.539   6.511   1.00 61.19  ? 13  TYR B CA  1 
ATOM   755  C C   . TYR B 2 13 ? -17.921 4.492   6.673   1.00 67.89  ? 13  TYR B C   1 
ATOM   756  O O   . TYR B 2 13 ? -18.634 3.878   5.861   1.00 67.61  ? 13  TYR B O   1 
ATOM   757  C CB  . TYR B 2 13 ? -15.971 5.985   6.309   1.00 61.39  ? 13  TYR B CB  1 
ATOM   758  C CG  . TYR B 2 13 ? -14.477 6.176   6.341   1.00 61.86  ? 13  TYR B CG  1 
ATOM   759  C CD1 . TYR B 2 13 ? -13.789 6.249   7.550   1.00 64.24  ? 13  TYR B CD1 1 
ATOM   760  C CD2 . TYR B 2 13 ? -13.753 6.347   5.167   1.00 61.35  ? 13  TYR B CD2 1 
ATOM   761  C CE1 . TYR B 2 13 ? -12.409 6.454   7.584   1.00 64.62  ? 13  TYR B CE1 1 
ATOM   762  C CE2 . TYR B 2 13 ? -12.374 6.526   5.190   1.00 61.26  ? 13  TYR B CE2 1 
ATOM   763  C CZ  . TYR B 2 13 ? -11.707 6.589   6.398   1.00 65.93  ? 13  TYR B CZ  1 
ATOM   764  O OH  . TYR B 2 13 ? -10.353 6.776   6.416   1.00 63.59  ? 13  TYR B OH  1 
ATOM   765  N N   . GLU B 2 14 ? -18.393 5.149   7.732   1.00 66.58  ? 14  GLU B N   1 
ATOM   766  C CA  . GLU B 2 14 ? -19.799 5.235   8.106   1.00 67.67  ? 14  GLU B CA  1 
ATOM   767  C C   . GLU B 2 14 ? -20.571 5.993   7.012   1.00 71.75  ? 14  GLU B C   1 
ATOM   768  O O   . GLU B 2 14 ? -21.223 5.376   6.157   1.00 71.54  ? 14  GLU B O   1 
ATOM   769  C CB  . GLU B 2 14 ? -19.976 5.927   9.495   1.00 69.51  ? 14  GLU B CB  1 
ATOM   770  C CG  . GLU B 2 14 ? -18.856 5.714   10.515  1.00 85.09  ? 14  GLU B CG  1 
ATOM   771  C CD  . GLU B 2 14 ? -17.599 6.555   10.333  1.00 109.56 ? 14  GLU B CD  1 
ATOM   772  O OE1 . GLU B 2 14 ? -16.619 6.032   9.749   1.00 103.01 ? 14  GLU B OE1 1 
ATOM   773  O OE2 . GLU B 2 14 ? -17.593 7.731   10.773  1.00 98.17  ? 14  GLU B OE2 1 
ATOM   774  N N   . ASP B 2 15 ? -20.416 7.321   7.011   1.00 67.58  ? 15  ASP B N   1 
ATOM   775  C CA  . ASP B 2 15 ? -21.104 8.261   6.145   1.00 67.39  ? 15  ASP B CA  1 
ATOM   776  C C   . ASP B 2 15 ? -20.308 8.693   4.921   1.00 69.56  ? 15  ASP B C   1 
ATOM   777  O O   . ASP B 2 15 ? -19.136 8.332   4.775   1.00 69.49  ? 15  ASP B O   1 
ATOM   778  C CB  . ASP B 2 15 ? -21.544 9.476   6.984   1.00 70.08  ? 15  ASP B CB  1 
ATOM   779  C CG  . ASP B 2 15 ? -20.445 10.064  7.857   1.00 86.49  ? 15  ASP B CG  1 
ATOM   780  O OD1 . ASP B 2 15 ? -20.203 9.515   8.959   1.00 87.37  ? 15  ASP B OD1 1 
ATOM   781  O OD2 . ASP B 2 15 ? -19.834 11.076  7.443   1.00 95.66  ? 15  ASP B OD2 1 
ATOM   782  N N   . GLU B 2 16 ? -20.959 9.468   4.031   1.00 64.05  ? 16  GLU B N   1 
ATOM   783  C CA  . GLU B 2 16 ? -20.335 10.008  2.832   1.00 62.65  ? 16  GLU B CA  1 
ATOM   784  C C   . GLU B 2 16 ? -19.486 11.207  3.192   1.00 61.88  ? 16  GLU B C   1 
ATOM   785  O O   . GLU B 2 16 ? -18.591 11.548  2.421   1.00 61.63  ? 16  GLU B O   1 
ATOM   786  C CB  . GLU B 2 16 ? -21.392 10.433  1.794   1.00 64.42  ? 16  GLU B CB  1 
ATOM   787  C CG  . GLU B 2 16 ? -21.929 9.296   0.942   1.00 78.51  ? 16  GLU B CG  1 
ATOM   788  C CD  . GLU B 2 16 ? -22.825 9.631   -0.242  1.00 109.64 ? 16  GLU B CD  1 
ATOM   789  O OE1 . GLU B 2 16 ? -23.034 10.831  -0.541  1.00 92.63  ? 16  GLU B OE1 1 
ATOM   790  O OE2 . GLU B 2 16 ? -23.321 8.672   -0.878  1.00 116.21 ? 16  GLU B OE2 1 
ATOM   791  N N   . GLU B 2 17 ? -19.784 11.884  4.324   1.00 55.57  ? 17  GLU B N   1 
ATOM   792  C CA  . GLU B 2 17 ? -19.025 13.078  4.670   1.00 55.22  ? 17  GLU B CA  1 
ATOM   793  C C   . GLU B 2 17 ? -17.693 12.776  5.345   1.00 57.14  ? 17  GLU B C   1 
ATOM   794  O O   . GLU B 2 17 ? -16.784 13.598  5.245   1.00 56.49  ? 17  GLU B O   1 
ATOM   795  C CB  . GLU B 2 17 ? -19.838 14.119  5.457   1.00 57.03  ? 17  GLU B CB  1 
ATOM   796  C CG  . GLU B 2 17 ? -20.156 15.394  4.656   1.00 73.54  ? 17  GLU B CG  1 
ATOM   797  C CD  . GLU B 2 17 ? -19.045 16.327  4.161   1.00 105.62 ? 17  GLU B CD  1 
ATOM   798  O OE1 . GLU B 2 17 ? -18.954 17.466  4.675   1.00 103.11 ? 17  GLU B OE1 1 
ATOM   799  O OE2 . GLU B 2 17 ? -18.300 15.941  3.229   1.00 101.10 ? 17  GLU B OE2 1 
ATOM   800  N N   . THR B 2 18 ? -17.535 11.608  5.976   1.00 52.89  ? 18  THR B N   1 
ATOM   801  C CA  . THR B 2 18 ? -16.231 11.258  6.559   1.00 52.31  ? 18  THR B CA  1 
ATOM   802  C C   . THR B 2 18 ? -15.246 10.911  5.413   1.00 54.69  ? 18  THR B C   1 
ATOM   803  O O   . THR B 2 18 ? -14.174 11.527  5.324   1.00 53.77  ? 18  THR B O   1 
ATOM   804  C CB  . THR B 2 18 ? -16.336 10.179  7.651   1.00 55.77  ? 18  THR B CB  1 
ATOM   805  O OG1 . THR B 2 18 ? -17.060 9.073   7.134   1.00 50.52  ? 18  THR B OG1 1 
ATOM   806  C CG2 . THR B 2 18 ? -16.994 10.693  8.927   1.00 55.48  ? 18  THR B CG2 1 
ATOM   807  N N   . ALA B 2 19 ? -15.659 9.993   4.494   1.00 49.75  ? 19  ALA B N   1 
ATOM   808  C CA  . ALA B 2 19 ? -14.879 9.593   3.321   1.00 48.98  ? 19  ALA B CA  1 
ATOM   809  C C   . ALA B 2 19 ? -14.297 10.837  2.636   1.00 53.74  ? 19  ALA B C   1 
ATOM   810  O O   . ALA B 2 19 ? -13.099 10.861  2.345   1.00 54.31  ? 19  ALA B O   1 
ATOM   811  C CB  . ALA B 2 19 ? -15.754 8.818   2.351   1.00 49.38  ? 19  ALA B CB  1 
ATOM   812  N N   . LYS B 2 20 ? -15.140 11.897  2.462   1.00 49.31  ? 20  LYS B N   1 
ATOM   813  C CA  . LYS B 2 20 ? -14.793 13.181  1.861   1.00 48.04  ? 20  LYS B CA  1 
ATOM   814  C C   . LYS B 2 20 ? -13.865 13.992  2.745   1.00 51.56  ? 20  LYS B C   1 
ATOM   815  O O   . LYS B 2 20 ? -12.858 14.486  2.242   1.00 50.39  ? 20  LYS B O   1 
ATOM   816  C CB  . LYS B 2 20 ? -16.040 13.991  1.510   1.00 49.76  ? 20  LYS B CB  1 
ATOM   817  C CG  . LYS B 2 20 ? -15.787 14.947  0.340   1.00 67.01  ? 20  LYS B CG  1 
ATOM   818  C CD  . LYS B 2 20 ? -17.008 15.760  -0.040  1.00 81.79  ? 20  LYS B CD  1 
ATOM   819  C CE  . LYS B 2 20 ? -17.968 15.017  -0.946  1.00 102.44 ? 20  LYS B CE  1 
ATOM   820  N NZ  . LYS B 2 20 ? -18.788 14.014  -0.208  1.00 114.97 ? 20  LYS B NZ  1 
ATOM   821  N N   . ALA B 2 21 ? -14.179 14.116  4.061   1.00 49.02  ? 21  ALA B N   1 
ATOM   822  C CA  . ALA B 2 21 ? -13.354 14.863  5.030   1.00 48.81  ? 21  ALA B CA  1 
ATOM   823  C C   . ALA B 2 21 ? -11.916 14.366  4.998   1.00 52.99  ? 21  ALA B C   1 
ATOM   824  O O   . ALA B 2 21 ? -10.992 15.184  4.986   1.00 52.56  ? 21  ALA B O   1 
ATOM   825  C CB  . ALA B 2 21 ? -13.926 14.742  6.434   1.00 49.36  ? 21  ALA B CB  1 
ATOM   826  N N   . ILE B 2 22 ? -11.740 13.022  4.898   1.00 49.40  ? 22  ILE B N   1 
ATOM   827  C CA  . ILE B 2 22 ? -10.442 12.358  4.788   1.00 48.63  ? 22  ILE B CA  1 
ATOM   828  C C   . ILE B 2 22 ? -9.786  12.630  3.408   1.00 53.78  ? 22  ILE B C   1 
ATOM   829  O O   . ILE B 2 22 ? -8.674  13.164  3.380   1.00 53.82  ? 22  ILE B O   1 
ATOM   830  C CB  . ILE B 2 22 ? -10.565 10.864  5.154   1.00 50.65  ? 22  ILE B CB  1 
ATOM   831  C CG1 . ILE B 2 22 ? -10.590 10.730  6.657   1.00 51.21  ? 22  ILE B CG1 1 
ATOM   832  C CG2 . ILE B 2 22 ? -9.437  10.020  4.585   1.00 50.56  ? 22  ILE B CG2 1 
ATOM   833  C CD1 . ILE B 2 22 ? -11.787 10.108  7.149   1.00 66.22  ? 22  ILE B CD1 1 
ATOM   834  N N   . ALA B 2 23 ? -10.478 12.304  2.280   1.00 49.56  ? 23  ALA B N   1 
ATOM   835  C CA  . ALA B 2 23 ? -9.957  12.512  0.928   1.00 48.75  ? 23  ALA B CA  1 
ATOM   836  C C   . ALA B 2 23 ? -9.565  13.970  0.666   1.00 54.51  ? 23  ALA B C   1 
ATOM   837  O O   . ALA B 2 23 ? -8.580  14.219  -0.033  1.00 55.10  ? 23  ALA B O   1 
ATOM   838  C CB  . ALA B 2 23 ? -10.947 12.025  -0.100  1.00 49.03  ? 23  ALA B CB  1 
ATOM   839  N N   . ASN B 2 24 ? -10.289 14.931  1.265   1.00 51.38  ? 24  ASN B N   1 
ATOM   840  C CA  . ASN B 2 24 ? -9.932  16.341  1.138   1.00 51.73  ? 24  ASN B CA  1 
ATOM   841  C C   . ASN B 2 24 ? -8.666  16.555  1.974   1.00 57.49  ? 24  ASN B C   1 
ATOM   842  O O   . ASN B 2 24 ? -7.667  17.032  1.438   1.00 57.48  ? 24  ASN B O   1 
ATOM   843  C CB  . ASN B 2 24 ? -11.078 17.259  1.605   1.00 51.84  ? 24  ASN B CB  1 
ATOM   844  C CG  . ASN B 2 24 ? -12.264 17.341  0.659   1.00 67.93  ? 24  ASN B CG  1 
ATOM   845  O OD1 . ASN B 2 24 ? -12.364 16.600  -0.329  1.00 55.37  ? 24  ASN B OD1 1 
ATOM   846  N ND2 . ASN B 2 24 ? -13.202 18.246  0.946   1.00 57.92  ? 24  ASN B ND2 1 
ATOM   847  N N   . ALA B 2 25 ? -8.676  16.076  3.250   1.00 54.53  ? 25  ALA B N   1 
ATOM   848  C CA  . ALA B 2 25 ? -7.556  16.168  4.204   1.00 53.90  ? 25  ALA B CA  1 
ATOM   849  C C   . ALA B 2 25 ? -6.223  15.643  3.646   1.00 56.58  ? 25  ALA B C   1 
ATOM   850  O O   . ALA B 2 25 ? -5.167  16.203  3.956   1.00 56.55  ? 25  ALA B O   1 
ATOM   851  C CB  . ALA B 2 25 ? -7.906  15.451  5.503   1.00 54.30  ? 25  ALA B CB  1 
ATOM   852  N N   . VAL B 2 26 ? -6.292  14.604  2.800   1.00 51.55  ? 26  VAL B N   1 
ATOM   853  C CA  . VAL B 2 26 ? -5.164  13.944  2.161   1.00 50.89  ? 26  VAL B CA  1 
ATOM   854  C C   . VAL B 2 26 ? -4.746  14.665  0.881   1.00 58.03  ? 26  VAL B C   1 
ATOM   855  O O   . VAL B 2 26 ? -3.540  14.854  0.647   1.00 58.09  ? 26  VAL B O   1 
ATOM   856  C CB  . VAL B 2 26 ? -5.522  12.465  1.921   1.00 53.66  ? 26  VAL B CB  1 
ATOM   857  C CG1 . VAL B 2 26 ? -4.612  11.810  0.890   1.00 53.34  ? 26  VAL B CG1 1 
ATOM   858  C CG2 . VAL B 2 26 ? -5.496  11.698  3.225   1.00 53.37  ? 26  VAL B CG2 1 
ATOM   859  N N   . ASN B 2 27 ? -5.727  15.049  0.044   1.00 56.67  ? 27  ASN B N   1 
ATOM   860  C CA  . ASN B 2 27 ? -5.420  15.717  -1.222  1.00 57.83  ? 27  ASN B CA  1 
ATOM   861  C C   . ASN B 2 27 ? -4.894  17.120  -1.030  1.00 66.67  ? 27  ASN B C   1 
ATOM   862  O O   . ASN B 2 27 ? -3.950  17.534  -1.718  1.00 65.90  ? 27  ASN B O   1 
ATOM   863  C CB  . ASN B 2 27 ? -6.623  15.741  -2.156  1.00 53.16  ? 27  ASN B CB  1 
ATOM   864  C CG  . ASN B 2 27 ? -6.793  14.497  -2.974  1.00 53.79  ? 27  ASN B CG  1 
ATOM   865  O OD1 . ASN B 2 27 ? -5.957  14.135  -3.829  1.00 43.93  ? 27  ASN B OD1 1 
ATOM   866  N ND2 . ASN B 2 27 ? -7.895  13.826  -2.723  1.00 37.60  ? 27  ASN B ND2 1 
ATOM   867  N N   . VAL B 2 28 ? -5.501  17.849  -0.095  1.00 67.14  ? 28  VAL B N   1 
ATOM   868  C CA  . VAL B 2 28 ? -5.133  19.224  0.102   1.00 68.75  ? 28  VAL B CA  1 
ATOM   869  C C   . VAL B 2 28 ? -4.315  19.439  1.382   1.00 78.22  ? 28  VAL B C   1 
ATOM   870  O O   . VAL B 2 28 ? -4.610  18.904  2.458   1.00 77.44  ? 28  VAL B O   1 
ATOM   871  C CB  . VAL B 2 28 ? -6.354  20.162  -0.026  1.00 72.17  ? 28  VAL B CB  1 
ATOM   872  C CG1 . VAL B 2 28 ? -7.087  20.354  1.298   1.00 71.82  ? 28  VAL B CG1 1 
ATOM   873  C CG2 . VAL B 2 28 ? -5.944  21.495  -0.640  1.00 72.15  ? 28  VAL B CG2 1 
ATOM   874  N N   . ASP B 2 29 ? -3.220  20.195  1.179   1.00 79.55  ? 29  ASP B N   1 
ATOM   875  C CA  . ASP B 2 29 ? -2.214  20.693  2.114   1.00 81.15  ? 29  ASP B CA  1 
ATOM   876  C C   . ASP B 2 29 ? -1.627  19.612  3.060   1.00 87.93  ? 29  ASP B C   1 
ATOM   877  O O   . ASP B 2 29 ? -1.065  19.967  4.104   1.00 87.45  ? 29  ASP B O   1 
ATOM   878  C CB  . ASP B 2 29 ? -2.763  21.919  2.886   1.00 83.45  ? 29  ASP B CB  1 
ATOM   879  C CG  . ASP B 2 29 ? -3.310  23.055  2.004   1.00 97.28  ? 29  ASP B CG  1 
ATOM   880  O OD1 . ASP B 2 29 ? -3.166  22.975  0.754   1.00 97.61  ? 29  ASP B OD1 1 
ATOM   881  O OD2 . ASP B 2 29 ? -3.890  24.016  2.563   1.00 105.13 ? 29  ASP B OD2 1 
ATOM   882  N N   . ASN B 2 30 ? -1.692  18.308  2.667   1.00 86.72  ? 30  ASN B N   1 
ATOM   883  C CA  . ASN B 2 30 ? -1.081  17.251  3.475   1.00 87.43  ? 30  ASN B CA  1 
ATOM   884  C C   . ASN B 2 30 ? 0.425   17.258  3.245   1.00 93.37  ? 30  ASN B C   1 
ATOM   885  O O   . ASN B 2 30 ? 0.880   17.428  2.107   1.00 93.59  ? 30  ASN B O   1 
ATOM   886  C CB  . ASN B 2 30 ? -1.684  15.868  3.257   1.00 87.72  ? 30  ASN B CB  1 
ATOM   887  C CG  . ASN B 2 30 ? -1.615  15.024  4.521   1.00 113.93 ? 30  ASN B CG  1 
ATOM   888  O OD1 . ASN B 2 30 ? -0.538  14.788  5.085   1.00 109.61 ? 30  ASN B OD1 1 
ATOM   889  N ND2 . ASN B 2 30 ? -2.761  14.562  5.018   1.00 105.22 ? 30  ASN B ND2 1 
ATOM   890  N N   . ILE B 2 31 ? 1.191   17.124  4.352   1.00 89.65  ? 31  ILE B N   1 
ATOM   891  C CA  . ILE B 2 31 ? 2.660   17.201  4.404   1.00 88.43  ? 31  ILE B CA  1 
ATOM   892  C C   . ILE B 2 31 ? 3.367   15.833  4.671   1.00 90.67  ? 31  ILE B C   1 
ATOM   893  O O   . ILE B 2 31 ? 4.589   15.739  4.485   1.00 90.60  ? 31  ILE B O   1 
ATOM   894  C CB  . ILE B 2 31 ? 3.097   18.301  5.418   1.00 90.83  ? 31  ILE B CB  1 
ATOM   895  C CG1 . ILE B 2 31 ? 2.074   18.435  6.604   1.00 90.77  ? 31  ILE B CG1 1 
ATOM   896  C CG2 . ILE B 2 31 ? 3.288   19.621  4.664   1.00 90.78  ? 31  ILE B CG2 1 
ATOM   897  C CD1 . ILE B 2 31 ? 2.386   19.452  7.730   1.00 94.58  ? 31  ILE B CD1 1 
ATOM   898  N N   . SER B 2 32 ? 2.597   14.777  5.048   1.00 84.56  ? 32  SER B N   1 
ATOM   899  C CA  . SER B 2 32 ? 3.104   13.423  5.312   1.00 82.84  ? 32  SER B CA  1 
ATOM   900  C C   . SER B 2 32 ? 3.811   12.848  4.089   1.00 83.72  ? 32  SER B C   1 
ATOM   901  C CB  . SER B 2 32 ? 1.961   12.499  5.717   1.00 86.14  ? 32  SER B CB  1 
ATOM   902  O OG  . SER B 2 32 ? 1.198   13.032  6.787   1.00 95.80  ? 32  SER B OG  1 
ATOM   903  N N   . ILE B 2 33 ? 3.214   13.063  2.916   1.00 78.77  ? 33  ILE B N   1 
ATOM   904  C CA  . ILE B 2 33 ? 3.842   12.776  1.630   1.00 77.94  ? 33  ILE B CA  1 
ATOM   905  C C   . ILE B 2 33 ? 4.478   14.057  1.055   1.00 82.28  ? 33  ILE B C   1 
ATOM   906  O O   . ILE B 2 33 ? 3.797   15.085  0.969   1.00 81.95  ? 33  ILE B O   1 
ATOM   907  C CB  . ILE B 2 33 ? 2.860   12.029  0.651   1.00 80.20  ? 33  ILE B CB  1 
ATOM   908  C CG1 . ILE B 2 33 ? 3.446   11.867  -0.771  1.00 79.49  ? 33  ILE B CG1 1 
ATOM   909  C CG2 . ILE B 2 33 ? 1.454   12.649  0.617   1.00 80.77  ? 33  ILE B CG2 1 
ATOM   910  C CD1 . ILE B 2 33 ? 3.075   10.564  -1.414  1.00 79.65  ? 33  ILE B CD1 1 
ATOM   911  N N   . PRO B 2 34 ? 5.794   14.037  0.715   1.00 78.55  ? 34  PRO B N   1 
ATOM   912  C CA  . PRO B 2 34 ? 6.421   15.245  0.153   1.00 78.46  ? 34  PRO B CA  1 
ATOM   913  C C   . PRO B 2 34 ? 6.008   15.471  -1.305  1.00 83.36  ? 34  PRO B C   1 
ATOM   914  O O   . PRO B 2 34 ? 5.526   14.537  -1.959  1.00 82.98  ? 34  PRO B O   1 
ATOM   915  C CB  . PRO B 2 34 ? 7.917   14.966  0.299   1.00 79.83  ? 34  PRO B CB  1 
ATOM   916  C CG  . PRO B 2 34 ? 8.024   13.503  0.206   1.00 84.10  ? 34  PRO B CG  1 
ATOM   917  C CD  . PRO B 2 34 ? 6.753   12.915  0.764   1.00 79.67  ? 34  PRO B CD  1 
ATOM   918  N N   . GLU B 2 35 ? 6.193   16.713  -1.803  1.00 80.07  ? 35  GLU B N   1 
ATOM   919  C CA  . GLU B 2 35 ? 5.844   17.130  -3.166  1.00 79.83  ? 35  GLU B CA  1 
ATOM   920  C C   . GLU B 2 35 ? 6.553   16.334  -4.257  1.00 83.83  ? 35  GLU B C   1 
ATOM   921  O O   . GLU B 2 35 ? 5.961   16.058  -5.299  1.00 82.73  ? 35  GLU B O   1 
ATOM   922  C CB  . GLU B 2 35 ? 6.104   18.630  -3.352  1.00 81.15  ? 35  GLU B CB  1 
ATOM   923  C CG  . GLU B 2 35 ? 5.160   19.523  -2.565  1.00 91.27  ? 35  GLU B CG  1 
ATOM   924  C CD  . GLU B 2 35 ? 3.708   19.505  -3.003  1.00 108.19 ? 35  GLU B CD  1 
ATOM   925  O OE1 . GLU B 2 35 ? 3.443   19.290  -4.209  1.00 103.48 ? 35  GLU B OE1 1 
ATOM   926  O OE2 . GLU B 2 35 ? 2.831   19.712  -2.134  1.00 97.57  ? 35  GLU B OE2 1 
ATOM   927  N N   . LYS B 2 36 ? 7.821   15.975  -4.005  1.00 81.62  ? 36  LYS B N   1 
ATOM   928  C CA  . LYS B 2 36 ? 8.722   15.230  -4.897  1.00 81.97  ? 36  LYS B CA  1 
ATOM   929  C C   . LYS B 2 36 ? 8.181   13.839  -5.204  1.00 86.83  ? 36  LYS B C   1 
ATOM   930  O O   . LYS B 2 36 ? 8.322   13.376  -6.337  1.00 86.70  ? 36  LYS B O   1 
ATOM   931  C CB  . LYS B 2 36 ? 10.162  15.151  -4.320  1.00 84.58  ? 36  LYS B CB  1 
ATOM   932  C CG  . LYS B 2 36 ? 10.397  15.868  -2.969  1.00 95.81  ? 36  LYS B CG  1 
ATOM   933  C CD  . LYS B 2 36 ? 10.597  17.403  -3.106  1.00 98.79  ? 36  LYS B CD  1 
ATOM   934  C CE  . LYS B 2 36 ? 10.325  18.168  -1.828  1.00 95.35  ? 36  LYS B CE  1 
ATOM   935  N NZ  . LYS B 2 36 ? 8.878   18.204  -1.482  1.00 94.67  ? 36  LYS B NZ  1 
ATOM   936  N N   . LEU B 2 37 ? 7.564   13.184  -4.189  1.00 83.42  ? 37  LEU B N   1 
ATOM   937  C CA  . LEU B 2 37 ? 6.930   11.863  -4.275  1.00 82.90  ? 37  LEU B CA  1 
ATOM   938  C C   . LEU B 2 37 ? 5.559   11.986  -4.916  1.00 88.52  ? 37  LEU B C   1 
ATOM   939  O O   . LEU B 2 37 ? 5.110   11.047  -5.578  1.00 88.22  ? 37  LEU B O   1 
ATOM   940  C CB  . LEU B 2 37 ? 6.764   11.235  -2.886  1.00 82.38  ? 37  LEU B CB  1 
ATOM   941  C CG  . LEU B 2 37 ? 7.872   10.335  -2.383  1.00 85.91  ? 37  LEU B CG  1 
ATOM   942  C CD1 . LEU B 2 37 ? 7.495   9.774   -1.054  1.00 85.81  ? 37  LEU B CD1 1 
ATOM   943  C CD2 . LEU B 2 37 ? 8.140   9.184   -3.338  1.00 87.33  ? 37  LEU B CD2 1 
ATOM   944  N N   . LYS B 2 38 ? 4.873   13.131  -4.674  1.00 86.20  ? 38  LYS B N   1 
ATOM   945  C CA  . LYS B 2 38 ? 3.565   13.448  -5.258  1.00 86.05  ? 38  LYS B CA  1 
ATOM   946  C C   . LYS B 2 38 ? 3.777   13.549  -6.780  1.00 91.13  ? 38  LYS B C   1 
ATOM   947  O O   . LYS B 2 38 ? 3.142   12.801  -7.543  1.00 90.62  ? 38  LYS B O   1 
ATOM   948  C CB  . LYS B 2 38 ? 3.007   14.762  -4.669  1.00 87.09  ? 38  LYS B CB  1 
ATOM   949  C CG  . LYS B 2 38 ? 2.505   14.634  -3.234  1.00 79.15  ? 38  LYS B CG  1 
ATOM   950  C CD  . LYS B 2 38 ? 2.215   15.992  -2.638  1.00 78.03  ? 38  LYS B CD  1 
ATOM   951  C CE  . LYS B 2 38 ? 1.461   15.891  -1.343  1.00 79.83  ? 38  LYS B CE  1 
ATOM   952  N NZ  . LYS B 2 38 ? 1.393   17.194  -0.637  1.00 85.79  ? 38  LYS B NZ  1 
ATOM   953  N N   . LYS B 2 39 ? 4.782   14.373  -7.184  1.00 88.12  ? 39  LYS B N   1 
ATOM   954  C CA  . LYS B 2 39 ? 5.232   14.599  -8.561  1.00 88.35  ? 39  LYS B CA  1 
ATOM   955  C C   . LYS B 2 39 ? 6.001   13.385  -9.154  1.00 92.99  ? 39  LYS B C   1 
ATOM   956  O O   . LYS B 2 39 ? 6.402   13.426  -10.324 1.00 93.59  ? 39  LYS B O   1 
ATOM   957  C CB  . LYS B 2 39 ? 6.075   15.889  -8.651  1.00 90.76  ? 39  LYS B CB  1 
ATOM   958  N N   . SER B 2 40 ? 6.202   12.311  -8.358  1.00 88.43  ? 40  SER B N   1 
ATOM   959  C CA  . SER B 2 40 ? 6.863   11.102  -8.834  1.00 87.87  ? 40  SER B CA  1 
ATOM   960  C C   . SER B 2 40 ? 5.879   10.316  -9.693  1.00 90.90  ? 40  SER B C   1 
ATOM   961  O O   . SER B 2 40 ? 5.923   10.475  -10.917 1.00 91.00  ? 40  SER B O   1 
ATOM   962  C CB  . SER B 2 40 ? 7.400   10.258  -7.681  1.00 91.22  ? 40  SER B CB  1 
ATOM   963  O OG  . SER B 2 40 ? 8.575   10.832  -7.133  1.00 99.65  ? 40  SER B OG  1 
ATOM   964  N N   . LEU B 2 41 ? 4.965   9.509   -9.083  1.00 85.70  ? 41  LEU B N   1 
ATOM   965  C CA  . LEU B 2 41 ? 4.005   8.740   -9.884  1.00 84.16  ? 41  LEU B CA  1 
ATOM   966  C C   . LEU B 2 41 ? 2.529   9.050   -9.526  1.00 82.97  ? 41  LEU B C   1 
ATOM   967  O O   . LEU B 2 41 ? 2.255   9.860   -8.635  1.00 81.87  ? 41  LEU B O   1 
ATOM   968  C CB  . LEU B 2 41 ? 4.318   7.219   -9.904  1.00 84.19  ? 41  LEU B CB  1 
ATOM   969  C CG  . LEU B 2 41 ? 5.175   6.643   -11.120 1.00 88.50  ? 41  LEU B CG  1 
ATOM   970  C CD1 . LEU B 2 41 ? 4.501   6.841   -12.485 1.00 90.57  ? 41  LEU B CD1 1 
ATOM   971  C CD2 . LEU B 2 41 ? 6.643   7.129   -11.127 1.00 88.01  ? 41  LEU B CD2 1 
ATOM   972  N N   . ASN B 2 42 ? 1.605   8.493   -10.344 1.00 76.51  ? 42  ASN B N   1 
ATOM   973  C CA  . ASN B 2 42 ? 0.157   8.724   -10.369 1.00 75.06  ? 42  ASN B CA  1 
ATOM   974  C C   . ASN B 2 42 ? -0.563  8.424   -9.078  1.00 74.70  ? 42  ASN B C   1 
ATOM   975  O O   . ASN B 2 42 ? -1.169  7.361   -8.965  1.00 74.86  ? 42  ASN B O   1 
ATOM   976  C CB  . ASN B 2 42 ? -0.521  7.946   -11.529 1.00 77.88  ? 42  ASN B CB  1 
ATOM   977  C CG  . ASN B 2 42 ? 0.102   8.060   -12.910 1.00 104.14 ? 42  ASN B CG  1 
ATOM   978  O OD1 . ASN B 2 42 ? 1.323   7.929   -13.108 1.00 96.47  ? 42  ASN B OD1 1 
ATOM   979  N ND2 . ASN B 2 42 ? -0.743  8.257   -13.910 1.00 96.10  ? 42  ASN B ND2 1 
ATOM   980  N N   . LEU B 2 43 ? -0.556  9.351   -8.118  1.00 67.29  ? 43  LEU B N   1 
ATOM   981  C CA  . LEU B 2 43 ? -1.302  9.093   -6.888  1.00 65.08  ? 43  LEU B CA  1 
ATOM   982  C C   . LEU B 2 43 ? -2.621  9.836   -6.919  1.00 64.83  ? 43  LEU B C   1 
ATOM   983  O O   . LEU B 2 43 ? -2.664  11.053  -7.123  1.00 64.31  ? 43  LEU B O   1 
ATOM   984  C CB  . LEU B 2 43 ? -0.509  9.365   -5.614  1.00 65.00  ? 43  LEU B CB  1 
ATOM   985  C CG  . LEU B 2 43 ? -0.986  8.575   -4.409  1.00 69.56  ? 43  LEU B CG  1 
ATOM   986  C CD1 . LEU B 2 43 ? 0.186   8.050   -3.619  1.00 70.16  ? 43  LEU B CD1 1 
ATOM   987  C CD2 . LEU B 2 43 ? -1.933  9.399   -3.535  1.00 71.27  ? 43  LEU B CD2 1 
ATOM   988  N N   . ILE B 2 44 ? -3.702  9.078   -6.750  1.00 57.80  ? 44  ILE B N   1 
ATOM   989  C CA  . ILE B 2 44 ? -5.066  9.573   -6.836  1.00 55.43  ? 44  ILE B CA  1 
ATOM   990  C C   . ILE B 2 44 ? -5.791  9.125   -5.594  1.00 56.20  ? 44  ILE B C   1 
ATOM   991  O O   . ILE B 2 44 ? -5.919  7.927   -5.382  1.00 54.61  ? 44  ILE B O   1 
ATOM   992  C CB  . ILE B 2 44 ? -5.744  9.039   -8.156  1.00 57.76  ? 44  ILE B CB  1 
ATOM   993  C CG1 . ILE B 2 44 ? -5.081  9.602   -9.415  1.00 58.57  ? 44  ILE B CG1 1 
ATOM   994  C CG2 . ILE B 2 44 ? -7.213  9.330   -8.222  1.00 56.64  ? 44  ILE B CG2 1 
ATOM   995  C CD1 . ILE B 2 44 ? -4.060  8.696   -10.089 1.00 69.24  ? 44  ILE B CD1 1 
ATOM   996  N N   . THR B 2 45 ? -6.211  10.093  -4.756  1.00 52.67  ? 45  THR B N   1 
ATOM   997  C CA  . THR B 2 45 ? -7.044  9.912   -3.547  1.00 52.21  ? 45  THR B CA  1 
ATOM   998  C C   . THR B 2 45 ? -8.404  10.612  -3.830  1.00 54.72  ? 45  THR B C   1 
ATOM   999  O O   . THR B 2 45 ? -8.418  11.749  -4.309  1.00 55.04  ? 45  THR B O   1 
ATOM   1000 C CB  . THR B 2 45 ? -6.406  10.503  -2.250  1.00 54.55  ? 45  THR B CB  1 
ATOM   1001 O OG1 . THR B 2 45 ? -4.970  10.446  -2.274  1.00 55.96  ? 45  THR B OG1 1 
ATOM   1002 C CG2 . THR B 2 45 ? -6.955  9.851   -0.995  1.00 44.66  ? 45  THR B CG2 1 
ATOM   1003 N N   . PHE B 2 46 ? -9.532  9.950   -3.560  1.00 48.24  ? 46  PHE B N   1 
ATOM   1004 C CA  . PHE B 2 46 ? -10.832 10.573  -3.813  1.00 46.32  ? 46  PHE B CA  1 
ATOM   1005 C C   . PHE B 2 46 ? -11.947 9.809   -3.135  1.00 52.62  ? 46  PHE B C   1 
ATOM   1006 O O   . PHE B 2 46 ? -11.849 8.576   -3.051  1.00 52.39  ? 46  PHE B O   1 
ATOM   1007 C CB  . PHE B 2 46 ? -11.113 10.668  -5.324  1.00 46.27  ? 46  PHE B CB  1 
ATOM   1008 C CG  . PHE B 2 46 ? -11.169 9.354   -6.051  1.00 46.24  ? 46  PHE B CG  1 
ATOM   1009 C CD1 . PHE B 2 46 ? -10.012 8.736   -6.491  1.00 48.49  ? 46  PHE B CD1 1 
ATOM   1010 C CD2 . PHE B 2 46 ? -12.383 8.728   -6.291  1.00 47.74  ? 46  PHE B CD2 1 
ATOM   1011 C CE1 . PHE B 2 46 ? -10.066 7.515   -7.170  1.00 49.28  ? 46  PHE B CE1 1 
ATOM   1012 C CE2 . PHE B 2 46 ? -12.438 7.511   -6.975  1.00 50.34  ? 46  PHE B CE2 1 
ATOM   1013 C CZ  . PHE B 2 46 ? -11.279 6.922   -7.425  1.00 48.38  ? 46  PHE B CZ  1 
ATOM   1014 N N   . PRO B 2 47 ? -13.044 10.480  -2.701  1.00 50.35  ? 47  PRO B N   1 
ATOM   1015 C CA  . PRO B 2 47 ? -14.169 9.727   -2.129  1.00 50.84  ? 47  PRO B CA  1 
ATOM   1016 C C   . PRO B 2 47 ? -14.989 9.037   -3.230  1.00 57.27  ? 47  PRO B C   1 
ATOM   1017 O O   . PRO B 2 47 ? -14.905 9.408   -4.402  1.00 56.26  ? 47  PRO B O   1 
ATOM   1018 C CB  . PRO B 2 47 ? -14.961 10.779  -1.336  1.00 52.29  ? 47  PRO B CB  1 
ATOM   1019 C CG  . PRO B 2 47 ? -14.263 12.090  -1.578  1.00 56.51  ? 47  PRO B CG  1 
ATOM   1020 C CD  . PRO B 2 47 ? -13.346 11.922  -2.741  1.00 51.89  ? 47  PRO B CD  1 
ATOM   1021 N N   . ASP B 2 48 ? -15.730 7.991   -2.845  1.00 56.51  ? 48  ASP B N   1 
ATOM   1022 C CA  . ASP B 2 48 ? -16.571 7.142   -3.696  1.00 57.04  ? 48  ASP B CA  1 
ATOM   1023 C C   . ASP B 2 48 ? -17.711 6.761   -2.763  1.00 59.02  ? 48  ASP B C   1 
ATOM   1024 O O   . ASP B 2 48 ? -17.701 5.683   -2.160  1.00 58.78  ? 48  ASP B O   1 
ATOM   1025 C CB  . ASP B 2 48 ? -15.760 5.893   -4.120  1.00 59.91  ? 48  ASP B CB  1 
ATOM   1026 C CG  . ASP B 2 48 ? -16.043 5.338   -5.504  1.00 75.14  ? 48  ASP B CG  1 
ATOM   1027 O OD1 . ASP B 2 48 ? -17.140 4.769   -5.701  1.00 76.84  ? 48  ASP B OD1 1 
ATOM   1028 O OD2 . ASP B 2 48 ? -15.150 5.436   -6.379  1.00 81.66  ? 48  ASP B OD2 1 
ATOM   1029 N N   . GLY B 2 49 ? -18.622 7.704   -2.568  1.00 54.36  ? 49  GLY B N   1 
ATOM   1030 C CA  . GLY B 2 49 ? -19.704 7.548   -1.614  1.00 54.70  ? 49  GLY B CA  1 
ATOM   1031 C C   . GLY B 2 49 ? -19.142 7.582   -0.202  1.00 61.15  ? 49  GLY B C   1 
ATOM   1032 O O   . GLY B 2 49 ? -18.669 8.629   0.252   1.00 61.79  ? 49  GLY B O   1 
ATOM   1033 N N   . ALA B 2 50 ? -19.140 6.421   0.481   1.00 58.44  ? 50  ALA B N   1 
ATOM   1034 C CA  . ALA B 2 50 ? -18.645 6.282   1.860   1.00 58.44  ? 50  ALA B CA  1 
ATOM   1035 C C   . ALA B 2 50 ? -17.218 5.712   1.976   1.00 60.81  ? 50  ALA B C   1 
ATOM   1036 O O   . ALA B 2 50 ? -16.672 5.657   3.085   1.00 60.36  ? 50  ALA B O   1 
ATOM   1037 C CB  . ALA B 2 50 ? -19.620 5.460   2.695   1.00 59.49  ? 50  ALA B CB  1 
ATOM   1038 N N   . ARG B 2 51 ? -16.610 5.309   0.842   1.00 55.60  ? 51  ARG B N   1 
ATOM   1039 C CA  . ARG B 2 51 ? -15.226 4.830   0.829   1.00 53.91  ? 51  ARG B CA  1 
ATOM   1040 C C   . ARG B 2 51 ? -14.297 5.902   0.215   1.00 54.16  ? 51  ARG B C   1 
ATOM   1041 O O   . ARG B 2 51 ? -14.768 6.734   -0.569  1.00 52.59  ? 51  ARG B O   1 
ATOM   1042 C CB  . ARG B 2 51 ? -15.080 3.444   0.170   1.00 52.30  ? 51  ARG B CB  1 
ATOM   1043 C CG  . ARG B 2 51 ? -15.446 3.393   -1.300  1.00 65.26  ? 51  ARG B CG  1 
ATOM   1044 C CD  . ARG B 2 51 ? -16.261 2.156   -1.616  1.00 84.75  ? 51  ARG B CD  1 
ATOM   1045 N NE  . ARG B 2 51 ? -15.601 1.312   -2.616  1.00 101.93 ? 51  ARG B NE  1 
ATOM   1046 C CZ  . ARG B 2 51 ? -15.771 1.425   -3.929  1.00 120.36 ? 51  ARG B CZ  1 
ATOM   1047 N NH1 . ARG B 2 51 ? -16.590 2.345   -4.424  1.00 114.70 ? 51  ARG B NH1 1 
ATOM   1048 N NH2 . ARG B 2 51 ? -15.124 0.616   -4.760  1.00 102.82 ? 51  ARG B NH2 1 
ATOM   1049 N N   . VAL B 2 52 ? -13.013 5.931   0.639   1.00 48.12  ? 52  VAL B N   1 
ATOM   1050 C CA  . VAL B 2 52 ? -12.021 6.874   0.123   1.00 46.74  ? 52  VAL B CA  1 
ATOM   1051 C C   . VAL B 2 52 ? -10.982 6.076   -0.684  1.00 49.58  ? 52  VAL B C   1 
ATOM   1052 O O   . VAL B 2 52 ? -9.973  5.609   -0.146  1.00 48.98  ? 52  VAL B O   1 
ATOM   1053 C CB  . VAL B 2 52 ? -11.434 7.890   1.159   1.00 49.80  ? 52  VAL B CB  1 
ATOM   1054 C CG1 . VAL B 2 52 ? -11.243 7.273   2.511   1.00 49.56  ? 52  VAL B CG1 1 
ATOM   1055 C CG2 . VAL B 2 52 ? -10.144 8.545   0.683   1.00 49.46  ? 52  VAL B CG2 1 
ATOM   1056 N N   . VAL B 2 53 ? -11.288 5.897   -1.996  1.00 44.93  ? 53  VAL B N   1 
ATOM   1057 C CA  . VAL B 2 53 ? -10.473 5.170   -2.979  1.00 43.53  ? 53  VAL B CA  1 
ATOM   1058 C C   . VAL B 2 53 ? -9.180  5.897   -3.243  1.00 46.48  ? 53  VAL B C   1 
ATOM   1059 O O   . VAL B 2 53 ? -9.190  7.117   -3.427  1.00 46.77  ? 53  VAL B O   1 
ATOM   1060 C CB  . VAL B 2 53 ? -11.213 4.908   -4.309  1.00 46.37  ? 53  VAL B CB  1 
ATOM   1061 C CG1 . VAL B 2 53 ? -10.351 4.086   -5.266  1.00 45.45  ? 53  VAL B CG1 1 
ATOM   1062 C CG2 . VAL B 2 53 ? -12.549 4.220   -4.062  1.00 46.42  ? 53  VAL B CG2 1 
ATOM   1063 N N   . THR B 2 54 ? -8.070  5.133   -3.240  1.00 41.24  ? 54  THR B N   1 
ATOM   1064 C CA  . THR B 2 54 ? -6.716  5.568   -3.559  1.00 40.18  ? 54  THR B CA  1 
ATOM   1065 C C   . THR B 2 54 ? -6.163  4.620   -4.599  1.00 41.97  ? 54  THR B C   1 
ATOM   1066 O O   . THR B 2 54 ? -6.230  3.405   -4.409  1.00 41.99  ? 54  THR B O   1 
ATOM   1067 C CB  . THR B 2 54 ? -5.817  5.659   -2.331  1.00 46.02  ? 54  THR B CB  1 
ATOM   1068 O OG1 . THR B 2 54 ? -6.341  6.639   -1.442  1.00 49.53  ? 54  THR B OG1 1 
ATOM   1069 C CG2 . THR B 2 54 ? -4.402  6.037   -2.700  1.00 40.06  ? 54  THR B CG2 1 
ATOM   1070 N N   . LYS B 2 55 ? -5.652  5.162   -5.702  1.00 36.13  ? 55  LYS B N   1 
ATOM   1071 C CA  . LYS B 2 55 ? -5.114  4.338   -6.769  1.00 35.46  ? 55  LYS B CA  1 
ATOM   1072 C C   . LYS B 2 55 ? -3.773  4.901   -7.185  1.00 40.58  ? 55  LYS B C   1 
ATOM   1073 O O   . LYS B 2 55 ? -3.650  6.119   -7.353  1.00 40.55  ? 55  LYS B O   1 
ATOM   1074 C CB  . LYS B 2 55 ? -6.073  4.326   -7.978  1.00 37.25  ? 55  LYS B CB  1 
ATOM   1075 C CG  . LYS B 2 55 ? -7.437  3.666   -7.757  1.00 40.11  ? 55  LYS B CG  1 
ATOM   1076 C CD  . LYS B 2 55 ? -8.426  3.942   -8.904  1.00 42.64  ? 55  LYS B CD  1 
ATOM   1077 C CE  . LYS B 2 55 ? -8.484  2.811   -9.910  1.00 54.49  ? 55  LYS B CE  1 
ATOM   1078 N NZ  . LYS B 2 55 ? -9.304  3.158   -11.102 1.00 62.68  ? 55  LYS B NZ  1 
ATOM   1079 N N   . VAL B 2 56 ? -2.754  4.034   -7.326  1.00 37.28  ? 56  VAL B N   1 
ATOM   1080 C CA  . VAL B 2 56 ? -1.430  4.453   -7.787  1.00 37.13  ? 56  VAL B CA  1 
ATOM   1081 C C   . VAL B 2 56 ? -0.954  3.529   -8.882  1.00 43.11  ? 56  VAL B C   1 
ATOM   1082 O O   . VAL B 2 56 ? -1.231  2.332   -8.860  1.00 42.85  ? 56  VAL B O   1 
ATOM   1083 C CB  . VAL B 2 56 ? -0.330  4.724   -6.708  1.00 40.98  ? 56  VAL B CB  1 
ATOM   1084 C CG1 . VAL B 2 56 ? -0.891  4.792   -5.288  1.00 41.23  ? 56  VAL B CG1 1 
ATOM   1085 C CG2 . VAL B 2 56 ? 0.852   3.759   -6.797  1.00 40.56  ? 56  VAL B CG2 1 
ATOM   1086 N N   . LYS B 2 57 ? -0.310  4.118   -9.887  1.00 41.95  ? 57  LYS B N   1 
ATOM   1087 C CA  . LYS B 2 57 ? 0.318   3.419   -10.997 1.00 42.46  ? 57  LYS B CA  1 
ATOM   1088 C C   . LYS B 2 57 ? 1.765   3.852   -10.915 1.00 47.59  ? 57  LYS B C   1 
ATOM   1089 O O   . LYS B 2 57 ? 2.075   5.052   -10.953 1.00 46.78  ? 57  LYS B O   1 
ATOM   1090 C CB  . LYS B 2 57 ? -0.341  3.735   -12.349 1.00 44.63  ? 57  LYS B CB  1 
ATOM   1091 C CG  . LYS B 2 57 ? -1.338  2.655   -12.769 1.00 61.44  ? 57  LYS B CG  1 
ATOM   1092 C CD  . LYS B 2 57 ? -2.246  3.095   -13.938 1.00 77.22  ? 57  LYS B CD  1 
ATOM   1093 C CE  . LYS B 2 57 ? -1.611  3.054   -15.324 1.00 79.94  ? 57  LYS B CE  1 
ATOM   1094 N NZ  . LYS B 2 57 ? -2.615  3.239   -16.414 1.00 75.85  ? 57  LYS B NZ  1 
ATOM   1095 N N   . TYR B 2 58 ? 2.632   2.873   -10.651 1.00 44.96  ? 58  TYR B N   1 
ATOM   1096 C CA  . TYR B 2 58 ? 4.052   3.101   -10.446 1.00 45.06  ? 58  TYR B CA  1 
ATOM   1097 C C   . TYR B 2 58 ? 4.954   2.330   -11.447 1.00 50.70  ? 58  TYR B C   1 
ATOM   1098 O O   . TYR B 2 58 ? 4.549   1.319   -12.029 1.00 50.74  ? 58  TYR B O   1 
ATOM   1099 C CB  . TYR B 2 58 ? 4.424   2.795   -8.960  1.00 45.29  ? 58  TYR B CB  1 
ATOM   1100 C CG  . TYR B 2 58 ? 5.852   3.156   -8.609  1.00 45.21  ? 58  TYR B CG  1 
ATOM   1101 C CD1 . TYR B 2 58 ? 6.226   4.476   -8.403  1.00 46.22  ? 58  TYR B CD1 1 
ATOM   1102 C CD2 . TYR B 2 58 ? 6.847   2.183   -8.560  1.00 45.73  ? 58  TYR B CD2 1 
ATOM   1103 C CE1 . TYR B 2 58 ? 7.546   4.822   -8.150  1.00 45.57  ? 58  TYR B CE1 1 
ATOM   1104 C CE2 . TYR B 2 58 ? 8.174   2.521   -8.318  1.00 46.27  ? 58  TYR B CE2 1 
ATOM   1105 C CZ  . TYR B 2 58 ? 8.517   3.842   -8.106  1.00 53.12  ? 58  TYR B CZ  1 
ATOM   1106 O OH  . TYR B 2 58 ? 9.818   4.206   -7.881  1.00 58.92  ? 58  TYR B OH  1 
ATOM   1107 N N   . GLU B 2 59 ? 6.163   2.863   -11.655 1.00 47.41  ? 59  GLU B N   1 
ATOM   1108 C CA  . GLU B 2 59 ? 7.263   2.312   -12.429 1.00 47.56  ? 59  GLU B CA  1 
ATOM   1109 C C   . GLU B 2 59 ? 8.508   3.010   -11.905 1.00 51.82  ? 59  GLU B C   1 
ATOM   1110 O O   . GLU B 2 59 ? 8.557   4.241   -11.864 1.00 52.46  ? 59  GLU B O   1 
ATOM   1111 C CB  . GLU B 2 59 ? 7.079   2.513   -13.942 1.00 49.37  ? 59  GLU B CB  1 
ATOM   1112 C CG  . GLU B 2 59 ? 8.282   2.075   -14.774 1.00 64.00  ? 59  GLU B CG  1 
ATOM   1113 C CD  . GLU B 2 59 ? 8.029   1.157   -15.958 1.00 95.76  ? 59  GLU B CD  1 
ATOM   1114 O OE1 . GLU B 2 59 ? 6.896   1.143   -16.497 1.00 83.93  ? 59  GLU B OE1 1 
ATOM   1115 O OE2 . GLU B 2 59 ? 8.984   0.443   -16.345 1.00 99.13  ? 59  GLU B OE2 1 
ATOM   1116 N N   . GLY B 2 60 ? 9.470   2.218   -11.462 1.00 47.91  ? 60  GLY B N   1 
ATOM   1117 C CA  . GLY B 2 60 ? 10.720  2.697   -10.893 1.00 47.88  ? 60  GLY B CA  1 
ATOM   1118 C C   . GLY B 2 60 ? 11.273  1.712   -9.891  1.00 53.72  ? 60  GLY B C   1 
ATOM   1119 O O   . GLY B 2 60 ? 11.131  0.497   -10.064 1.00 54.01  ? 60  GLY B O   1 
ATOM   1120 N N   . GLU B 2 61 ? 11.903  2.211   -8.840  1.00 51.37  ? 61  GLU B N   1 
ATOM   1121 C CA  . GLU B 2 61 ? 12.452  1.319   -7.821  1.00 52.24  ? 61  GLU B CA  1 
ATOM   1122 C C   . GLU B 2 61 ? 11.455  1.271   -6.688  1.00 54.79  ? 61  GLU B C   1 
ATOM   1123 O O   . GLU B 2 61 ? 10.832  2.285   -6.406  1.00 54.53  ? 61  GLU B O   1 
ATOM   1124 C CB  . GLU B 2 61 ? 13.817  1.827   -7.337  1.00 54.45  ? 61  GLU B CB  1 
ATOM   1125 C CG  . GLU B 2 61 ? 14.804  2.136   -8.462  1.00 69.00  ? 61  GLU B CG  1 
ATOM   1126 C CD  . GLU B 2 61 ? 15.699  1.012   -8.954  1.00 88.34  ? 61  GLU B CD  1 
ATOM   1127 O OE1 . GLU B 2 61 ? 16.425  0.412   -8.126  1.00 82.27  ? 61  GLU B OE1 1 
ATOM   1128 O OE2 . GLU B 2 61 ? 15.705  0.762   -10.182 1.00 75.24  ? 61  GLU B OE2 1 
ATOM   1129 N N   . ILE B 2 62 ? 11.299  0.128   -6.022  1.00 50.62  ? 62  ILE B N   1 
ATOM   1130 C CA  . ILE B 2 62 ? 10.300  0.012   -4.949  1.00 50.33  ? 62  ILE B CA  1 
ATOM   1131 C C   . ILE B 2 62 ? 10.520  1.029   -3.780  1.00 54.05  ? 62  ILE B C   1 
ATOM   1132 O O   . ILE B 2 62 ? 9.537   1.369   -3.132  1.00 52.78  ? 62  ILE B O   1 
ATOM   1133 C CB  . ILE B 2 62 ? 10.139  -1.458  -4.456  1.00 53.35  ? 62  ILE B CB  1 
ATOM   1134 C CG1 . ILE B 2 62 ? 8.780   -1.688  -3.790  1.00 54.02  ? 62  ILE B CG1 1 
ATOM   1135 C CG2 . ILE B 2 62 ? 11.283  -1.949  -3.585  1.00 53.51  ? 62  ILE B CG2 1 
ATOM   1136 C CD1 . ILE B 2 62 ? 8.181   -3.041  -4.069  1.00 65.01  ? 62  ILE B CD1 1 
ATOM   1137 N N   . GLU B 2 63 ? 11.766  1.545   -3.557  1.00 51.21  ? 63  GLU B N   1 
ATOM   1138 C CA  . GLU B 2 63 ? 12.088  2.508   -2.482  1.00 51.34  ? 63  GLU B CA  1 
ATOM   1139 C C   . GLU B 2 63 ? 11.079  3.658   -2.429  1.00 53.19  ? 63  GLU B C   1 
ATOM   1140 O O   . GLU B 2 63 ? 10.561  3.965   -1.357  1.00 53.41  ? 63  GLU B O   1 
ATOM   1141 C CB  . GLU B 2 63 ? 13.547  3.026   -2.618  1.00 53.72  ? 63  GLU B CB  1 
ATOM   1142 C CG  . GLU B 2 63 ? 13.883  4.388   -1.972  1.00 72.93  ? 63  GLU B CG  1 
ATOM   1143 C CD  . GLU B 2 63 ? 14.572  5.460   -2.824  1.00 95.41  ? 63  GLU B CD  1 
ATOM   1144 O OE1 . GLU B 2 63 ? 15.671  5.180   -3.359  1.00 80.79  ? 63  GLU B OE1 1 
ATOM   1145 O OE2 . GLU B 2 63 ? 14.030  6.589   -2.929  1.00 85.80  ? 63  GLU B OE2 1 
ATOM   1146 N N   . SER B 2 64 ? 10.794  4.268   -3.598  1.00 47.11  ? 64  SER B N   1 
ATOM   1147 C CA  . SER B 2 64 ? 9.889   5.405   -3.754  1.00 45.11  ? 64  SER B CA  1 
ATOM   1148 C C   . SER B 2 64 ? 8.450   4.978   -3.620  1.00 45.36  ? 64  SER B C   1 
ATOM   1149 O O   . SER B 2 64 ? 7.630   5.767   -3.159  1.00 44.61  ? 64  SER B O   1 
ATOM   1150 C CB  . SER B 2 64 ? 10.119  6.081   -5.096  1.00 48.39  ? 64  SER B CB  1 
ATOM   1151 O OG  . SER B 2 64 ? 11.494  6.031   -5.439  1.00 58.90  ? 64  SER B OG  1 
ATOM   1152 N N   . LEU B 2 65 ? 8.134   3.735   -4.011  1.00 40.36  ? 65  LEU B N   1 
ATOM   1153 C CA  . LEU B 2 65 ? 6.780   3.199   -3.887  1.00 39.80  ? 65  LEU B CA  1 
ATOM   1154 C C   . LEU B 2 65 ? 6.477   2.963   -2.431  1.00 43.84  ? 65  LEU B C   1 
ATOM   1155 O O   . LEU B 2 65 ? 5.452   3.432   -1.938  1.00 43.18  ? 65  LEU B O   1 
ATOM   1156 C CB  . LEU B 2 65 ? 6.589   1.895   -4.686  1.00 39.62  ? 65  LEU B CB  1 
ATOM   1157 C CG  . LEU B 2 65 ? 5.239   1.187   -4.514  1.00 43.80  ? 65  LEU B CG  1 
ATOM   1158 C CD1 . LEU B 2 65 ? 4.083   2.034   -5.047  1.00 44.01  ? 65  LEU B CD1 1 
ATOM   1159 C CD2 . LEU B 2 65 ? 5.259   -0.154  -5.166  1.00 45.49  ? 65  LEU B CD2 1 
ATOM   1160 N N   . VAL B 2 66 ? 7.385   2.238   -1.744  1.00 40.93  ? 66  VAL B N   1 
ATOM   1161 C CA  . VAL B 2 66 ? 7.286   1.897   -0.331  1.00 40.53  ? 66  VAL B CA  1 
ATOM   1162 C C   . VAL B 2 66 ? 6.978   3.169   0.445   1.00 45.59  ? 66  VAL B C   1 
ATOM   1163 O O   . VAL B 2 66 ? 5.964   3.208   1.140   1.00 45.80  ? 66  VAL B O   1 
ATOM   1164 C CB  . VAL B 2 66 ? 8.549   1.174   0.205   1.00 43.72  ? 66  VAL B CB  1 
ATOM   1165 C CG1 . VAL B 2 66 ? 8.476   0.997   1.716   1.00 43.52  ? 66  VAL B CG1 1 
ATOM   1166 C CG2 . VAL B 2 66 ? 8.743   -0.174  -0.467  1.00 43.54  ? 66  VAL B CG2 1 
ATOM   1167 N N   . VAL B 2 67 ? 7.789   4.233   0.238   1.00 41.67  ? 67  VAL B N   1 
ATOM   1168 C CA  . VAL B 2 67 ? 7.641   5.492   0.952   1.00 40.96  ? 67  VAL B CA  1 
ATOM   1169 C C   . VAL B 2 67 ? 6.316   6.185   0.640   1.00 45.73  ? 67  VAL B C   1 
ATOM   1170 O O   . VAL B 2 67 ? 5.604   6.539   1.577   1.00 45.80  ? 67  VAL B O   1 
ATOM   1171 C CB  . VAL B 2 67 ? 8.838   6.434   0.789   1.00 44.09  ? 67  VAL B CB  1 
ATOM   1172 C CG1 . VAL B 2 67 ? 8.652   7.653   1.675   1.00 44.27  ? 67  VAL B CG1 1 
ATOM   1173 C CG2 . VAL B 2 67 ? 10.144  5.732   1.147   1.00 43.55  ? 67  VAL B CG2 1 
ATOM   1174 N N   . ALA B 2 68 ? 5.963   6.333   -0.649  1.00 42.29  ? 68  ALA B N   1 
ATOM   1175 C CA  . ALA B 2 68 ? 4.717   6.986   -1.074  1.00 41.68  ? 68  ALA B CA  1 
ATOM   1176 C C   . ALA B 2 68 ? 3.455   6.445   -0.366  1.00 44.03  ? 68  ALA B C   1 
ATOM   1177 O O   . ALA B 2 68 ? 2.662   7.244   0.126   1.00 42.32  ? 68  ALA B O   1 
ATOM   1178 C CB  . ALA B 2 68 ? 4.570   6.920   -2.588  1.00 42.33  ? 68  ALA B CB  1 
ATOM   1179 N N   . LEU B 2 69 ? 3.326   5.107   -0.249  1.00 41.34  ? 69  LEU B N   1 
ATOM   1180 C CA  . LEU B 2 69 ? 2.191   4.447   0.413   1.00 41.85  ? 69  LEU B CA  1 
ATOM   1181 C C   . LEU B 2 69 ? 2.282   4.607   1.939   1.00 49.59  ? 69  LEU B C   1 
ATOM   1182 O O   . LEU B 2 69 ? 1.301   4.975   2.587   1.00 49.35  ? 69  LEU B O   1 
ATOM   1183 C CB  . LEU B 2 69 ? 2.082   2.954   0.029   1.00 41.33  ? 69  LEU B CB  1 
ATOM   1184 C CG  . LEU B 2 69 ? 2.410   2.542   -1.408  1.00 45.30  ? 69  LEU B CG  1 
ATOM   1185 C CD1 . LEU B 2 69 ? 2.259   1.068   -1.586  1.00 44.43  ? 69  LEU B CD1 1 
ATOM   1186 C CD2 . LEU B 2 69 ? 1.551   3.275   -2.432  1.00 48.85  ? 69  LEU B CD2 1 
ATOM   1187 N N   . ASP B 2 70 ? 3.472   4.355   2.502   1.00 48.71  ? 70  ASP B N   1 
ATOM   1188 C CA  . ASP B 2 70 ? 3.792   4.497   3.922   1.00 49.90  ? 70  ASP B CA  1 
ATOM   1189 C C   . ASP B 2 70 ? 3.320   5.905   4.350   1.00 52.22  ? 70  ASP B C   1 
ATOM   1190 O O   . ASP B 2 70 ? 2.567   6.021   5.312   1.00 50.94  ? 70  ASP B O   1 
ATOM   1191 C CB  . ASP B 2 70 ? 5.334   4.292   4.088   1.00 53.66  ? 70  ASP B CB  1 
ATOM   1192 C CG  . ASP B 2 70 ? 6.009   4.408   5.457   1.00 75.47  ? 70  ASP B CG  1 
ATOM   1193 O OD1 . ASP B 2 70 ? 5.621   5.304   6.244   1.00 79.16  ? 70  ASP B OD1 1 
ATOM   1194 O OD2 . ASP B 2 70 ? 7.000   3.667   5.699   1.00 79.73  ? 70  ASP B OD2 1 
ATOM   1195 N N   . ASP B 2 71 ? 3.669   6.944   3.548   1.00 48.68  ? 71  ASP B N   1 
ATOM   1196 C CA  . ASP B 2 71 ? 3.324   8.355   3.749   1.00 48.29  ? 71  ASP B CA  1 
ATOM   1197 C C   . ASP B 2 71 ? 1.826   8.661   3.595   1.00 52.80  ? 71  ASP B C   1 
ATOM   1198 O O   . ASP B 2 71 ? 1.279   9.446   4.377   1.00 53.47  ? 71  ASP B O   1 
ATOM   1199 C CB  . ASP B 2 71 ? 4.158   9.249   2.812   1.00 50.05  ? 71  ASP B CB  1 
ATOM   1200 C CG  . ASP B 2 71 ? 5.653   9.312   3.122   1.00 62.33  ? 71  ASP B CG  1 
ATOM   1201 O OD1 . ASP B 2 71 ? 6.086   8.665   4.099   1.00 66.13  ? 71  ASP B OD1 1 
ATOM   1202 O OD2 . ASP B 2 71 ? 6.393   10.013  2.380   1.00 61.62  ? 71  ASP B OD2 1 
ATOM   1203 N N   . LEU B 2 72 ? 1.164   8.035   2.597   1.00 47.83  ? 72  LEU B N   1 
ATOM   1204 C CA  . LEU B 2 72 ? -0.266  8.213   2.277   1.00 45.97  ? 72  LEU B CA  1 
ATOM   1205 C C   . LEU B 2 72 ? -1.228  7.606   3.301   1.00 46.66  ? 72  LEU B C   1 
ATOM   1206 O O   . LEU B 2 72 ? -2.231  8.243   3.637   1.00 45.80  ? 72  LEU B O   1 
ATOM   1207 C CB  . LEU B 2 72 ? -0.545  7.671   0.871   1.00 45.42  ? 72  LEU B CB  1 
ATOM   1208 C CG  . LEU B 2 72 ? -1.953  7.306   0.483   1.00 49.34  ? 72  LEU B CG  1 
ATOM   1209 C CD1 . LEU B 2 72 ? -2.837  8.526   0.355   1.00 49.64  ? 72  LEU B CD1 1 
ATOM   1210 C CD2 . LEU B 2 72 ? -1.916  6.611   -0.803  1.00 52.00  ? 72  LEU B CD2 1 
ATOM   1211 N N   . ILE B 2 73 ? -0.948  6.373   3.755   1.00 41.38  ? 73  ILE B N   1 
ATOM   1212 C CA  . ILE B 2 73 ? -1.768  5.698   4.760   1.00 40.81  ? 73  ILE B CA  1 
ATOM   1213 C C   . ILE B 2 73 ? -1.571  6.466   6.058   1.00 46.81  ? 73  ILE B C   1 
ATOM   1214 O O   . ILE B 2 73 ? -2.528  6.644   6.813   1.00 47.15  ? 73  ILE B O   1 
ATOM   1215 C CB  . ILE B 2 73 ? -1.406  4.197   4.888   1.00 43.17  ? 73  ILE B CB  1 
ATOM   1216 C CG1 . ILE B 2 73 ? -1.836  3.411   3.634   1.00 42.54  ? 73  ILE B CG1 1 
ATOM   1217 C CG2 . ILE B 2 73 ? -2.039  3.592   6.130   1.00 44.24  ? 73  ILE B CG2 1 
ATOM   1218 C CD1 . ILE B 2 73 ? -0.817  2.488   3.052   1.00 42.69  ? 73  ILE B CD1 1 
ATOM   1219 N N   . PHE B 2 74 ? -0.342  6.982   6.278   1.00 43.77  ? 74  PHE B N   1 
ATOM   1220 C CA  . PHE B 2 74 ? -0.045  7.784   7.448   1.00 43.69  ? 74  PHE B CA  1 
ATOM   1221 C C   . PHE B 2 74 ? -0.854  9.064   7.385   1.00 49.28  ? 74  PHE B C   1 
ATOM   1222 O O   . PHE B 2 74 ? -1.426  9.469   8.398   1.00 49.68  ? 74  PHE B O   1 
ATOM   1223 C CB  . PHE B 2 74 ? 1.447   8.085   7.569   1.00 45.37  ? 74  PHE B CB  1 
ATOM   1224 C CG  . PHE B 2 74 ? 1.720   8.959   8.762   1.00 47.62  ? 74  PHE B CG  1 
ATOM   1225 C CD1 . PHE B 2 74 ? 1.493   8.492   10.053  1.00 51.70  ? 74  PHE B CD1 1 
ATOM   1226 C CD2 . PHE B 2 74 ? 2.120   10.280  8.598   1.00 50.57  ? 74  PHE B CD2 1 
ATOM   1227 C CE1 . PHE B 2 74 ? 1.692   9.321   11.158  1.00 53.09  ? 74  PHE B CE1 1 
ATOM   1228 C CE2 . PHE B 2 74 ? 2.349   11.103  9.704   1.00 53.73  ? 74  PHE B CE2 1 
ATOM   1229 C CZ  . PHE B 2 74 ? 2.138   10.617  10.978  1.00 52.07  ? 74  PHE B CZ  1 
ATOM   1230 N N   . ALA B 2 75 ? -0.939  9.666   6.181   1.00 45.84  ? 75  ALA B N   1 
ATOM   1231 C CA  . ALA B 2 75 ? -1.718  10.875  5.915   1.00 45.45  ? 75  ALA B CA  1 
ATOM   1232 C C   . ALA B 2 75 ? -3.244  10.656  6.154   1.00 47.70  ? 75  ALA B C   1 
ATOM   1233 O O   . ALA B 2 75 ? -3.916  11.574  6.636   1.00 47.72  ? 75  ALA B O   1 
ATOM   1234 C CB  . ALA B 2 75 ? -1.457  11.353  4.500   1.00 46.23  ? 75  ALA B CB  1 
ATOM   1235 N N   . ILE B 2 76 ? -3.772  9.450   5.836   1.00 41.77  ? 76  ILE B N   1 
ATOM   1236 C CA  . ILE B 2 76 ? -5.175  9.118   6.082   1.00 41.38  ? 76  ILE B CA  1 
ATOM   1237 C C   . ILE B 2 76 ? -5.320  8.927   7.589   1.00 48.50  ? 76  ILE B C   1 
ATOM   1238 O O   . ILE B 2 76 ? -6.330  9.340   8.158   1.00 48.83  ? 76  ILE B O   1 
ATOM   1239 C CB  . ILE B 2 76 ? -5.675  7.868   5.273   1.00 43.75  ? 76  ILE B CB  1 
ATOM   1240 C CG1 . ILE B 2 76 ? -5.547  8.090   3.750   1.00 44.16  ? 76  ILE B CG1 1 
ATOM   1241 C CG2 . ILE B 2 76 ? -7.113  7.491   5.635   1.00 42.53  ? 76  ILE B CG2 1 
ATOM   1242 C CD1 . ILE B 2 76 ? -5.939  6.927   2.818   1.00 45.93  ? 76  ILE B CD1 1 
ATOM   1243 N N   . LYS B 2 77 ? -4.299  8.312   8.235   1.00 46.76  ? 77  LYS B N   1 
ATOM   1244 C CA  . LYS B 2 77 ? -4.294  8.045   9.679   1.00 47.11  ? 77  LYS B CA  1 
ATOM   1245 C C   . LYS B 2 77 ? -4.406  9.343   10.463  1.00 51.80  ? 77  LYS B C   1 
ATOM   1246 O O   . LYS B 2 77 ? -5.341  9.472   11.248  1.00 52.14  ? 77  LYS B O   1 
ATOM   1247 C CB  . LYS B 2 77 ? -3.072  7.218   10.122  1.00 49.53  ? 77  LYS B CB  1 
ATOM   1248 C CG  . LYS B 2 77 ? -3.342  6.359   11.358  1.00 64.02  ? 77  LYS B CG  1 
ATOM   1249 C CD  . LYS B 2 77 ? -2.060  5.871   12.054  1.00 80.43  ? 77  LYS B CD  1 
ATOM   1250 C CE  . LYS B 2 77 ? -1.380  4.692   11.375  1.00 96.10  ? 77  LYS B CE  1 
ATOM   1251 N NZ  . LYS B 2 77 ? -0.329  4.055   12.228  1.00 101.06 ? 77  LYS B NZ  1 
ATOM   1252 N N   . VAL B 2 78 ? -3.534  10.335  10.188  1.00 47.89  ? 78  VAL B N   1 
ATOM   1253 C CA  . VAL B 2 78 ? -3.606  11.631  10.869  1.00 48.45  ? 78  VAL B CA  1 
ATOM   1254 C C   . VAL B 2 78 ? -4.937  12.348  10.588  1.00 57.06  ? 78  VAL B C   1 
ATOM   1255 O O   . VAL B 2 78 ? -5.369  13.168  11.408  1.00 57.25  ? 78  VAL B O   1 
ATOM   1256 C CB  . VAL B 2 78 ? -2.387  12.545  10.612  1.00 51.68  ? 78  VAL B CB  1 
ATOM   1257 C CG1 . VAL B 2 78 ? -1.096  11.775  10.790  1.00 51.23  ? 78  VAL B CG1 1 
ATOM   1258 C CG2 . VAL B 2 78 ? -2.436  13.220  9.236   1.00 51.72  ? 78  VAL B CG2 1 
ATOM   1259 N N   . ALA B 2 79 ? -5.578  12.015  9.427   1.00 55.56  ? 79  ALA B N   1 
ATOM   1260 C CA  . ALA B 2 79 ? -6.844  12.573  8.966   1.00 55.61  ? 79  ALA B CA  1 
ATOM   1261 C C   . ALA B 2 79 ? -7.998  12.012  9.762   1.00 61.48  ? 79  ALA B C   1 
ATOM   1262 O O   . ALA B 2 79 ? -8.885  12.776  10.125  1.00 61.81  ? 79  ALA B O   1 
ATOM   1263 C CB  . ALA B 2 79 ? -7.037  12.308  7.483   1.00 56.14  ? 79  ALA B CB  1 
ATOM   1264 N N   . GLU B 2 80 ? -7.998  10.702  10.056  1.00 59.69  ? 80  GLU B N   1 
ATOM   1265 C CA  . GLU B 2 80 ? -9.063  10.086  10.859  1.00 61.10  ? 80  GLU B CA  1 
ATOM   1266 C C   . GLU B 2 80 ? -8.906  10.513  12.314  1.00 67.68  ? 80  GLU B C   1 
ATOM   1267 O O   . GLU B 2 80 ? -9.902  10.711  13.015  1.00 67.00  ? 80  GLU B O   1 
ATOM   1268 C CB  . GLU B 2 80 ? -9.002  8.553   10.788  1.00 62.73  ? 80  GLU B CB  1 
ATOM   1269 C CG  . GLU B 2 80 ? -9.379  7.959   9.444   1.00 75.66  ? 80  GLU B CG  1 
ATOM   1270 C CD  . GLU B 2 80 ? -8.650  6.666   9.140   1.00 102.65 ? 80  GLU B CD  1 
ATOM   1271 O OE1 . GLU B 2 80 ? -9.329  5.645   8.878   1.00 100.46 ? 80  GLU B OE1 1 
ATOM   1272 O OE2 . GLU B 2 80 ? -7.397  6.673   9.167   1.00 95.61  ? 80  GLU B OE2 1 
ATOM   1273 N N   . GLU B 2 81 ? -7.638  10.645  12.754  1.00 66.42  ? 81  GLU B N   1 
ATOM   1274 C CA  . GLU B 2 81 ? -7.251  11.032  14.104  1.00 67.25  ? 81  GLU B CA  1 
ATOM   1275 C C   . GLU B 2 81 ? -7.715  12.446  14.439  1.00 72.09  ? 81  GLU B C   1 
ATOM   1276 O O   . GLU B 2 81 ? -8.152  12.673  15.570  1.00 72.29  ? 81  GLU B O   1 
ATOM   1277 C CB  . GLU B 2 81 ? -5.738  10.840  14.320  1.00 69.05  ? 81  GLU B CB  1 
ATOM   1278 C CG  . GLU B 2 81 ? -5.340  9.380   14.542  1.00 83.47  ? 81  GLU B CG  1 
ATOM   1279 C CD  . GLU B 2 81 ? -3.861  9.022   14.622  1.00 110.99 ? 81  GLU B CD  1 
ATOM   1280 O OE1 . GLU B 2 81 ? -3.569  7.847   14.947  1.00 104.12 ? 81  GLU B OE1 1 
ATOM   1281 O OE2 . GLU B 2 81 ? -2.998  9.896   14.365  1.00 105.55 ? 81  GLU B OE2 1 
ATOM   1282 N N   . VAL B 2 82 ? -7.675  13.382  13.458  1.00 68.48  ? 82  VAL B N   1 
ATOM   1283 C CA  . VAL B 2 82 ? -8.168  14.745  13.693  1.00 68.35  ? 82  VAL B CA  1 
ATOM   1284 C C   . VAL B 2 82 ? -9.706  14.751  13.653  1.00 73.31  ? 82  VAL B C   1 
ATOM   1285 O O   . VAL B 2 82 ? -10.318 15.263  14.587  1.00 72.73  ? 82  VAL B O   1 
ATOM   1286 C CB  . VAL B 2 82 ? -7.514  15.880  12.839  1.00 71.97  ? 82  VAL B CB  1 
ATOM   1287 C CG1 . VAL B 2 82 ? -7.670  15.665  11.336  1.00 71.94  ? 82  VAL B CG1 1 
ATOM   1288 C CG2 . VAL B 2 82 ? -8.046  17.251  13.240  1.00 71.61  ? 82  VAL B CG2 1 
ATOM   1289 N N   . LEU B 2 83 ? -10.315 14.139  12.615  1.00 71.81  ? 83  LEU B N   1 
ATOM   1290 C CA  . LEU B 2 83 ? -11.766 14.051  12.421  1.00 73.17  ? 83  LEU B CA  1 
ATOM   1291 C C   . LEU B 2 83 ? -12.454 13.557  13.690  1.00 80.66  ? 83  LEU B C   1 
ATOM   1292 O O   . LEU B 2 83 ? -13.331 14.247  14.216  1.00 80.58  ? 83  LEU B O   1 
ATOM   1293 C CB  . LEU B 2 83 ? -12.088 13.088  11.252  1.00 73.41  ? 83  LEU B CB  1 
ATOM   1294 C CG  . LEU B 2 83 ? -13.398 13.269  10.445  1.00 78.07  ? 83  LEU B CG  1 
ATOM   1295 C CD1 . LEU B 2 83 ? -13.451 12.295  9.301   1.00 77.69  ? 83  LEU B CD1 1 
ATOM   1296 C CD2 . LEU B 2 83 ? -14.647 13.010  11.279  1.00 81.22  ? 83  LEU B CD2 1 
ATOM   1297 N N   . TRP B 2 84 ? -12.028 12.381  14.193  1.00 79.82  ? 84  TRP B N   1 
ATOM   1298 C CA  . TRP B 2 84 ? -12.610 11.716  15.360  1.00 80.96  ? 84  TRP B CA  1 
ATOM   1299 C C   . TRP B 2 84 ? -12.026 12.161  16.740  1.00 86.08  ? 84  TRP B C   1 
ATOM   1300 O O   . TRP B 2 84 ? -11.889 11.332  17.648  1.00 85.84  ? 84  TRP B O   1 
ATOM   1301 C CB  . TRP B 2 84 ? -12.518 10.190  15.179  1.00 80.25  ? 84  TRP B CB  1 
ATOM   1302 C CG  . TRP B 2 84 ? -13.122 9.656   13.903  1.00 81.69  ? 84  TRP B CG  1 
ATOM   1303 C CD1 . TRP B 2 84 ? -14.242 10.111  13.264  1.00 84.74  ? 84  TRP B CD1 1 
ATOM   1304 C CD2 . TRP B 2 84 ? -12.707 8.480   13.192  1.00 81.57  ? 84  TRP B CD2 1 
ATOM   1305 N NE1 . TRP B 2 84 ? -14.526 9.315   12.176  1.00 84.21  ? 84  TRP B NE1 1 
ATOM   1306 C CE2 . TRP B 2 84 ? -13.600 8.305   12.111  1.00 85.60  ? 84  TRP B CE2 1 
ATOM   1307 C CE3 . TRP B 2 84 ? -11.660 7.557   13.363  1.00 82.76  ? 84  TRP B CE3 1 
ATOM   1308 C CZ2 . TRP B 2 84 ? -13.465 7.255   11.195  1.00 84.94  ? 84  TRP B CZ2 1 
ATOM   1309 C CZ3 . TRP B 2 84 ? -11.536 6.514   12.462  1.00 84.22  ? 84  TRP B CZ3 1 
ATOM   1310 C CH2 . TRP B 2 84 ? -12.419 6.381   11.383  1.00 84.91  ? 84  TRP B CH2 1 
ATOM   1311 N N   . SER B 2 85 ? -11.740 13.476  16.912  1.00 83.03  ? 85  SER B N   1 
ATOM   1312 C CA  . SER B 2 85 ? -11.226 14.037  18.168  1.00 102.31 ? 85  SER B CA  1 
ATOM   1313 C C   . SER B 2 85 ? -12.230 15.023  18.781  1.00 136.84 ? 85  SER B C   1 
ATOM   1314 O O   . SER B 2 85 ? -13.424 14.725  18.868  1.00 95.41  ? 85  SER B O   1 
ATOM   1315 C CB  . SER B 2 85 ? -9.857  14.691  17.965  1.00 104.76 ? 85  SER B CB  1 
ATOM   1316 O OG  . SER B 2 85 ? -9.931  15.954  17.322  1.00 111.09 ? 85  SER B OG  1 
HETATM 1317 O O   . HOH C 3 .  ? 9.572   -4.394  -15.186 1.00 29.96  ? 101 HOH A O   1 
HETATM 1318 O O   . HOH C 3 .  ? -1.331  -17.276 0.433   1.00 15.60  ? 102 HOH A O   1 
HETATM 1319 O O   . HOH D 3 .  ? -2.832  12.358  -2.166  1.00 15.15  ? 101 HOH B O   1 
HETATM 1320 O O   . HOH D 3 .  ? -9.519  -2.872  -3.431  1.00 20.03  ? 102 HOH B O   1 
HETATM 1321 O O   . HOH D 3 .  ? -3.674  17.124  -4.835  1.00 22.17  ? 103 HOH B O   1 
HETATM 1322 O O   . HOH D 3 .  ? -3.406  5.988   -11.541 1.00 29.16  ? 104 HOH B O   1 
HETATM 1323 O O   . HOH D 3 .  ? -11.340 6.480   -11.336 1.00 35.36  ? 105 HOH B O   1 
HETATM 1324 O O   . HOH D 3 .  ? 1.452   -4.285  -13.212 1.00 29.79  ? 106 HOH B O   1 
# 
